data_3AP5
# 
_entry.id   3AP5 
# 
_audit_conform.dict_name       mmcif_pdbx.dic 
_audit_conform.dict_version    5.380 
_audit_conform.dict_location   http://mmcif.pdb.org/dictionaries/ascii/mmcif_pdbx.dic 
# 
loop_
_database_2.database_id 
_database_2.database_code 
_database_2.pdbx_database_accession 
_database_2.pdbx_DOI 
PDB   3AP5         pdb_00003ap5 10.2210/pdb3ap5/pdb 
RCSB  RCSB029524   ?            ?                   
WWPDB D_1000029524 ?            ?                   
# 
loop_
_pdbx_database_related.db_name 
_pdbx_database_related.db_id 
_pdbx_database_related.details 
_pdbx_database_related.content_type 
PDB 3AP4 'The same protein complexed with lactose.'             unspecified 
PDB 3AP6 
;The same protein complexed with lactose 3'-sulfate.
;
unspecified 
PDB 3AP7 'The same protein complexed with lactose sialic acid.' unspecified 
# 
_pdbx_database_status.status_code                     REL 
_pdbx_database_status.entry_id                        3AP5 
_pdbx_database_status.recvd_initial_deposition_date   2010-10-11 
_pdbx_database_status.deposit_site                    PDBJ 
_pdbx_database_status.process_site                    PDBJ 
_pdbx_database_status.status_code_sf                  REL 
_pdbx_database_status.status_code_mr                  ? 
_pdbx_database_status.SG_entry                        ? 
_pdbx_database_status.status_code_cs                  ? 
_pdbx_database_status.pdb_format_compatible           Y 
_pdbx_database_status.status_code_nmr_data            ? 
_pdbx_database_status.methods_development_category    ? 
# 
loop_
_audit_author.name 
_audit_author.pdbx_ordinal 
'Matsuzaka, T.' 1 
'Ideo, H.'      2 
'Yamashita, K.' 3 
'Nonaka, T.'    4 
# 
_citation.id                        primary 
_citation.title                     'Galectin-8-N-domain recognition mechanism for sialylated and sulfated glycans' 
_citation.journal_abbrev            J.Biol.Chem. 
_citation.journal_volume            286 
_citation.page_first                11346 
_citation.page_last                 11355 
_citation.year                      2011 
_citation.journal_id_ASTM           JBCHA3 
_citation.country                   US 
_citation.journal_id_ISSN           0021-9258 
_citation.journal_id_CSD            0071 
_citation.book_publisher            ? 
_citation.pdbx_database_id_PubMed   21288902 
_citation.pdbx_database_id_DOI      10.1074/jbc.M110.195925 
# 
loop_
_citation_author.citation_id 
_citation_author.name 
_citation_author.ordinal 
_citation_author.identifier_ORCID 
primary 'Ideo, H.'      1 ? 
primary 'Matsuzaka, T.' 2 ? 
primary 'Nonaka, T.'    3 ? 
primary 'Seko, A.'      4 ? 
primary 'Yamashita, K.' 5 ? 
# 
_cell.entry_id           3AP5 
_cell.length_a           76.055 
_cell.length_b           76.055 
_cell.length_c           66.509 
_cell.angle_alpha        90.00 
_cell.angle_beta         90.00 
_cell.angle_gamma        90.00 
_cell.Z_PDB              8 
_cell.pdbx_unique_axis   ? 
_cell.length_a_esd       ? 
_cell.length_b_esd       ? 
_cell.length_c_esd       ? 
_cell.angle_alpha_esd    ? 
_cell.angle_beta_esd     ? 
_cell.angle_gamma_esd    ? 
# 
_symmetry.entry_id                         3AP5 
_symmetry.space_group_name_H-M             'P 43 21 2' 
_symmetry.pdbx_full_space_group_name_H-M   ? 
_symmetry.cell_setting                     ? 
_symmetry.Int_Tables_number                96 
_symmetry.space_group_name_Hall            ? 
# 
loop_
_entity.id 
_entity.type 
_entity.src_method 
_entity.pdbx_description 
_entity.formula_weight 
_entity.pdbx_number_of_molecules 
_entity.pdbx_ec 
_entity.pdbx_mutation 
_entity.pdbx_fragment 
_entity.details 
1 polymer man Galectin-8 17423.123 1   ? ? 'N-terminal carbohydrate recognition domain' ? 
2 water   nat water      18.015    116 ? ? ?                                            ? 
# 
_entity_name_com.entity_id   1 
_entity_name_com.name        'Gal-8, Po66 carbohydrate-binding protein, Po66-CBP, Prostate carcinoma tumor antigen 1, PCTA-1' 
# 
_entity_poly.entity_id                      1 
_entity_poly.type                           'polypeptide(L)' 
_entity_poly.nstd_linkage                   no 
_entity_poly.nstd_monomer                   no 
_entity_poly.pdbx_seq_one_letter_code       
;MMLSLNNLQNIIYNPVIPFVGTIPDQLDPGTLIVIRGHVPSDADRFQVDLQNGSSVKPRADVAFHFNPRFKRAGCIVCNT
LINEKWGREEITYDTPFKREKSFEIVIMVLKDKFQVAVNGKHTLLYGHRIGPEKIDTLGIYGKVNIHSIGFSFS
;
_entity_poly.pdbx_seq_one_letter_code_can   
;MMLSLNNLQNIIYNPVIPFVGTIPDQLDPGTLIVIRGHVPSDADRFQVDLQNGSSVKPRADVAFHFNPRFKRAGCIVCNT
LINEKWGREEITYDTPFKREKSFEIVIMVLKDKFQVAVNGKHTLLYGHRIGPEKIDTLGIYGKVNIHSIGFSFS
;
_entity_poly.pdbx_strand_id                 A 
_entity_poly.pdbx_target_identifier         ? 
# 
loop_
_entity_poly_seq.entity_id 
_entity_poly_seq.num 
_entity_poly_seq.mon_id 
_entity_poly_seq.hetero 
1 1   MET n 
1 2   MET n 
1 3   LEU n 
1 4   SER n 
1 5   LEU n 
1 6   ASN n 
1 7   ASN n 
1 8   LEU n 
1 9   GLN n 
1 10  ASN n 
1 11  ILE n 
1 12  ILE n 
1 13  TYR n 
1 14  ASN n 
1 15  PRO n 
1 16  VAL n 
1 17  ILE n 
1 18  PRO n 
1 19  PHE n 
1 20  VAL n 
1 21  GLY n 
1 22  THR n 
1 23  ILE n 
1 24  PRO n 
1 25  ASP n 
1 26  GLN n 
1 27  LEU n 
1 28  ASP n 
1 29  PRO n 
1 30  GLY n 
1 31  THR n 
1 32  LEU n 
1 33  ILE n 
1 34  VAL n 
1 35  ILE n 
1 36  ARG n 
1 37  GLY n 
1 38  HIS n 
1 39  VAL n 
1 40  PRO n 
1 41  SER n 
1 42  ASP n 
1 43  ALA n 
1 44  ASP n 
1 45  ARG n 
1 46  PHE n 
1 47  GLN n 
1 48  VAL n 
1 49  ASP n 
1 50  LEU n 
1 51  GLN n 
1 52  ASN n 
1 53  GLY n 
1 54  SER n 
1 55  SER n 
1 56  VAL n 
1 57  LYS n 
1 58  PRO n 
1 59  ARG n 
1 60  ALA n 
1 61  ASP n 
1 62  VAL n 
1 63  ALA n 
1 64  PHE n 
1 65  HIS n 
1 66  PHE n 
1 67  ASN n 
1 68  PRO n 
1 69  ARG n 
1 70  PHE n 
1 71  LYS n 
1 72  ARG n 
1 73  ALA n 
1 74  GLY n 
1 75  CYS n 
1 76  ILE n 
1 77  VAL n 
1 78  CYS n 
1 79  ASN n 
1 80  THR n 
1 81  LEU n 
1 82  ILE n 
1 83  ASN n 
1 84  GLU n 
1 85  LYS n 
1 86  TRP n 
1 87  GLY n 
1 88  ARG n 
1 89  GLU n 
1 90  GLU n 
1 91  ILE n 
1 92  THR n 
1 93  TYR n 
1 94  ASP n 
1 95  THR n 
1 96  PRO n 
1 97  PHE n 
1 98  LYS n 
1 99  ARG n 
1 100 GLU n 
1 101 LYS n 
1 102 SER n 
1 103 PHE n 
1 104 GLU n 
1 105 ILE n 
1 106 VAL n 
1 107 ILE n 
1 108 MET n 
1 109 VAL n 
1 110 LEU n 
1 111 LYS n 
1 112 ASP n 
1 113 LYS n 
1 114 PHE n 
1 115 GLN n 
1 116 VAL n 
1 117 ALA n 
1 118 VAL n 
1 119 ASN n 
1 120 GLY n 
1 121 LYS n 
1 122 HIS n 
1 123 THR n 
1 124 LEU n 
1 125 LEU n 
1 126 TYR n 
1 127 GLY n 
1 128 HIS n 
1 129 ARG n 
1 130 ILE n 
1 131 GLY n 
1 132 PRO n 
1 133 GLU n 
1 134 LYS n 
1 135 ILE n 
1 136 ASP n 
1 137 THR n 
1 138 LEU n 
1 139 GLY n 
1 140 ILE n 
1 141 TYR n 
1 142 GLY n 
1 143 LYS n 
1 144 VAL n 
1 145 ASN n 
1 146 ILE n 
1 147 HIS n 
1 148 SER n 
1 149 ILE n 
1 150 GLY n 
1 151 PHE n 
1 152 SER n 
1 153 PHE n 
1 154 SER n 
# 
_entity_src_gen.entity_id                          1 
_entity_src_gen.pdbx_src_id                        1 
_entity_src_gen.pdbx_alt_source_flag               sample 
_entity_src_gen.pdbx_seq_type                      ? 
_entity_src_gen.pdbx_beg_seq_num                   ? 
_entity_src_gen.pdbx_end_seq_num                   ? 
_entity_src_gen.gene_src_common_name               human 
_entity_src_gen.gene_src_genus                     ? 
_entity_src_gen.pdbx_gene_src_gene                 LGALS8 
_entity_src_gen.gene_src_species                   ? 
_entity_src_gen.gene_src_strain                    ? 
_entity_src_gen.gene_src_tissue                    ? 
_entity_src_gen.gene_src_tissue_fraction           ? 
_entity_src_gen.gene_src_details                   ? 
_entity_src_gen.pdbx_gene_src_fragment             ? 
_entity_src_gen.pdbx_gene_src_scientific_name      'Homo sapiens' 
_entity_src_gen.pdbx_gene_src_ncbi_taxonomy_id     9606 
_entity_src_gen.pdbx_gene_src_variant              ? 
_entity_src_gen.pdbx_gene_src_cell_line            ? 
_entity_src_gen.pdbx_gene_src_atcc                 ? 
_entity_src_gen.pdbx_gene_src_organ                ? 
_entity_src_gen.pdbx_gene_src_organelle            ? 
_entity_src_gen.pdbx_gene_src_cell                 ? 
_entity_src_gen.pdbx_gene_src_cellular_location    ? 
_entity_src_gen.host_org_common_name               ? 
_entity_src_gen.pdbx_host_org_scientific_name      'Escherichia coli' 
_entity_src_gen.pdbx_host_org_ncbi_taxonomy_id     562 
_entity_src_gen.host_org_genus                     ? 
_entity_src_gen.pdbx_host_org_gene                 ? 
_entity_src_gen.pdbx_host_org_organ                ? 
_entity_src_gen.host_org_species                   ? 
_entity_src_gen.pdbx_host_org_tissue               ? 
_entity_src_gen.pdbx_host_org_tissue_fraction      ? 
_entity_src_gen.pdbx_host_org_strain               ? 
_entity_src_gen.pdbx_host_org_variant              ? 
_entity_src_gen.pdbx_host_org_cell_line            ? 
_entity_src_gen.pdbx_host_org_atcc                 ? 
_entity_src_gen.pdbx_host_org_culture_collection   ? 
_entity_src_gen.pdbx_host_org_cell                 ? 
_entity_src_gen.pdbx_host_org_organelle            ? 
_entity_src_gen.pdbx_host_org_cellular_location    ? 
_entity_src_gen.pdbx_host_org_vector_type          plasmid 
_entity_src_gen.pdbx_host_org_vector               ? 
_entity_src_gen.host_org_details                   ? 
_entity_src_gen.expression_system_id               ? 
_entity_src_gen.plasmid_name                       pGEX-6P-2 
_entity_src_gen.plasmid_details                    ? 
_entity_src_gen.pdbx_description                   ? 
# 
_struct_ref.id                         1 
_struct_ref.db_name                    UNP 
_struct_ref.db_code                    LEG8_HUMAN 
_struct_ref.pdbx_db_accession          O00214 
_struct_ref.entity_id                  1 
_struct_ref.pdbx_seq_one_letter_code   
;MMLSLNNLQNIIYNPVIPFVGTIPDQLDPGTLIVIRGHVPSDADRFQVDLQNGSSMKPRADVAFHFNPRFKRAGCIVCNT
LINEKWGREEITYDTPFKREKSFEIVIMVLKDKFQVAVNGKHTLLYGHRIGPEKIDTLGIYGKVNIHSIGFSFS
;
_struct_ref.pdbx_align_begin           1 
_struct_ref.pdbx_db_isoform            ? 
# 
_struct_ref_seq.align_id                      1 
_struct_ref_seq.ref_id                        1 
_struct_ref_seq.pdbx_PDB_id_code              3AP5 
_struct_ref_seq.pdbx_strand_id                A 
_struct_ref_seq.seq_align_beg                 1 
_struct_ref_seq.pdbx_seq_align_beg_ins_code   ? 
_struct_ref_seq.seq_align_end                 154 
_struct_ref_seq.pdbx_seq_align_end_ins_code   ? 
_struct_ref_seq.pdbx_db_accession             O00214 
_struct_ref_seq.db_align_beg                  1 
_struct_ref_seq.pdbx_db_align_beg_ins_code    ? 
_struct_ref_seq.db_align_end                  154 
_struct_ref_seq.pdbx_db_align_end_ins_code    ? 
_struct_ref_seq.pdbx_auth_seq_align_beg       1 
_struct_ref_seq.pdbx_auth_seq_align_end       154 
# 
_struct_ref_seq_dif.align_id                     1 
_struct_ref_seq_dif.pdbx_pdb_id_code             3AP5 
_struct_ref_seq_dif.mon_id                       VAL 
_struct_ref_seq_dif.pdbx_pdb_strand_id           A 
_struct_ref_seq_dif.seq_num                      56 
_struct_ref_seq_dif.pdbx_pdb_ins_code            ? 
_struct_ref_seq_dif.pdbx_seq_db_name             UNP 
_struct_ref_seq_dif.pdbx_seq_db_accession_code   O00214 
_struct_ref_seq_dif.db_mon_id                    MET 
_struct_ref_seq_dif.pdbx_seq_db_seq_num          56 
_struct_ref_seq_dif.details                      'SEE REMARK 999' 
_struct_ref_seq_dif.pdbx_auth_seq_num            56 
_struct_ref_seq_dif.pdbx_ordinal                 1 
# 
loop_
_chem_comp.id 
_chem_comp.type 
_chem_comp.mon_nstd_flag 
_chem_comp.name 
_chem_comp.pdbx_synonyms 
_chem_comp.formula 
_chem_comp.formula_weight 
ALA 'L-peptide linking' y ALANINE         ? 'C3 H7 N O2'     89.093  
ARG 'L-peptide linking' y ARGININE        ? 'C6 H15 N4 O2 1' 175.209 
ASN 'L-peptide linking' y ASPARAGINE      ? 'C4 H8 N2 O3'    132.118 
ASP 'L-peptide linking' y 'ASPARTIC ACID' ? 'C4 H7 N O4'     133.103 
CYS 'L-peptide linking' y CYSTEINE        ? 'C3 H7 N O2 S'   121.158 
GLN 'L-peptide linking' y GLUTAMINE       ? 'C5 H10 N2 O3'   146.144 
GLU 'L-peptide linking' y 'GLUTAMIC ACID' ? 'C5 H9 N O4'     147.129 
GLY 'peptide linking'   y GLYCINE         ? 'C2 H5 N O2'     75.067  
HIS 'L-peptide linking' y HISTIDINE       ? 'C6 H10 N3 O2 1' 156.162 
HOH non-polymer         . WATER           ? 'H2 O'           18.015  
ILE 'L-peptide linking' y ISOLEUCINE      ? 'C6 H13 N O2'    131.173 
LEU 'L-peptide linking' y LEUCINE         ? 'C6 H13 N O2'    131.173 
LYS 'L-peptide linking' y LYSINE          ? 'C6 H15 N2 O2 1' 147.195 
MET 'L-peptide linking' y METHIONINE      ? 'C5 H11 N O2 S'  149.211 
PHE 'L-peptide linking' y PHENYLALANINE   ? 'C9 H11 N O2'    165.189 
PRO 'L-peptide linking' y PROLINE         ? 'C5 H9 N O2'     115.130 
SER 'L-peptide linking' y SERINE          ? 'C3 H7 N O3'     105.093 
THR 'L-peptide linking' y THREONINE       ? 'C4 H9 N O3'     119.119 
TRP 'L-peptide linking' y TRYPTOPHAN      ? 'C11 H12 N2 O2'  204.225 
TYR 'L-peptide linking' y TYROSINE        ? 'C9 H11 N O3'    181.189 
VAL 'L-peptide linking' y VALINE          ? 'C5 H11 N O2'    117.146 
# 
_exptl.entry_id          3AP5 
_exptl.method            'X-RAY DIFFRACTION' 
_exptl.crystals_number   1 
# 
_exptl_crystal.id                    1 
_exptl_crystal.density_meas          ? 
_exptl_crystal.density_Matthews      2.76 
_exptl_crystal.density_percent_sol   55.44 
_exptl_crystal.description           ? 
_exptl_crystal.F_000                 ? 
_exptl_crystal.preparation           ? 
# 
_exptl_crystal_grow.crystal_id      1 
_exptl_crystal_grow.method          'VAPOR DIFFUSION, HANGING DROP' 
_exptl_crystal_grow.temp            293.15 
_exptl_crystal_grow.temp_details    ? 
_exptl_crystal_grow.pH              7.0 
_exptl_crystal_grow.pdbx_details    
;0.275mM protein, 10mM Hepes-NaOH, 50mM sodium chloride, 0.5mM DTT, 125mM ammonium fluoride, 8% PEG 3350 , pH 7.0, VAPOR DIFFUSION, HANGING DROP, temperature 293.15K
;
_exptl_crystal_grow.pdbx_pH_range   . 
# 
_diffrn.id                     1 
_diffrn.ambient_temp           95 
_diffrn.ambient_temp_details   ? 
_diffrn.crystal_id             1 
# 
_diffrn_detector.diffrn_id              1 
_diffrn_detector.detector               CCD 
_diffrn_detector.type                   'ADSC QUANTUM 210' 
_diffrn_detector.pdbx_collection_date   2005-10-26 
_diffrn_detector.details                ? 
# 
_diffrn_radiation.diffrn_id                        1 
_diffrn_radiation.wavelength_id                    1 
_diffrn_radiation.pdbx_monochromatic_or_laue_m_l   M 
_diffrn_radiation.monochromator                    'double-crystal monochromator' 
_diffrn_radiation.pdbx_diffrn_protocol             'SINGLE WAVELENGTH' 
_diffrn_radiation.pdbx_scattering_type             x-ray 
# 
_diffrn_radiation_wavelength.id           1 
_diffrn_radiation_wavelength.wavelength   1.28000 
_diffrn_radiation_wavelength.wt           1.0 
# 
_diffrn_source.diffrn_id                   1 
_diffrn_source.source                      SYNCHROTRON 
_diffrn_source.type                        'PHOTON FACTORY BEAMLINE AR-NW12A' 
_diffrn_source.pdbx_synchrotron_site       'Photon Factory' 
_diffrn_source.pdbx_synchrotron_beamline   AR-NW12A 
_diffrn_source.pdbx_wavelength             ? 
_diffrn_source.pdbx_wavelength_list        1.28000 
# 
_reflns.entry_id                     3AP5 
_reflns.observed_criterion_sigma_I   0 
_reflns.observed_criterion_sigma_F   0 
_reflns.d_resolution_low             34.021 
_reflns.d_resolution_high            1.920 
_reflns.number_obs                   15467 
_reflns.number_all                   15467 
_reflns.percent_possible_obs         99.9 
_reflns.pdbx_Rmerge_I_obs            0.064 
_reflns.pdbx_Rsym_value              0.064 
_reflns.pdbx_netI_over_sigmaI        ? 
_reflns.B_iso_Wilson_estimate        25.591 
_reflns.pdbx_redundancy              13.5 
_reflns.R_free_details               ? 
_reflns.limit_h_max                  ? 
_reflns.limit_h_min                  ? 
_reflns.limit_k_max                  ? 
_reflns.limit_k_min                  ? 
_reflns.limit_l_max                  ? 
_reflns.limit_l_min                  ? 
_reflns.observed_criterion_F_max     ? 
_reflns.observed_criterion_F_min     ? 
_reflns.pdbx_chi_squared             ? 
_reflns.pdbx_scaling_rejects         ? 
_reflns.pdbx_ordinal                 1 
_reflns.pdbx_diffrn_id               1 
# 
_reflns_shell.d_res_high                  1.92 
_reflns_shell.d_res_low                   1.97 
_reflns_shell.percent_possible_all        100 
_reflns_shell.Rmerge_I_obs                0.239 
_reflns_shell.pdbx_Rsym_value             0.239 
_reflns_shell.meanI_over_sigI_obs         7.5 
_reflns_shell.pdbx_redundancy             9.4 
_reflns_shell.percent_possible_obs        ? 
_reflns_shell.number_unique_all           1112 
_reflns_shell.number_measured_all         ? 
_reflns_shell.number_measured_obs         ? 
_reflns_shell.number_unique_obs           ? 
_reflns_shell.pdbx_chi_squared            ? 
_reflns_shell.pdbx_rejects                ? 
_reflns_shell.pdbx_netI_over_sigmaI_obs   ? 
_reflns_shell.number_possible             ? 
_reflns_shell.Rmerge_F_all                ? 
_reflns_shell.Rmerge_F_obs                ? 
_reflns_shell.Rmerge_I_all                ? 
_reflns_shell.meanI_over_sigI_all         ? 
_reflns_shell.pdbx_Rrim_I_all             ? 
_reflns_shell.pdbx_Rpim_I_all             ? 
_reflns_shell.pdbx_ordinal                1 
_reflns_shell.pdbx_diffrn_id              1 
# 
_refine.entry_id                                 3AP5 
_refine.ls_number_reflns_obs                     14649 
_refine.ls_number_reflns_all                     14649 
_refine.pdbx_ls_sigma_I                          ? 
_refine.pdbx_ls_sigma_F                          ? 
_refine.pdbx_data_cutoff_high_absF               ? 
_refine.pdbx_data_cutoff_low_absF                ? 
_refine.pdbx_data_cutoff_high_rms_absF           ? 
_refine.ls_d_res_low                             34.01 
_refine.ls_d_res_high                            1.92 
_refine.ls_percent_reflns_obs                    99.92 
_refine.ls_R_factor_obs                          0.20569 
_refine.ls_R_factor_all                          ? 
_refine.ls_R_factor_R_work                       0.20408 
_refine.ls_R_factor_R_free                       0.23651 
_refine.ls_R_factor_R_free_error                 ? 
_refine.ls_R_factor_R_free_error_details         ? 
_refine.ls_percent_reflns_R_free                 5.0 
_refine.ls_number_reflns_R_free                  775 
_refine.ls_number_parameters                     ? 
_refine.ls_number_restraints                     ? 
_refine.occupancy_min                            ? 
_refine.occupancy_max                            ? 
_refine.correlation_coeff_Fo_to_Fc               0.948 
_refine.correlation_coeff_Fo_to_Fc_free          0.919 
_refine.B_iso_mean                               25.066 
_refine.aniso_B[1][1]                            -0.38 
_refine.aniso_B[2][2]                            -0.38 
_refine.aniso_B[3][3]                            0.76 
_refine.aniso_B[1][2]                            0.00 
_refine.aniso_B[1][3]                            0.00 
_refine.aniso_B[2][3]                            0.00 
_refine.solvent_model_details                    'BABINET MODEL WITH MASK' 
_refine.solvent_model_param_ksol                 ? 
_refine.solvent_model_param_bsol                 ? 
_refine.pdbx_solvent_vdw_probe_radii             1.40 
_refine.pdbx_solvent_ion_probe_radii             0.80 
_refine.pdbx_solvent_shrinkage_radii             0.80 
_refine.pdbx_ls_cross_valid_method               THROUGHOUT 
_refine.details                                  'HYDROGENS HAVE BEEN ADDED IN THE RIDING POSITIONS' 
_refine.pdbx_starting_model                      3APB 
_refine.pdbx_method_to_determine_struct          'MOLECULAR REPLACEMENT' 
_refine.pdbx_isotropic_thermal_model             ISOTROPIC 
_refine.pdbx_stereochemistry_target_values       'Engh & Huber' 
_refine.pdbx_stereochem_target_val_spec_case     ? 
_refine.pdbx_R_Free_selection_details            RANDOM 
_refine.pdbx_overall_ESU_R                       0.155 
_refine.pdbx_overall_ESU_R_Free                  0.142 
_refine.overall_SU_ML                            0.103 
_refine.pdbx_overall_phase_error                 ? 
_refine.overall_SU_B                             3.499 
_refine.ls_redundancy_reflns_obs                 ? 
_refine.B_iso_min                                ? 
_refine.B_iso_max                                ? 
_refine.overall_SU_R_free                        ? 
_refine.ls_wR_factor_R_free                      ? 
_refine.ls_wR_factor_R_work                      ? 
_refine.overall_FOM_free_R_set                   ? 
_refine.overall_FOM_work_R_set                   ? 
_refine.pdbx_refine_id                           'X-RAY DIFFRACTION' 
_refine.overall_SU_R_Cruickshank_DPI             ? 
_refine.pdbx_diffrn_id                           1 
_refine.pdbx_TLS_residual_ADP_flag               ? 
_refine.pdbx_overall_SU_R_free_Cruickshank_DPI   ? 
_refine.pdbx_overall_SU_R_Blow_DPI               ? 
_refine.pdbx_overall_SU_R_free_Blow_DPI          ? 
# 
_refine_hist.pdbx_refine_id                   'X-RAY DIFFRACTION' 
_refine_hist.cycle_id                         LAST 
_refine_hist.pdbx_number_atoms_protein        1211 
_refine_hist.pdbx_number_atoms_nucleic_acid   0 
_refine_hist.pdbx_number_atoms_ligand         0 
_refine_hist.number_atoms_solvent             116 
_refine_hist.number_atoms_total               1327 
_refine_hist.d_res_high                       1.92 
_refine_hist.d_res_low                        34.01 
# 
loop_
_refine_ls_restr.type 
_refine_ls_restr.dev_ideal 
_refine_ls_restr.dev_ideal_target 
_refine_ls_restr.weight 
_refine_ls_restr.number 
_refine_ls_restr.pdbx_refine_id 
_refine_ls_restr.pdbx_restraint_function 
r_bond_refined_d             0.008  0.022  ? 1247 'X-RAY DIFFRACTION' ? 
r_bond_other_d               0.001  0.020  ? 868  'X-RAY DIFFRACTION' ? 
r_angle_refined_deg          1.155  1.951  ? 1689 'X-RAY DIFFRACTION' ? 
r_angle_other_deg            0.747  3.000  ? 2112 'X-RAY DIFFRACTION' ? 
r_dihedral_angle_1_deg       6.075  5.000  ? 151  'X-RAY DIFFRACTION' ? 
r_dihedral_angle_2_deg       32.303 23.559 ? 59   'X-RAY DIFFRACTION' ? 
r_dihedral_angle_3_deg       12.696 15.000 ? 215  'X-RAY DIFFRACTION' ? 
r_dihedral_angle_4_deg       14.400 15.000 ? 9    'X-RAY DIFFRACTION' ? 
r_chiral_restr               0.072  0.200  ? 188  'X-RAY DIFFRACTION' ? 
r_gen_planes_refined         0.004  0.021  ? 1373 'X-RAY DIFFRACTION' ? 
r_gen_planes_other           0.001  0.020  ? 259  'X-RAY DIFFRACTION' ? 
r_nbd_refined                ?      ?      ? ?    'X-RAY DIFFRACTION' ? 
r_nbd_other                  ?      ?      ? ?    'X-RAY DIFFRACTION' ? 
r_nbtor_refined              ?      ?      ? ?    'X-RAY DIFFRACTION' ? 
r_nbtor_other                ?      ?      ? ?    'X-RAY DIFFRACTION' ? 
r_xyhbond_nbd_refined        ?      ?      ? ?    'X-RAY DIFFRACTION' ? 
r_xyhbond_nbd_other          ?      ?      ? ?    'X-RAY DIFFRACTION' ? 
r_metal_ion_refined          ?      ?      ? ?    'X-RAY DIFFRACTION' ? 
r_metal_ion_other            ?      ?      ? ?    'X-RAY DIFFRACTION' ? 
r_symmetry_vdw_refined       ?      ?      ? ?    'X-RAY DIFFRACTION' ? 
r_symmetry_vdw_other         ?      ?      ? ?    'X-RAY DIFFRACTION' ? 
r_symmetry_hbond_refined     ?      ?      ? ?    'X-RAY DIFFRACTION' ? 
r_symmetry_hbond_other       ?      ?      ? ?    'X-RAY DIFFRACTION' ? 
r_symmetry_metal_ion_refined ?      ?      ? ?    'X-RAY DIFFRACTION' ? 
r_symmetry_metal_ion_other   ?      ?      ? ?    'X-RAY DIFFRACTION' ? 
r_mcbond_it                  0.478  1.500  ? 757  'X-RAY DIFFRACTION' ? 
r_mcbond_other               0.084  1.500  ? 306  'X-RAY DIFFRACTION' ? 
r_mcangle_it                 0.917  2.000  ? 1238 'X-RAY DIFFRACTION' ? 
r_scbond_it                  1.342  3.000  ? 490  'X-RAY DIFFRACTION' ? 
r_scangle_it                 2.271  4.500  ? 451  'X-RAY DIFFRACTION' ? 
r_rigid_bond_restr           ?      ?      ? ?    'X-RAY DIFFRACTION' ? 
r_sphericity_free            ?      ?      ? ?    'X-RAY DIFFRACTION' ? 
r_sphericity_bonded          ?      ?      ? ?    'X-RAY DIFFRACTION' ? 
# 
_refine_ls_shell.pdbx_refine_id                   'X-RAY DIFFRACTION' 
_refine_ls_shell.pdbx_total_number_of_bins_used   20 
_refine_ls_shell.d_res_high                       1.920 
_refine_ls_shell.d_res_low                        1.970 
_refine_ls_shell.number_reflns_R_work             1051 
_refine_ls_shell.R_factor_R_work                  0.241 
_refine_ls_shell.percent_reflns_obs               99.91 
_refine_ls_shell.R_factor_R_free                  0.266 
_refine_ls_shell.R_factor_R_free_error            ? 
_refine_ls_shell.percent_reflns_R_free            ? 
_refine_ls_shell.number_reflns_R_free             53 
_refine_ls_shell.number_reflns_all                ? 
_refine_ls_shell.R_factor_all                     ? 
_refine_ls_shell.number_reflns_obs                ? 
_refine_ls_shell.redundancy_reflns_obs            ? 
# 
_struct.entry_id                  3AP5 
_struct.title                     'Crystal structure of the galectin-8 N-terminal carbohydrate recognition domain' 
_struct.pdbx_model_details        ? 
_struct.pdbx_CASP_flag            ? 
_struct.pdbx_model_type_details   ? 
# 
_struct_keywords.entry_id        3AP5 
_struct_keywords.pdbx_keywords   'SUGAR BINDING PROTEIN' 
_struct_keywords.text            'Beta-Sandwich, Galectin, Carbohydrate/Sugar Binding, Sugar Binding Protein' 
# 
loop_
_struct_asym.id 
_struct_asym.pdbx_blank_PDB_chainid_flag 
_struct_asym.pdbx_modified 
_struct_asym.entity_id 
_struct_asym.details 
A N N 1 ? 
B N N 2 ? 
# 
_struct_biol.id        1 
_struct_biol.details   ? 
# 
_struct_conf.conf_type_id            HELX_P 
_struct_conf.id                      HELX_P1 
_struct_conf.pdbx_PDB_helix_id       1 
_struct_conf.beg_label_comp_id       GLY 
_struct_conf.beg_label_asym_id       A 
_struct_conf.beg_label_seq_id        131 
_struct_conf.pdbx_beg_PDB_ins_code   ? 
_struct_conf.end_label_comp_id       ILE 
_struct_conf.end_label_asym_id       A 
_struct_conf.end_label_seq_id        135 
_struct_conf.pdbx_end_PDB_ins_code   ? 
_struct_conf.beg_auth_comp_id        GLY 
_struct_conf.beg_auth_asym_id        A 
_struct_conf.beg_auth_seq_id         131 
_struct_conf.end_auth_comp_id        ILE 
_struct_conf.end_auth_asym_id        A 
_struct_conf.end_auth_seq_id         135 
_struct_conf.pdbx_PDB_helix_class    5 
_struct_conf.details                 ? 
_struct_conf.pdbx_PDB_helix_length   5 
# 
_struct_conf_type.id          HELX_P 
_struct_conf_type.criteria    ? 
_struct_conf_type.reference   ? 
# 
loop_
_struct_mon_prot_cis.pdbx_id 
_struct_mon_prot_cis.label_comp_id 
_struct_mon_prot_cis.label_seq_id 
_struct_mon_prot_cis.label_asym_id 
_struct_mon_prot_cis.label_alt_id 
_struct_mon_prot_cis.pdbx_PDB_ins_code 
_struct_mon_prot_cis.auth_comp_id 
_struct_mon_prot_cis.auth_seq_id 
_struct_mon_prot_cis.auth_asym_id 
_struct_mon_prot_cis.pdbx_label_comp_id_2 
_struct_mon_prot_cis.pdbx_label_seq_id_2 
_struct_mon_prot_cis.pdbx_label_asym_id_2 
_struct_mon_prot_cis.pdbx_PDB_ins_code_2 
_struct_mon_prot_cis.pdbx_auth_comp_id_2 
_struct_mon_prot_cis.pdbx_auth_seq_id_2 
_struct_mon_prot_cis.pdbx_auth_asym_id_2 
_struct_mon_prot_cis.pdbx_PDB_model_num 
_struct_mon_prot_cis.pdbx_omega_angle 
1 ILE 17 A . ? ILE 17 A PRO 18 A ? PRO 18 A 1 7.01  
2 LYS 57 A . ? LYS 57 A PRO 58 A ? PRO 58 A 1 -2.09 
# 
loop_
_struct_sheet.id 
_struct_sheet.type 
_struct_sheet.number_strands 
_struct_sheet.details 
A ? 6 ? 
B ? 6 ? 
C ? 6 ? 
# 
loop_
_struct_sheet_order.sheet_id 
_struct_sheet_order.range_id_1 
_struct_sheet_order.range_id_2 
_struct_sheet_order.offset 
_struct_sheet_order.sense 
A 1 2 ? anti-parallel 
A 2 3 ? anti-parallel 
A 3 4 ? anti-parallel 
A 4 5 ? anti-parallel 
A 5 6 ? anti-parallel 
B 1 2 ? anti-parallel 
B 2 3 ? anti-parallel 
B 3 4 ? anti-parallel 
B 4 5 ? anti-parallel 
B 5 6 ? anti-parallel 
C 1 2 ? anti-parallel 
C 2 3 ? anti-parallel 
C 3 4 ? anti-parallel 
C 4 5 ? anti-parallel 
C 5 6 ? anti-parallel 
# 
loop_
_struct_sheet_range.sheet_id 
_struct_sheet_range.id 
_struct_sheet_range.beg_label_comp_id 
_struct_sheet_range.beg_label_asym_id 
_struct_sheet_range.beg_label_seq_id 
_struct_sheet_range.pdbx_beg_PDB_ins_code 
_struct_sheet_range.end_label_comp_id 
_struct_sheet_range.end_label_asym_id 
_struct_sheet_range.end_label_seq_id 
_struct_sheet_range.pdbx_end_PDB_ins_code 
_struct_sheet_range.beg_auth_comp_id 
_struct_sheet_range.beg_auth_asym_id 
_struct_sheet_range.beg_auth_seq_id 
_struct_sheet_range.end_auth_comp_id 
_struct_sheet_range.end_auth_asym_id 
_struct_sheet_range.end_auth_seq_id 
A 1 LEU A 8   ? TYR A 13  ? LEU A 8   TYR A 13  
A 2 ASN A 145 ? SER A 152 ? ASN A 145 SER A 152 
A 3 LEU A 32  ? HIS A 38  ? LEU A 32  HIS A 38  
A 4 SER A 102 ? VAL A 109 ? SER A 102 VAL A 109 
A 5 LYS A 113 ? VAL A 118 ? LYS A 113 VAL A 118 
A 6 LYS A 121 ? GLY A 127 ? LYS A 121 GLY A 127 
B 1 PHE A 19  ? THR A 22  ? PHE A 19  THR A 22  
B 2 THR A 137 ? GLY A 142 ? THR A 137 GLY A 142 
B 3 PHE A 46  ? ASN A 52  ? PHE A 46  ASN A 52  
B 4 ASP A 61  ? ARG A 69  ? ASP A 61  ARG A 69  
B 5 CYS A 75  ? ILE A 82  ? CYS A 75  ILE A 82  
B 6 LYS A 85  ? TRP A 86  ? LYS A 85  TRP A 86  
C 1 PHE A 19  ? THR A 22  ? PHE A 19  THR A 22  
C 2 THR A 137 ? GLY A 142 ? THR A 137 GLY A 142 
C 3 PHE A 46  ? ASN A 52  ? PHE A 46  ASN A 52  
C 4 ASP A 61  ? ARG A 69  ? ASP A 61  ARG A 69  
C 5 CYS A 75  ? ILE A 82  ? CYS A 75  ILE A 82  
C 6 GLU A 90  ? THR A 92  ? GLU A 90  THR A 92  
# 
loop_
_pdbx_struct_sheet_hbond.sheet_id 
_pdbx_struct_sheet_hbond.range_id_1 
_pdbx_struct_sheet_hbond.range_id_2 
_pdbx_struct_sheet_hbond.range_1_label_atom_id 
_pdbx_struct_sheet_hbond.range_1_label_comp_id 
_pdbx_struct_sheet_hbond.range_1_label_asym_id 
_pdbx_struct_sheet_hbond.range_1_label_seq_id 
_pdbx_struct_sheet_hbond.range_1_PDB_ins_code 
_pdbx_struct_sheet_hbond.range_1_auth_atom_id 
_pdbx_struct_sheet_hbond.range_1_auth_comp_id 
_pdbx_struct_sheet_hbond.range_1_auth_asym_id 
_pdbx_struct_sheet_hbond.range_1_auth_seq_id 
_pdbx_struct_sheet_hbond.range_2_label_atom_id 
_pdbx_struct_sheet_hbond.range_2_label_comp_id 
_pdbx_struct_sheet_hbond.range_2_label_asym_id 
_pdbx_struct_sheet_hbond.range_2_label_seq_id 
_pdbx_struct_sheet_hbond.range_2_PDB_ins_code 
_pdbx_struct_sheet_hbond.range_2_auth_atom_id 
_pdbx_struct_sheet_hbond.range_2_auth_comp_id 
_pdbx_struct_sheet_hbond.range_2_auth_asym_id 
_pdbx_struct_sheet_hbond.range_2_auth_seq_id 
A 1 2 N GLN A 9   ? N GLN A 9   O PHE A 151 ? O PHE A 151 
A 2 3 O GLY A 150 ? O GLY A 150 N VAL A 34  ? N VAL A 34  
A 3 4 N ILE A 35  ? N ILE A 35  O ILE A 105 ? O ILE A 105 
A 4 5 N MET A 108 ? N MET A 108 O GLN A 115 ? O GLN A 115 
A 5 6 N PHE A 114 ? N PHE A 114 O TYR A 126 ? O TYR A 126 
B 1 2 N GLY A 21  ? N GLY A 21  O LEU A 138 ? O LEU A 138 
B 2 3 O THR A 137 ? O THR A 137 N GLN A 51  ? N GLN A 51  
B 3 4 N LEU A 50  ? N LEU A 50  O PHE A 64  ? O PHE A 64  
B 4 5 N ARG A 69  ? N ARG A 69  O CYS A 75  ? O CYS A 75  
B 5 6 N ILE A 82  ? N ILE A 82  O LYS A 85  ? O LYS A 85  
C 1 2 N GLY A 21  ? N GLY A 21  O LEU A 138 ? O LEU A 138 
C 2 3 O THR A 137 ? O THR A 137 N GLN A 51  ? N GLN A 51  
C 3 4 N LEU A 50  ? N LEU A 50  O PHE A 64  ? O PHE A 64  
C 4 5 N ARG A 69  ? N ARG A 69  O CYS A 75  ? O CYS A 75  
C 5 6 N CYS A 78  ? N CYS A 78  O GLU A 90  ? O GLU A 90  
# 
_atom_sites.entry_id                    3AP5 
_atom_sites.fract_transf_matrix[1][1]   -0.01241126 
_atom_sites.fract_transf_matrix[1][2]   -0.00169719 
_atom_sites.fract_transf_matrix[1][3]   -0.00399375 
_atom_sites.fract_transf_matrix[2][1]   -0.00417745 
_atom_sites.fract_transf_matrix[2][2]   0.00139795 
_atom_sites.fract_transf_matrix[2][3]   0.01238808 
_atom_sites.fract_transf_matrix[3][1]   -0.00134312 
_atom_sites.fract_transf_matrix[3][2]   0.01482425 
_atom_sites.fract_transf_matrix[3][3]   -0.00212578 
_atom_sites.fract_transf_vector[1]      0.206207 
_atom_sites.fract_transf_vector[2]      0.061115 
_atom_sites.fract_transf_vector[3]      0.303362 
# 
loop_
_atom_type.symbol 
C 
N 
O 
S 
# 
loop_
_atom_site.group_PDB 
_atom_site.id 
_atom_site.type_symbol 
_atom_site.label_atom_id 
_atom_site.label_alt_id 
_atom_site.label_comp_id 
_atom_site.label_asym_id 
_atom_site.label_entity_id 
_atom_site.label_seq_id 
_atom_site.pdbx_PDB_ins_code 
_atom_site.Cartn_x 
_atom_site.Cartn_y 
_atom_site.Cartn_z 
_atom_site.occupancy 
_atom_site.B_iso_or_equiv 
_atom_site.pdbx_formal_charge 
_atom_site.auth_seq_id 
_atom_site.auth_comp_id 
_atom_site.auth_asym_id 
_atom_site.auth_atom_id 
_atom_site.pdbx_PDB_model_num 
ATOM   1    N N   . LEU A 1 3   ? -14.569 12.161  0.946   1.00 46.69 ? 3   LEU A N   1 
ATOM   2    C CA  . LEU A 1 3   ? -14.264 11.113  1.969   1.00 46.74 ? 3   LEU A CA  1 
ATOM   3    C C   . LEU A 1 3   ? -13.128 11.572  2.906   1.00 46.04 ? 3   LEU A C   1 
ATOM   4    O O   . LEU A 1 3   ? -12.059 11.984  2.449   1.00 46.39 ? 3   LEU A O   1 
ATOM   5    C CB  . LEU A 1 3   ? -13.932 9.785   1.280   1.00 46.97 ? 3   LEU A CB  1 
ATOM   6    C CG  . LEU A 1 3   ? -15.043 9.157   0.411   1.00 47.71 ? 3   LEU A CG  1 
ATOM   7    C CD1 . LEU A 1 3   ? -16.237 8.710   1.251   1.00 47.84 ? 3   LEU A CD1 1 
ATOM   8    C CD2 . LEU A 1 3   ? -15.513 10.095  -0.715  1.00 48.51 ? 3   LEU A CD2 1 
ATOM   9    N N   . SER A 1 4   ? -13.368 11.496  4.215   1.00 45.20 ? 4   SER A N   1 
ATOM   10   C CA  . SER A 1 4   ? -12.528 12.187  5.201   1.00 44.39 ? 4   SER A CA  1 
ATOM   11   C C   . SER A 1 4   ? -11.428 11.311  5.797   1.00 43.38 ? 4   SER A C   1 
ATOM   12   O O   . SER A 1 4   ? -11.599 10.099  5.954   1.00 43.13 ? 4   SER A O   1 
ATOM   13   C CB  . SER A 1 4   ? -13.399 12.736  6.338   1.00 44.68 ? 4   SER A CB  1 
ATOM   14   O OG  . SER A 1 4   ? -13.519 11.803  7.406   1.00 45.34 ? 4   SER A OG  1 
ATOM   15   N N   . LEU A 1 5   ? -10.311 11.948  6.152   1.00 42.09 ? 5   LEU A N   1 
ATOM   16   C CA  . LEU A 1 5   ? -9.203  11.282  6.836   1.00 41.41 ? 5   LEU A CA  1 
ATOM   17   C C   . LEU A 1 5   ? -9.228  11.572  8.335   1.00 40.77 ? 5   LEU A C   1 
ATOM   18   O O   . LEU A 1 5   ? -8.181  11.792  8.949   1.00 40.84 ? 5   LEU A O   1 
ATOM   19   C CB  . LEU A 1 5   ? -7.858  11.728  6.249   1.00 41.33 ? 5   LEU A CB  1 
ATOM   20   C CG  . LEU A 1 5   ? -7.661  11.560  4.747   1.00 41.43 ? 5   LEU A CG  1 
ATOM   21   C CD1 . LEU A 1 5   ? -6.237  11.949  4.367   1.00 41.74 ? 5   LEU A CD1 1 
ATOM   22   C CD2 . LEU A 1 5   ? -7.957  10.135  4.314   1.00 40.69 ? 5   LEU A CD2 1 
ATOM   23   N N   . ASN A 1 6   ? -10.422 11.576  8.922   1.00 39.97 ? 6   ASN A N   1 
ATOM   24   C CA  . ASN A 1 6   ? -10.564 11.788  10.362  1.00 39.56 ? 6   ASN A CA  1 
ATOM   25   C C   . ASN A 1 6   ? -10.208 10.539  11.167  1.00 39.25 ? 6   ASN A C   1 
ATOM   26   O O   . ASN A 1 6   ? -10.236 9.420   10.650  1.00 39.21 ? 6   ASN A O   1 
ATOM   27   C CB  . ASN A 1 6   ? -11.988 12.246  10.710  1.00 39.37 ? 6   ASN A CB  1 
ATOM   28   C CG  . ASN A 1 6   ? -12.239 13.704  10.353  1.00 39.19 ? 6   ASN A CG  1 
ATOM   29   O OD1 . ASN A 1 6   ? -11.353 14.392  9.851   1.00 37.01 ? 6   ASN A OD1 1 
ATOM   30   N ND2 . ASN A 1 6   ? -13.450 14.185  10.626  1.00 39.29 ? 6   ASN A ND2 1 
ATOM   31   N N   . ASN A 1 7   ? -9.864  10.760  12.433  1.00 38.90 ? 7   ASN A N   1 
ATOM   32   C CA  . ASN A 1 7   ? -9.575  9.693   13.394  1.00 38.75 ? 7   ASN A CA  1 
ATOM   33   C C   . ASN A 1 7   ? -8.420  8.765   12.986  1.00 38.40 ? 7   ASN A C   1 
ATOM   34   O O   . ASN A 1 7   ? -8.488  7.553   13.181  1.00 37.92 ? 7   ASN A O   1 
ATOM   35   C CB  . ASN A 1 7   ? -10.846 8.884   13.719  1.00 38.73 ? 7   ASN A CB  1 
ATOM   36   C CG  . ASN A 1 7   ? -11.804 9.629   14.653  1.00 39.37 ? 7   ASN A CG  1 
ATOM   37   O OD1 . ASN A 1 7   ? -11.827 10.860  14.702  1.00 39.73 ? 7   ASN A OD1 1 
ATOM   38   N ND2 . ASN A 1 7   ? -12.598 8.867   15.409  1.00 39.41 ? 7   ASN A ND2 1 
ATOM   39   N N   . LEU A 1 8   ? -7.355  9.345   12.432  1.00 38.34 ? 8   LEU A N   1 
ATOM   40   C CA  . LEU A 1 8   ? -6.122  8.588   12.189  1.00 38.13 ? 8   LEU A CA  1 
ATOM   41   C C   . LEU A 1 8   ? -5.431  8.285   13.518  1.00 38.29 ? 8   LEU A C   1 
ATOM   42   O O   . LEU A 1 8   ? -5.233  9.183   14.333  1.00 38.28 ? 8   LEU A O   1 
ATOM   43   C CB  . LEU A 1 8   ? -5.172  9.352   11.260  1.00 38.32 ? 8   LEU A CB  1 
ATOM   44   C CG  . LEU A 1 8   ? -5.587  9.437   9.793   1.00 37.79 ? 8   LEU A CG  1 
ATOM   45   C CD1 . LEU A 1 8   ? -4.598  10.289  8.998   1.00 37.70 ? 8   LEU A CD1 1 
ATOM   46   C CD2 . LEU A 1 8   ? -5.691  8.045   9.196   1.00 38.27 ? 8   LEU A CD2 1 
ATOM   47   N N   . GLN A 1 9   ? -5.070  7.021   13.725  1.00 38.25 ? 9   GLN A N   1 
ATOM   48   C CA  . GLN A 1 9   ? -4.443  6.581   14.973  1.00 38.73 ? 9   GLN A CA  1 
ATOM   49   C C   . GLN A 1 9   ? -3.279  5.630   14.705  1.00 38.92 ? 9   GLN A C   1 
ATOM   50   O O   . GLN A 1 9   ? -3.036  5.234   13.557  1.00 38.67 ? 9   GLN A O   1 
ATOM   51   C CB  . GLN A 1 9   ? -5.472  5.893   15.871  1.00 38.72 ? 9   GLN A CB  1 
ATOM   52   C CG  . GLN A 1 9   ? -6.088  4.660   15.258  1.00 39.50 ? 9   GLN A CG  1 
ATOM   53   C CD  . GLN A 1 9   ? -6.929  3.895   16.241  1.00 40.42 ? 9   GLN A CD  1 
ATOM   54   O OE1 . GLN A 1 9   ? -6.407  3.270   17.170  1.00 43.91 ? 9   GLN A OE1 1 
ATOM   55   N NE2 . GLN A 1 9   ? -8.238  3.932   16.049  1.00 39.57 ? 9   GLN A NE2 1 
ATOM   56   N N   . ASN A 1 10  ? -2.566  5.277   15.776  1.00 39.15 ? 10  ASN A N   1 
ATOM   57   C CA  . ASN A 1 10  ? -1.394  4.405   15.700  1.00 39.29 ? 10  ASN A CA  1 
ATOM   58   C C   . ASN A 1 10  ? -0.398  4.932   14.655  1.00 38.89 ? 10  ASN A C   1 
ATOM   59   O O   . ASN A 1 10  ? 0.105   4.187   13.803  1.00 39.16 ? 10  ASN A O   1 
ATOM   60   C CB  . ASN A 1 10  ? -1.826  2.961   15.406  1.00 39.64 ? 10  ASN A CB  1 
ATOM   61   C CG  . ASN A 1 10  ? -2.710  2.374   16.508  1.00 40.53 ? 10  ASN A CG  1 
ATOM   62   O OD1 . ASN A 1 10  ? -3.880  2.066   16.285  1.00 42.42 ? 10  ASN A OD1 1 
ATOM   63   N ND2 . ASN A 1 10  ? -2.147  2.219   17.702  1.00 42.93 ? 10  ASN A ND2 1 
ATOM   64   N N   . ILE A 1 11  ? -0.128  6.233   14.735  1.00 38.14 ? 11  ILE A N   1 
ATOM   65   C CA  . ILE A 1 11  ? 0.683   6.918   13.734  1.00 37.66 ? 11  ILE A CA  1 
ATOM   66   C C   . ILE A 1 11  ? 2.172   6.698   14.008  1.00 37.28 ? 11  ILE A C   1 
ATOM   67   O O   . ILE A 1 11  ? 2.643   6.912   15.127  1.00 37.03 ? 11  ILE A O   1 
ATOM   68   C CB  . ILE A 1 11  ? 0.374   8.432   13.687  1.00 37.59 ? 11  ILE A CB  1 
ATOM   69   C CG1 . ILE A 1 11  ? -1.096  8.667   13.318  1.00 37.73 ? 11  ILE A CG1 1 
ATOM   70   C CG2 . ILE A 1 11  ? 1.275   9.138   12.670  1.00 37.43 ? 11  ILE A CG2 1 
ATOM   71   C CD1 . ILE A 1 11  ? -1.529  10.129  13.439  1.00 37.47 ? 11  ILE A CD1 1 
ATOM   72   N N   . ILE A 1 12  ? 2.891   6.242   12.985  1.00 36.60 ? 12  ILE A N   1 
ATOM   73   C CA  . ILE A 1 12  ? 4.340   6.092   13.035  1.00 36.21 ? 12  ILE A CA  1 
ATOM   74   C C   . ILE A 1 12  ? 4.932   7.139   12.104  1.00 35.26 ? 12  ILE A C   1 
ATOM   75   O O   . ILE A 1 12  ? 4.507   7.242   10.954  1.00 34.99 ? 12  ILE A O   1 
ATOM   76   C CB  . ILE A 1 12  ? 4.781   4.678   12.564  1.00 36.51 ? 12  ILE A CB  1 
ATOM   77   C CG1 . ILE A 1 12  ? 4.092   3.580   13.387  1.00 37.41 ? 12  ILE A CG1 1 
ATOM   78   C CG2 . ILE A 1 12  ? 6.297   4.526   12.627  1.00 36.50 ? 12  ILE A CG2 1 
ATOM   79   C CD1 . ILE A 1 12  ? 4.059   3.834   14.888  1.00 38.25 ? 12  ILE A CD1 1 
ATOM   80   N N   . TYR A 1 13  ? 5.890   7.914   12.608  1.00 34.10 ? 13  TYR A N   1 
ATOM   81   C CA  . TYR A 1 13  ? 6.580   8.933   11.821  1.00 33.51 ? 13  TYR A CA  1 
ATOM   82   C C   . TYR A 1 13  ? 7.974   8.477   11.421  1.00 32.50 ? 13  TYR A C   1 
ATOM   83   O O   . TYR A 1 13  ? 8.678   7.852   12.216  1.00 32.10 ? 13  TYR A O   1 
ATOM   84   C CB  . TYR A 1 13  ? 6.690   10.239  12.607  1.00 33.64 ? 13  TYR A CB  1 
ATOM   85   C CG  . TYR A 1 13  ? 5.358   10.893  12.856  1.00 34.38 ? 13  TYR A CG  1 
ATOM   86   C CD1 . TYR A 1 13  ? 4.728   11.631  11.854  1.00 34.51 ? 13  TYR A CD1 1 
ATOM   87   C CD2 . TYR A 1 13  ? 4.719   10.773  14.089  1.00 35.21 ? 13  TYR A CD2 1 
ATOM   88   C CE1 . TYR A 1 13  ? 3.505   12.231  12.070  1.00 34.23 ? 13  TYR A CE1 1 
ATOM   89   C CE2 . TYR A 1 13  ? 3.493   11.380  14.317  1.00 34.86 ? 13  TYR A CE2 1 
ATOM   90   C CZ  . TYR A 1 13  ? 2.891   12.101  13.301  1.00 34.94 ? 13  TYR A CZ  1 
ATOM   91   O OH  . TYR A 1 13  ? 1.677   12.702  13.522  1.00 35.20 ? 13  TYR A OH  1 
ATOM   92   N N   . ASN A 1 14  ? 8.358   8.789   10.186  1.00 31.46 ? 14  ASN A N   1 
ATOM   93   C CA  . ASN A 1 14  ? 9.710   8.509   9.682   1.00 30.73 ? 14  ASN A CA  1 
ATOM   94   C C   . ASN A 1 14  ? 10.225  7.095   9.979   1.00 30.25 ? 14  ASN A C   1 
ATOM   95   O O   . ASN A 1 14  ? 11.358  6.924   10.432  1.00 29.73 ? 14  ASN A O   1 
ATOM   96   C CB  . ASN A 1 14  ? 10.681  9.562   10.213  1.00 30.81 ? 14  ASN A CB  1 
ATOM   97   C CG  . ASN A 1 14  ? 10.228  10.974  9.892   1.00 31.24 ? 14  ASN A CG  1 
ATOM   98   O OD1 . ASN A 1 14  ? 10.023  11.319  8.728   1.00 29.96 ? 14  ASN A OD1 1 
ATOM   99   N ND2 . ASN A 1 14  ? 10.048  11.787  10.923  1.00 31.37 ? 14  ASN A ND2 1 
ATOM   100  N N   . PRO A 1 15  ? 9.405   6.075   9.688   1.00 29.96 ? 15  PRO A N   1 
ATOM   101  C CA  . PRO A 1 15  ? 9.864   4.698   9.865   1.00 30.17 ? 15  PRO A CA  1 
ATOM   102  C C   . PRO A 1 15  ? 11.100  4.374   9.034   1.00 30.20 ? 15  PRO A C   1 
ATOM   103  O O   . PRO A 1 15  ? 11.266  4.902   7.931   1.00 30.26 ? 15  PRO A O   1 
ATOM   104  C CB  . PRO A 1 15  ? 8.682   3.869   9.357   1.00 30.10 ? 15  PRO A CB  1 
ATOM   105  C CG  . PRO A 1 15  ? 7.974   4.781   8.389   1.00 29.79 ? 15  PRO A CG  1 
ATOM   106  C CD  . PRO A 1 15  ? 8.100   6.131   8.998   1.00 30.03 ? 15  PRO A CD  1 
ATOM   107  N N   . VAL A 1 16  ? 11.949  3.497   9.560   1.00 30.03 ? 16  VAL A N   1 
ATOM   108  C CA  . VAL A 1 16  ? 13.082  2.976   8.810   1.00 30.01 ? 16  VAL A CA  1 
ATOM   109  C C   . VAL A 1 16  ? 12.542  2.053   7.722   1.00 29.74 ? 16  VAL A C   1 
ATOM   110  O O   . VAL A 1 16  ? 11.658  1.238   7.978   1.00 28.80 ? 16  VAL A O   1 
ATOM   111  C CB  . VAL A 1 16  ? 14.057  2.203   9.738   1.00 30.02 ? 16  VAL A CB  1 
ATOM   112  C CG1 . VAL A 1 16  ? 15.151  1.494   8.931   1.00 30.62 ? 16  VAL A CG1 1 
ATOM   113  C CG2 . VAL A 1 16  ? 14.667  3.148   10.772  1.00 30.79 ? 16  VAL A CG2 1 
ATOM   114  N N   . ILE A 1 17  ? 13.058  2.206   6.505   1.00 29.92 ? 17  ILE A N   1 
ATOM   115  C CA  . ILE A 1 17  ? 12.698  1.338   5.387   1.00 30.08 ? 17  ILE A CA  1 
ATOM   116  C C   . ILE A 1 17  ? 13.904  0.439   5.079   1.00 30.63 ? 17  ILE A C   1 
ATOM   117  O O   . ILE A 1 17  ? 15.024  0.939   4.963   1.00 31.25 ? 17  ILE A O   1 
ATOM   118  C CB  . ILE A 1 17  ? 12.319  2.165   4.124   1.00 30.03 ? 17  ILE A CB  1 
ATOM   119  C CG1 . ILE A 1 17  ? 11.236  3.209   4.454   1.00 29.54 ? 17  ILE A CG1 1 
ATOM   120  C CG2 . ILE A 1 17  ? 11.862  1.246   2.992   1.00 29.84 ? 17  ILE A CG2 1 
ATOM   121  C CD1 . ILE A 1 17  ? 10.012  2.645   5.176   1.00 29.12 ? 17  ILE A CD1 1 
ATOM   122  N N   . PRO A 1 18  ? 13.691  -0.882  4.928   1.00 30.99 ? 18  PRO A N   1 
ATOM   123  C CA  . PRO A 1 18  ? 12.433  -1.639  4.874   1.00 31.21 ? 18  PRO A CA  1 
ATOM   124  C C   . PRO A 1 18  ? 11.648  -1.672  6.182   1.00 31.16 ? 18  PRO A C   1 
ATOM   125  O O   . PRO A 1 18  ? 12.232  -1.805  7.261   1.00 31.07 ? 18  PRO A O   1 
ATOM   126  C CB  . PRO A 1 18  ? 12.895  -3.057  4.514   1.00 31.45 ? 18  PRO A CB  1 
ATOM   127  C CG  . PRO A 1 18  ? 14.301  -3.118  5.005   1.00 31.57 ? 18  PRO A CG  1 
ATOM   128  C CD  . PRO A 1 18  ? 14.854  -1.767  4.731   1.00 31.43 ? 18  PRO A CD  1 
ATOM   129  N N   . PHE A 1 19  ? 10.327  -1.561  6.056   1.00 30.67 ? 19  PHE A N   1 
ATOM   130  C CA  . PHE A 1 19  ? 9.414   -1.525  7.185   1.00 30.70 ? 19  PHE A CA  1 
ATOM   131  C C   . PHE A 1 19  ? 8.501   -2.734  7.103   1.00 30.72 ? 19  PHE A C   1 
ATOM   132  O O   . PHE A 1 19  ? 8.004   -3.061  6.032   1.00 30.47 ? 19  PHE A O   1 
ATOM   133  C CB  . PHE A 1 19  ? 8.562   -0.256  7.136   1.00 30.63 ? 19  PHE A CB  1 
ATOM   134  C CG  . PHE A 1 19  ? 7.473   -0.207  8.172   1.00 30.47 ? 19  PHE A CG  1 
ATOM   135  C CD1 . PHE A 1 19  ? 7.725   0.307   9.441   1.00 31.01 ? 19  PHE A CD1 1 
ATOM   136  C CD2 . PHE A 1 19  ? 6.185   -0.649  7.872   1.00 29.92 ? 19  PHE A CD2 1 
ATOM   137  C CE1 . PHE A 1 19  ? 6.716   0.353   10.397  1.00 31.35 ? 19  PHE A CE1 1 
ATOM   138  C CE2 . PHE A 1 19  ? 5.170   -0.593  8.817   1.00 30.21 ? 19  PHE A CE2 1 
ATOM   139  C CZ  . PHE A 1 19  ? 5.429   -0.094  10.079  1.00 31.65 ? 19  PHE A CZ  1 
ATOM   140  N N   . VAL A 1 20  ? 8.294   -3.390  8.239   1.00 31.21 ? 20  VAL A N   1 
ATOM   141  C CA  . VAL A 1 20  ? 7.290   -4.443  8.372   1.00 31.58 ? 20  VAL A CA  1 
ATOM   142  C C   . VAL A 1 20  ? 6.640   -4.247  9.742   1.00 32.28 ? 20  VAL A C   1 
ATOM   143  O O   . VAL A 1 20  ? 7.320   -4.304  10.773  1.00 32.04 ? 20  VAL A O   1 
ATOM   144  C CB  . VAL A 1 20  ? 7.907   -5.854  8.261   1.00 31.81 ? 20  VAL A CB  1 
ATOM   145  C CG1 . VAL A 1 20  ? 6.808   -6.925  8.283   1.00 32.09 ? 20  VAL A CG1 1 
ATOM   146  C CG2 . VAL A 1 20  ? 8.745   -5.980  6.987   1.00 32.13 ? 20  VAL A CG2 1 
ATOM   147  N N   . GLY A 1 21  ? 5.338   -3.973  9.744   1.00 32.43 ? 21  GLY A N   1 
ATOM   148  C CA  . GLY A 1 21  ? 4.627   -3.623  10.965  1.00 33.07 ? 21  GLY A CA  1 
ATOM   149  C C   . GLY A 1 21  ? 3.273   -4.290  11.041  1.00 33.47 ? 21  GLY A C   1 
ATOM   150  O O   . GLY A 1 21  ? 2.602   -4.472  10.021  1.00 32.79 ? 21  GLY A O   1 
ATOM   151  N N   . THR A 1 22  ? 2.870   -4.650  12.259  1.00 34.36 ? 22  THR A N   1 
ATOM   152  C CA  . THR A 1 22  ? 1.570   -5.269  12.469  1.00 34.91 ? 22  THR A CA  1 
ATOM   153  C C   . THR A 1 22  ? 0.520   -4.185  12.404  1.00 35.50 ? 22  THR A C   1 
ATOM   154  O O   . THR A 1 22  ? 0.687   -3.101  12.979  1.00 36.00 ? 22  THR A O   1 
ATOM   155  C CB  . THR A 1 22  ? 1.471   -5.995  13.824  1.00 35.10 ? 22  THR A CB  1 
ATOM   156  O OG1 . THR A 1 22  ? 2.478   -7.011  13.894  1.00 34.85 ? 22  THR A OG1 1 
ATOM   157  C CG2 . THR A 1 22  ? 0.099   -6.639  13.983  1.00 35.20 ? 22  THR A CG2 1 
ATOM   158  N N   . ILE A 1 23  ? -0.551  -4.475  11.679  1.00 35.98 ? 23  ILE A N   1 
ATOM   159  C CA  . ILE A 1 23  ? -1.675  -3.565  11.584  1.00 36.46 ? 23  ILE A CA  1 
ATOM   160  C C   . ILE A 1 23  ? -2.499  -3.739  12.870  1.00 37.29 ? 23  ILE A C   1 
ATOM   161  O O   . ILE A 1 23  ? -2.857  -4.862  13.221  1.00 37.42 ? 23  ILE A O   1 
ATOM   162  C CB  . ILE A 1 23  ? -2.502  -3.822  10.311  1.00 36.25 ? 23  ILE A CB  1 
ATOM   163  C CG1 . ILE A 1 23  ? -1.618  -3.644  9.065   1.00 35.71 ? 23  ILE A CG1 1 
ATOM   164  C CG2 . ILE A 1 23  ? -3.690  -2.871  10.249  1.00 36.26 ? 23  ILE A CG2 1 
ATOM   165  C CD1 . ILE A 1 23  ? -2.293  -4.038  7.757   1.00 35.25 ? 23  ILE A CD1 1 
ATOM   166  N N   . PRO A 1 24  ? -2.775  -2.631  13.586  1.00 38.25 ? 24  PRO A N   1 
ATOM   167  C CA  . PRO A 1 24  ? -3.320  -2.711  14.948  1.00 38.92 ? 24  PRO A CA  1 
ATOM   168  C C   . PRO A 1 24  ? -4.751  -3.256  15.084  1.00 39.48 ? 24  PRO A C   1 
ATOM   169  O O   . PRO A 1 24  ? -5.152  -3.614  16.189  1.00 40.00 ? 24  PRO A O   1 
ATOM   170  C CB  . PRO A 1 24  ? -3.257  -1.257  15.438  1.00 38.80 ? 24  PRO A CB  1 
ATOM   171  C CG  . PRO A 1 24  ? -2.300  -0.579  14.543  1.00 38.85 ? 24  PRO A CG  1 
ATOM   172  C CD  . PRO A 1 24  ? -2.459  -1.238  13.221  1.00 38.32 ? 24  PRO A CD  1 
ATOM   173  N N   . ASP A 1 25  ? -5.506  -3.319  13.993  1.00 39.89 ? 25  ASP A N   1 
ATOM   174  C CA  . ASP A 1 25  ? -6.883  -3.808  14.040  1.00 40.45 ? 25  ASP A CA  1 
ATOM   175  C C   . ASP A 1 25  ? -7.255  -4.414  12.693  1.00 40.62 ? 25  ASP A C   1 
ATOM   176  O O   . ASP A 1 25  ? -6.501  -4.303  11.720  1.00 40.23 ? 25  ASP A O   1 
ATOM   177  C CB  . ASP A 1 25  ? -7.842  -2.663  14.413  1.00 40.39 ? 25  ASP A CB  1 
ATOM   178  C CG  . ASP A 1 25  ? -9.133  -3.143  15.084  1.00 41.30 ? 25  ASP A CG  1 
ATOM   179  O OD1 . ASP A 1 25  ? -9.428  -4.358  15.062  1.00 41.31 ? 25  ASP A OD1 1 
ATOM   180  O OD2 . ASP A 1 25  ? -9.863  -2.284  15.627  1.00 41.45 ? 25  ASP A OD2 1 
ATOM   181  N N   . GLN A 1 26  ? -8.414  -5.063  12.644  1.00 40.91 ? 26  GLN A N   1 
ATOM   182  C CA  . GLN A 1 26  ? -8.895  -5.708  11.431  1.00 41.23 ? 26  GLN A CA  1 
ATOM   183  C C   . GLN A 1 26  ? -9.291  -4.672  10.379  1.00 41.22 ? 26  GLN A C   1 
ATOM   184  O O   . GLN A 1 26  ? -9.833  -3.610  10.712  1.00 41.24 ? 26  GLN A O   1 
ATOM   185  C CB  . GLN A 1 26  ? -10.088 -6.603  11.761  1.00 41.67 ? 26  GLN A CB  1 
ATOM   186  C CG  . GLN A 1 26  ? -10.561 -7.463  10.606  1.00 42.73 ? 26  GLN A CG  1 
ATOM   187  C CD  . GLN A 1 26  ? -11.335 -8.672  11.078  1.00 44.31 ? 26  GLN A CD  1 
ATOM   188  O OE1 . GLN A 1 26  ? -10.750 -9.636  11.574  1.00 45.56 ? 26  GLN A OE1 1 
ATOM   189  N NE2 . GLN A 1 26  ? -12.661 -8.629  10.931  1.00 44.52 ? 26  GLN A NE2 1 
ATOM   190  N N   . LEU A 1 27  ? -9.007  -4.988  9.117   1.00 41.13 ? 27  LEU A N   1 
ATOM   191  C CA  . LEU A 1 27  ? -9.322  -4.104  7.997   1.00 41.33 ? 27  LEU A CA  1 
ATOM   192  C C   . LEU A 1 27  ? -10.741 -4.369  7.494   1.00 41.50 ? 27  LEU A C   1 
ATOM   193  O O   . LEU A 1 27  ? -10.945 -4.942  6.419   1.00 41.44 ? 27  LEU A O   1 
ATOM   194  C CB  . LEU A 1 27  ? -8.299  -4.276  6.865   1.00 41.15 ? 27  LEU A CB  1 
ATOM   195  C CG  . LEU A 1 27  ? -6.861  -3.859  7.205   1.00 41.03 ? 27  LEU A CG  1 
ATOM   196  C CD1 . LEU A 1 27  ? -5.946  -4.098  6.011   1.00 40.78 ? 27  LEU A CD1 1 
ATOM   197  C CD2 . LEU A 1 27  ? -6.798  -2.402  7.654   1.00 41.08 ? 27  LEU A CD2 1 
ATOM   198  N N   . ASP A 1 28  ? -11.714 -3.945  8.296   1.00 41.85 ? 28  ASP A N   1 
ATOM   199  C CA  . ASP A 1 28  ? -13.125 -4.038  7.927   1.00 42.09 ? 28  ASP A CA  1 
ATOM   200  C C   . ASP A 1 28  ? -13.468 -2.969  6.896   1.00 41.82 ? 28  ASP A C   1 
ATOM   201  O O   . ASP A 1 28  ? -12.730 -1.993  6.750   1.00 41.82 ? 28  ASP A O   1 
ATOM   202  C CB  . ASP A 1 28  ? -14.018 -3.863  9.163   1.00 42.37 ? 28  ASP A CB  1 
ATOM   203  C CG  . ASP A 1 28  ? -13.900 -5.016  10.144  1.00 43.35 ? 28  ASP A CG  1 
ATOM   204  O OD1 . ASP A 1 28  ? -13.630 -6.150  9.704   1.00 44.62 ? 28  ASP A OD1 1 
ATOM   205  O OD2 . ASP A 1 28  ? -14.092 -4.787  11.359  1.00 45.09 ? 28  ASP A OD2 1 
ATOM   206  N N   . PRO A 1 29  ? -14.590 -3.145  6.174   1.00 41.67 ? 29  PRO A N   1 
ATOM   207  C CA  . PRO A 1 29  ? -15.034 -2.148  5.201   1.00 41.18 ? 29  PRO A CA  1 
ATOM   208  C C   . PRO A 1 29  ? -15.069 -0.723  5.740   1.00 40.49 ? 29  PRO A C   1 
ATOM   209  O O   . PRO A 1 29  ? -15.569 -0.485  6.837   1.00 40.47 ? 29  PRO A O   1 
ATOM   210  C CB  . PRO A 1 29  ? -16.440 -2.626  4.841   1.00 41.53 ? 29  PRO A CB  1 
ATOM   211  C CG  . PRO A 1 29  ? -16.327 -4.110  4.924   1.00 41.67 ? 29  PRO A CG  1 
ATOM   212  C CD  . PRO A 1 29  ? -15.411 -4.371  6.098   1.00 41.72 ? 29  PRO A CD  1 
ATOM   213  N N   . GLY A 1 30  ? -14.520 0.210   4.968   1.00 39.67 ? 30  GLY A N   1 
ATOM   214  C CA  . GLY A 1 30  ? -14.446 1.607   5.369   1.00 38.99 ? 30  GLY A CA  1 
ATOM   215  C C   . GLY A 1 30  ? -13.261 1.989   6.242   1.00 38.16 ? 30  GLY A C   1 
ATOM   216  O O   . GLY A 1 30  ? -13.113 3.158   6.591   1.00 38.63 ? 30  GLY A O   1 
ATOM   217  N N   . THR A 1 31  ? -12.419 1.026   6.614   1.00 37.21 ? 31  THR A N   1 
ATOM   218  C CA  . THR A 1 31  ? -11.179 1.359   7.318   1.00 36.25 ? 31  THR A CA  1 
ATOM   219  C C   . THR A 1 31  ? -10.165 1.893   6.296   1.00 35.00 ? 31  THR A C   1 
ATOM   220  O O   . THR A 1 31  ? -10.199 1.515   5.122   1.00 34.74 ? 31  THR A O   1 
ATOM   221  C CB  . THR A 1 31  ? -10.571 0.157   8.085   1.00 36.36 ? 31  THR A CB  1 
ATOM   222  O OG1 . THR A 1 31  ? -10.306 -0.914  7.177   1.00 36.88 ? 31  THR A OG1 1 
ATOM   223  C CG2 . THR A 1 31  ? -11.504 -0.328  9.197   1.00 36.24 ? 31  THR A CG2 1 
ATOM   224  N N   . LEU A 1 32  ? -9.288  2.786   6.748   1.00 33.80 ? 32  LEU A N   1 
ATOM   225  C CA  . LEU A 1 32  ? -8.293  3.413   5.872   1.00 33.20 ? 32  LEU A CA  1 
ATOM   226  C C   . LEU A 1 32  ? -6.887  3.115   6.359   1.00 32.08 ? 32  LEU A C   1 
ATOM   227  O O   . LEU A 1 32  ? -6.646  3.018   7.569   1.00 31.83 ? 32  LEU A O   1 
ATOM   228  C CB  . LEU A 1 32  ? -8.472  4.936   5.835   1.00 33.16 ? 32  LEU A CB  1 
ATOM   229  C CG  . LEU A 1 32  ? -9.863  5.507   5.578   1.00 34.40 ? 32  LEU A CG  1 
ATOM   230  C CD1 . LEU A 1 32  ? -9.807  7.037   5.559   1.00 34.35 ? 32  LEU A CD1 1 
ATOM   231  C CD2 . LEU A 1 32  ? -10.432 4.968   4.278   1.00 33.86 ? 32  LEU A CD2 1 
ATOM   232  N N   . ILE A 1 33  ? -5.972  2.956   5.404   1.00 31.10 ? 33  ILE A N   1 
ATOM   233  C CA  . ILE A 1 33  ? -4.538  3.009   5.663   1.00 30.11 ? 33  ILE A CA  1 
ATOM   234  C C   . ILE A 1 33  ? -4.021  4.243   4.918   1.00 29.09 ? 33  ILE A C   1 
ATOM   235  O O   . ILE A 1 33  ? -4.256  4.386   3.715   1.00 28.94 ? 33  ILE A O   1 
ATOM   236  C CB  . ILE A 1 33  ? -3.795  1.756   5.139   1.00 30.41 ? 33  ILE A CB  1 
ATOM   237  C CG1 . ILE A 1 33  ? -4.390  0.474   5.733   1.00 31.01 ? 33  ILE A CG1 1 
ATOM   238  C CG2 . ILE A 1 33  ? -2.301  1.846   5.475   1.00 29.60 ? 33  ILE A CG2 1 
ATOM   239  C CD1 . ILE A 1 33  ? -3.942  -0.797  5.038   1.00 31.86 ? 33  ILE A CD1 1 
ATOM   240  N N   . VAL A 1 34  ? -3.351  5.137   5.635   1.00 28.16 ? 34  VAL A N   1 
ATOM   241  C CA  . VAL A 1 34  ? -2.851  6.385   5.055   1.00 27.54 ? 34  VAL A CA  1 
ATOM   242  C C   . VAL A 1 34  ? -1.323  6.420   5.147   1.00 27.22 ? 34  VAL A C   1 
ATOM   243  O O   . VAL A 1 34  ? -0.753  6.369   6.237   1.00 26.60 ? 34  VAL A O   1 
ATOM   244  C CB  . VAL A 1 34  ? -3.466  7.615   5.747   1.00 27.50 ? 34  VAL A CB  1 
ATOM   245  C CG1 . VAL A 1 34  ? -2.950  8.915   5.110   1.00 27.11 ? 34  VAL A CG1 1 
ATOM   246  C CG2 . VAL A 1 34  ? -4.999  7.550   5.663   1.00 27.29 ? 34  VAL A CG2 1 
ATOM   247  N N   . ILE A 1 35  ? -0.670  6.487   3.990   1.00 26.93 ? 35  ILE A N   1 
ATOM   248  C CA  . ILE A 1 35  ? 0.790   6.466   3.917   1.00 26.48 ? 35  ILE A CA  1 
ATOM   249  C C   . ILE A 1 35  ? 1.265   7.704   3.177   1.00 26.85 ? 35  ILE A C   1 
ATOM   250  O O   . ILE A 1 35  ? 0.945   7.894   2.004   1.00 26.77 ? 35  ILE A O   1 
ATOM   251  C CB  . ILE A 1 35  ? 1.309   5.216   3.182   1.00 26.53 ? 35  ILE A CB  1 
ATOM   252  C CG1 . ILE A 1 35  ? 0.865   3.939   3.912   1.00 26.69 ? 35  ILE A CG1 1 
ATOM   253  C CG2 . ILE A 1 35  ? 2.845   5.281   3.054   1.00 25.18 ? 35  ILE A CG2 1 
ATOM   254  C CD1 . ILE A 1 35  ? 0.984   2.685   3.078   1.00 27.10 ? 35  ILE A CD1 1 
ATOM   255  N N   . ARG A 1 36  ? 2.028   8.538   3.878   1.00 27.27 ? 36  ARG A N   1 
ATOM   256  C CA  . ARG A 1 36  ? 2.533   9.787   3.336   1.00 27.56 ? 36  ARG A CA  1 
ATOM   257  C C   . ARG A 1 36  ? 4.040   9.677   3.157   1.00 27.65 ? 36  ARG A C   1 
ATOM   258  O O   . ARG A 1 36  ? 4.743   9.109   4.006   1.00 27.57 ? 36  ARG A O   1 
ATOM   259  C CB  . ARG A 1 36  ? 2.175   10.955  4.271   1.00 27.88 ? 36  ARG A CB  1 
ATOM   260  C CG  . ARG A 1 36  ? 0.670   11.138  4.465   1.00 28.85 ? 36  ARG A CG  1 
ATOM   261  C CD  . ARG A 1 36  ? 0.314   12.375  5.306   1.00 30.88 ? 36  ARG A CD  1 
ATOM   262  N NE  . ARG A 1 36  ? -1.143  12.523  5.418   1.00 31.84 ? 36  ARG A NE  1 
ATOM   263  C CZ  . ARG A 1 36  ? -1.855  12.480  6.548   1.00 32.79 ? 36  ARG A CZ  1 
ATOM   264  N NH1 . ARG A 1 36  ? -1.272  12.333  7.735   1.00 32.62 ? 36  ARG A NH1 1 
ATOM   265  N NH2 . ARG A 1 36  ? -3.180  12.614  6.490   1.00 32.42 ? 36  ARG A NH2 1 
ATOM   266  N N   . GLY A 1 37  ? 4.537   10.188  2.040   1.00 27.47 ? 37  GLY A N   1 
ATOM   267  C CA  . GLY A 1 37  ? 5.971   10.206  1.809   1.00 27.92 ? 37  GLY A CA  1 
ATOM   268  C C   . GLY A 1 37  ? 6.332   10.768  0.462   1.00 28.30 ? 37  GLY A C   1 
ATOM   269  O O   . GLY A 1 37  ? 5.522   11.439  -0.166  1.00 28.13 ? 37  GLY A O   1 
ATOM   270  N N   . HIS A 1 38  ? 7.560   10.489  0.038   1.00 28.72 ? 38  HIS A N   1 
ATOM   271  C CA  . HIS A 1 38  ? 8.034   10.866  -1.285  1.00 29.04 ? 38  HIS A CA  1 
ATOM   272  C C   . HIS A 1 38  ? 9.141   9.927   -1.724  1.00 29.22 ? 38  HIS A C   1 
ATOM   273  O O   . HIS A 1 38  ? 9.760   9.243   -0.904  1.00 28.46 ? 38  HIS A O   1 
ATOM   274  C CB  . HIS A 1 38  ? 8.548   12.306  -1.279  1.00 29.13 ? 38  HIS A CB  1 
ATOM   275  C CG  . HIS A 1 38  ? 9.842   12.487  -0.550  1.00 29.02 ? 38  HIS A CG  1 
ATOM   276  N ND1 . HIS A 1 38  ? 9.908   12.658  0.815   1.00 29.83 ? 38  HIS A ND1 1 
ATOM   277  C CD2 . HIS A 1 38  ? 11.120  12.531  -0.995  1.00 29.71 ? 38  HIS A CD2 1 
ATOM   278  C CE1 . HIS A 1 38  ? 11.170  12.796  1.180   1.00 29.73 ? 38  HIS A CE1 1 
ATOM   279  N NE2 . HIS A 1 38  ? 11.927  12.722  0.100   1.00 29.62 ? 38  HIS A NE2 1 
ATOM   280  N N   . VAL A 1 39  ? 9.395   9.909   -3.027  1.00 30.08 ? 39  VAL A N   1 
ATOM   281  C CA  . VAL A 1 39  ? 10.451  9.092   -3.584  1.00 30.63 ? 39  VAL A CA  1 
ATOM   282  C C   . VAL A 1 39  ? 11.680  9.964   -3.899  1.00 30.69 ? 39  VAL A C   1 
ATOM   283  O O   . VAL A 1 39  ? 11.544  11.060  -4.455  1.00 30.21 ? 39  VAL A O   1 
ATOM   284  C CB  . VAL A 1 39  ? 9.912   8.270   -4.804  1.00 31.49 ? 39  VAL A CB  1 
ATOM   285  C CG1 . VAL A 1 39  ? 10.731  8.473   -6.065  1.00 30.47 ? 39  VAL A CG1 1 
ATOM   286  C CG2 . VAL A 1 39  ? 9.798   6.787   -4.424  1.00 31.31 ? 39  VAL A CG2 1 
ATOM   287  N N   . PRO A 1 40  ? 12.883  9.494   -3.518  1.00 30.76 ? 40  PRO A N   1 
ATOM   288  C CA  . PRO A 1 40  ? 14.070  10.271  -3.826  1.00 31.20 ? 40  PRO A CA  1 
ATOM   289  C C   . PRO A 1 40  ? 14.376  10.319  -5.319  1.00 31.38 ? 40  PRO A C   1 
ATOM   290  O O   . PRO A 1 40  ? 13.768  9.594   -6.118  1.00 30.53 ? 40  PRO A O   1 
ATOM   291  C CB  . PRO A 1 40  ? 15.184  9.530   -3.072  1.00 31.46 ? 40  PRO A CB  1 
ATOM   292  C CG  . PRO A 1 40  ? 14.685  8.165   -2.934  1.00 31.15 ? 40  PRO A CG  1 
ATOM   293  C CD  . PRO A 1 40  ? 13.224  8.311   -2.709  1.00 31.08 ? 40  PRO A CD  1 
ATOM   294  N N   . SER A 1 41  ? 15.319  11.184  -5.675  1.00 31.49 ? 41  SER A N   1 
ATOM   295  C CA  . SER A 1 41  ? 15.664  11.448  -7.070  1.00 31.79 ? 41  SER A CA  1 
ATOM   296  C C   . SER A 1 41  ? 16.274  10.249  -7.805  1.00 31.26 ? 41  SER A C   1 
ATOM   297  O O   . SER A 1 41  ? 16.252  10.203  -9.043  1.00 31.53 ? 41  SER A O   1 
ATOM   298  C CB  . SER A 1 41  ? 16.635  12.633  -7.135  1.00 32.18 ? 41  SER A CB  1 
ATOM   299  O OG  . SER A 1 41  ? 17.870  12.279  -6.543  1.00 34.55 ? 41  SER A OG  1 
ATOM   300  N N   . ASP A 1 42  ? 16.837  9.294   -7.063  1.00 30.38 ? 42  ASP A N   1 
ATOM   301  C CA  . ASP A 1 42  ? 17.425  8.095   -7.674  1.00 29.91 ? 42  ASP A CA  1 
ATOM   302  C C   . ASP A 1 42  ? 16.549  6.838   -7.548  1.00 28.85 ? 42  ASP A C   1 
ATOM   303  O O   . ASP A 1 42  ? 17.009  5.728   -7.838  1.00 29.05 ? 42  ASP A O   1 
ATOM   304  C CB  . ASP A 1 42  ? 18.827  7.820   -7.110  1.00 30.11 ? 42  ASP A CB  1 
ATOM   305  C CG  . ASP A 1 42  ? 18.808  7.408   -5.652  1.00 30.73 ? 42  ASP A CG  1 
ATOM   306  O OD1 . ASP A 1 42  ? 17.866  7.796   -4.932  1.00 30.64 ? 42  ASP A OD1 1 
ATOM   307  O OD2 . ASP A 1 42  ? 19.754  6.711   -5.229  1.00 32.65 ? 42  ASP A OD2 1 
ATOM   308  N N   . ALA A 1 43  ? 15.303  7.005   -7.112  1.00 27.76 ? 43  ALA A N   1 
ATOM   309  C CA  . ALA A 1 43  ? 14.387  5.866   -6.960  1.00 26.81 ? 43  ALA A CA  1 
ATOM   310  C C   . ALA A 1 43  ? 13.738  5.488   -8.291  1.00 26.11 ? 43  ALA A C   1 
ATOM   311  O O   . ALA A 1 43  ? 13.357  6.359   -9.083  1.00 25.36 ? 43  ALA A O   1 
ATOM   312  C CB  . ALA A 1 43  ? 13.313  6.171   -5.922  1.00 27.16 ? 43  ALA A CB  1 
ATOM   313  N N   . ASP A 1 44  ? 13.622  4.182   -8.531  1.00 25.17 ? 44  ASP A N   1 
ATOM   314  C CA  . ASP A 1 44  ? 12.914  3.668   -9.701  1.00 24.92 ? 44  ASP A CA  1 
ATOM   315  C C   . ASP A 1 44  ? 11.616  2.940   -9.373  1.00 24.97 ? 44  ASP A C   1 
ATOM   316  O O   . ASP A 1 44  ? 10.779  2.739   -10.253 1.00 24.51 ? 44  ASP A O   1 
ATOM   317  C CB  . ASP A 1 44  ? 13.840  2.766   -10.509 1.00 24.75 ? 44  ASP A CB  1 
ATOM   318  C CG  . ASP A 1 44  ? 14.998  3.537   -11.096 1.00 24.41 ? 44  ASP A CG  1 
ATOM   319  O OD1 . ASP A 1 44  ? 14.756  4.632   -11.654 1.00 24.43 ? 44  ASP A OD1 1 
ATOM   320  O OD2 . ASP A 1 44  ? 16.147  3.077   -10.975 1.00 25.96 ? 44  ASP A OD2 1 
ATOM   321  N N   . ARG A 1 45  ? 11.445  2.552   -8.113  1.00 25.31 ? 45  ARG A N   1 
ATOM   322  C CA  . ARG A 1 45  ? 10.221  1.884   -7.675  1.00 25.39 ? 45  ARG A CA  1 
ATOM   323  C C   . ARG A 1 45  ? 10.181  1.808   -6.153  1.00 25.06 ? 45  ARG A C   1 
ATOM   324  O O   . ARG A 1 45  ? 11.206  1.961   -5.477  1.00 24.34 ? 45  ARG A O   1 
ATOM   325  C CB  A ARG A 1 45  ? 10.104  0.474   -8.274  0.60 25.53 ? 45  ARG A CB  1 
ATOM   326  C CB  B ARG A 1 45  ? 10.148  0.464   -8.256  0.40 25.48 ? 45  ARG A CB  1 
ATOM   327  C CG  A ARG A 1 45  ? 11.238  -0.488  -7.951  0.60 26.74 ? 45  ARG A CG  1 
ATOM   328  C CG  B ARG A 1 45  ? 11.093  -0.515  -7.584  0.40 26.46 ? 45  ARG A CG  1 
ATOM   329  C CD  A ARG A 1 45  ? 10.944  -1.871  -8.549  0.60 28.35 ? 45  ARG A CD  1 
ATOM   330  C CD  B ARG A 1 45  ? 11.699  -1.510  -8.547  0.40 27.63 ? 45  ARG A CD  1 
ATOM   331  N NE  A ARG A 1 45  ? 9.971   -2.634  -7.760  0.60 29.40 ? 45  ARG A NE  1 
ATOM   332  N NE  B ARG A 1 45  ? 13.131  -1.557  -8.304  0.40 29.10 ? 45  ARG A NE  1 
ATOM   333  C CZ  A ARG A 1 45  ? 9.245   -3.662  -8.208  0.60 28.80 ? 45  ARG A CZ  1 
ATOM   334  C CZ  B ARG A 1 45  ? 14.048  -1.119  -9.154  0.40 28.59 ? 45  ARG A CZ  1 
ATOM   335  N NH1 A ARG A 1 45  ? 9.333   -4.076  -9.466  0.60 29.81 ? 45  ARG A NH1 1 
ATOM   336  N NH1 B ARG A 1 45  ? 13.696  -0.654  -10.347 0.40 28.71 ? 45  ARG A NH1 1 
ATOM   337  N NH2 A ARG A 1 45  ? 8.409   -4.279  -7.387  0.60 30.14 ? 45  ARG A NH2 1 
ATOM   338  N NH2 B ARG A 1 45  ? 15.317  -1.180  -8.816  0.40 28.30 ? 45  ARG A NH2 1 
ATOM   339  N N   . PHE A 1 46  ? 8.990   1.566   -5.628  1.00 24.58 ? 46  PHE A N   1 
ATOM   340  C CA  . PHE A 1 46  ? 8.839   1.095   -4.259  1.00 24.27 ? 46  PHE A CA  1 
ATOM   341  C C   . PHE A 1 46  ? 7.535   0.306   -4.194  1.00 25.04 ? 46  PHE A C   1 
ATOM   342  O O   . PHE A 1 46  ? 6.754   0.305   -5.147  1.00 24.56 ? 46  PHE A O   1 
ATOM   343  C CB  . PHE A 1 46  ? 8.886   2.253   -3.242  1.00 24.46 ? 46  PHE A CB  1 
ATOM   344  C CG  . PHE A 1 46  ? 7.646   3.108   -3.200  1.00 24.03 ? 46  PHE A CG  1 
ATOM   345  C CD1 . PHE A 1 46  ? 7.491   4.180   -4.068  1.00 23.96 ? 46  PHE A CD1 1 
ATOM   346  C CD2 . PHE A 1 46  ? 6.647   2.868   -2.257  1.00 24.84 ? 46  PHE A CD2 1 
ATOM   347  C CE1 . PHE A 1 46  ? 6.347   4.977   -4.021  1.00 23.85 ? 46  PHE A CE1 1 
ATOM   348  C CE2 . PHE A 1 46  ? 5.504   3.662   -2.209  1.00 25.04 ? 46  PHE A CE2 1 
ATOM   349  C CZ  . PHE A 1 46  ? 5.358   4.718   -3.099  1.00 24.24 ? 46  PHE A CZ  1 
ATOM   350  N N   . GLN A 1 47  ? 7.301   -0.368  -3.077  1.00 25.31 ? 47  GLN A N   1 
ATOM   351  C CA  . GLN A 1 47  ? 6.075   -1.131  -2.930  1.00 25.72 ? 47  GLN A CA  1 
ATOM   352  C C   . GLN A 1 47  ? 5.517   -1.077  -1.524  1.00 25.64 ? 47  GLN A C   1 
ATOM   353  O O   . GLN A 1 47  ? 6.257   -0.930  -0.547  1.00 24.58 ? 47  GLN A O   1 
ATOM   354  C CB  . GLN A 1 47  ? 6.298   -2.578  -3.343  1.00 26.24 ? 47  GLN A CB  1 
ATOM   355  C CG  . GLN A 1 47  ? 7.184   -3.362  -2.393  1.00 27.17 ? 47  GLN A CG  1 
ATOM   356  C CD  . GLN A 1 47  ? 7.709   -4.607  -3.023  1.00 30.22 ? 47  GLN A CD  1 
ATOM   357  O OE1 . GLN A 1 47  ? 8.345   -4.552  -4.080  1.00 29.73 ? 47  GLN A OE1 1 
ATOM   358  N NE2 . GLN A 1 47  ? 7.432   -5.762  -2.396  1.00 30.03 ? 47  GLN A NE2 1 
ATOM   359  N N   . VAL A 1 48  ? 4.190   -1.178  -1.466  1.00 25.57 ? 48  VAL A N   1 
ATOM   360  C CA  . VAL A 1 48  ? 3.430   -1.321  -0.239  1.00 25.78 ? 48  VAL A CA  1 
ATOM   361  C C   . VAL A 1 48  ? 2.723   -2.667  -0.354  1.00 26.04 ? 48  VAL A C   1 
ATOM   362  O O   . VAL A 1 48  ? 1.999   -2.911  -1.330  1.00 25.51 ? 48  VAL A O   1 
ATOM   363  C CB  . VAL A 1 48  ? 2.381   -0.210  -0.091  1.00 25.96 ? 48  VAL A CB  1 
ATOM   364  C CG1 . VAL A 1 48  ? 1.512   -0.447  1.152   1.00 26.58 ? 48  VAL A CG1 1 
ATOM   365  C CG2 . VAL A 1 48  ? 3.056   1.168   -0.028  1.00 25.86 ? 48  VAL A CG2 1 
ATOM   366  N N   . ASP A 1 49  ? 2.952   -3.532  0.629   1.00 25.99 ? 49  ASP A N   1 
ATOM   367  C CA  . ASP A 1 49  ? 2.401   -4.881  0.644   1.00 26.32 ? 49  ASP A CA  1 
ATOM   368  C C   . ASP A 1 49  ? 1.487   -5.036  1.867   1.00 26.54 ? 49  ASP A C   1 
ATOM   369  O O   . ASP A 1 49  ? 1.919   -4.812  3.000   1.00 26.20 ? 49  ASP A O   1 
ATOM   370  C CB  . ASP A 1 49  ? 3.528   -5.915  0.709   1.00 26.49 ? 49  ASP A CB  1 
ATOM   371  C CG  . ASP A 1 49  ? 4.334   -6.008  -0.586  1.00 27.37 ? 49  ASP A CG  1 
ATOM   372  O OD1 . ASP A 1 49  ? 3.768   -5.852  -1.684  1.00 27.65 ? 49  ASP A OD1 1 
ATOM   373  O OD2 . ASP A 1 49  ? 5.554   -6.250  -0.506  1.00 31.18 ? 49  ASP A OD2 1 
ATOM   374  N N   . LEU A 1 50  ? 0.223   -5.383  1.625   1.00 26.53 ? 50  LEU A N   1 
ATOM   375  C CA  . LEU A 1 50  ? -0.708  -5.740  2.699   1.00 26.89 ? 50  LEU A CA  1 
ATOM   376  C C   . LEU A 1 50  ? -0.706  -7.255  2.788   1.00 26.70 ? 50  LEU A C   1 
ATOM   377  O O   . LEU A 1 50  ? -1.100  -7.937  1.841   1.00 25.97 ? 50  LEU A O   1 
ATOM   378  C CB  . LEU A 1 50  ? -2.119  -5.204  2.413   1.00 27.11 ? 50  LEU A CB  1 
ATOM   379  C CG  . LEU A 1 50  ? -2.227  -3.695  2.174   1.00 27.94 ? 50  LEU A CG  1 
ATOM   380  C CD1 . LEU A 1 50  ? -3.688  -3.275  2.052   1.00 26.97 ? 50  LEU A CD1 1 
ATOM   381  C CD2 . LEU A 1 50  ? -1.538  -2.890  3.264   1.00 27.39 ? 50  LEU A CD2 1 
ATOM   382  N N   . GLN A 1 51  ? -0.244  -7.773  3.925   1.00 27.40 ? 51  GLN A N   1 
ATOM   383  C CA  . GLN A 1 51  ? 0.163   -9.179  4.050   1.00 28.09 ? 51  GLN A CA  1 
ATOM   384  C C   . GLN A 1 51  ? -0.597  -9.938  5.127   1.00 28.36 ? 51  GLN A C   1 
ATOM   385  O O   . GLN A 1 51  ? -1.053  -9.348  6.106   1.00 28.24 ? 51  GLN A O   1 
ATOM   386  C CB  . GLN A 1 51  ? 1.637   -9.252  4.440   1.00 28.42 ? 51  GLN A CB  1 
ATOM   387  C CG  . GLN A 1 51  ? 2.588   -8.853  3.369   1.00 30.51 ? 51  GLN A CG  1 
ATOM   388  C CD  . GLN A 1 51  ? 4.014   -8.782  3.864   1.00 31.59 ? 51  GLN A CD  1 
ATOM   389  O OE1 . GLN A 1 51  ? 4.422   -9.521  4.776   1.00 32.80 ? 51  GLN A OE1 1 
ATOM   390  N NE2 . GLN A 1 51  ? 4.784   -7.885  3.274   1.00 32.88 ? 51  GLN A NE2 1 
ATOM   391  N N   . ASN A 1 52  ? -0.691  -11.253 4.938   1.00 29.11 ? 52  ASN A N   1 
ATOM   392  C CA  . ASN A 1 52  ? -1.173  -12.164 5.967   1.00 29.98 ? 52  ASN A CA  1 
ATOM   393  C C   . ASN A 1 52  ? 0.030   -12.666 6.756   1.00 30.16 ? 52  ASN A C   1 
ATOM   394  O O   . ASN A 1 52  ? 0.664   -13.654 6.379   1.00 30.72 ? 52  ASN A O   1 
ATOM   395  C CB  . ASN A 1 52  ? -1.953  -13.321 5.337   1.00 30.12 ? 52  ASN A CB  1 
ATOM   396  C CG  . ASN A 1 52  ? -2.542  -14.280 6.377   1.00 31.66 ? 52  ASN A CG  1 
ATOM   397  O OD1 . ASN A 1 52  ? -2.391  -14.086 7.586   1.00 35.14 ? 52  ASN A OD1 1 
ATOM   398  N ND2 . ASN A 1 52  ? -3.222  -15.316 5.900   1.00 34.48 ? 52  ASN A ND2 1 
ATOM   399  N N   . GLY A 1 53  ? 0.346   -11.963 7.841   1.00 30.63 ? 53  GLY A N   1 
ATOM   400  C CA  . GLY A 1 53  ? 1.514   -12.271 8.663   1.00 30.97 ? 53  GLY A CA  1 
ATOM   401  C C   . GLY A 1 53  ? 2.809   -11.728 8.075   1.00 31.03 ? 53  GLY A C   1 
ATOM   402  O O   . GLY A 1 53  ? 2.799   -11.023 7.058   1.00 30.99 ? 53  GLY A O   1 
ATOM   403  N N   . SER A 1 54  ? 3.924   -12.074 8.717   1.00 30.83 ? 54  SER A N   1 
ATOM   404  C CA  . SER A 1 54  ? 5.246   -11.557 8.346   1.00 30.81 ? 54  SER A CA  1 
ATOM   405  C C   . SER A 1 54  ? 6.275   -12.665 8.072   1.00 30.56 ? 54  SER A C   1 
ATOM   406  O O   . SER A 1 54  ? 7.483   -12.399 8.010   1.00 30.49 ? 54  SER A O   1 
ATOM   407  C CB  . SER A 1 54  ? 5.760   -10.646 9.464   1.00 30.68 ? 54  SER A CB  1 
ATOM   408  O OG  . SER A 1 54  ? 5.799   -11.352 10.690  1.00 31.85 ? 54  SER A OG  1 
ATOM   409  N N   . SER A 1 55  ? 5.797   -13.898 7.895   1.00 30.40 ? 55  SER A N   1 
ATOM   410  C CA  . SER A 1 55  ? 6.666   -15.047 7.625   1.00 30.35 ? 55  SER A CA  1 
ATOM   411  C C   . SER A 1 55  ? 7.507   -14.797 6.373   1.00 29.87 ? 55  SER A C   1 
ATOM   412  O O   . SER A 1 55  ? 7.035   -14.178 5.418   1.00 29.32 ? 55  SER A O   1 
ATOM   413  C CB  . SER A 1 55  ? 5.818   -16.312 7.456   1.00 30.54 ? 55  SER A CB  1 
ATOM   414  O OG  . SER A 1 55  ? 6.621   -17.476 7.359   1.00 32.16 ? 55  SER A OG  1 
ATOM   415  N N   . VAL A 1 56  ? 8.751   -15.266 6.394   1.00 29.39 ? 56  VAL A N   1 
ATOM   416  C CA  . VAL A 1 56  ? 9.674   -15.121 5.263   1.00 29.34 ? 56  VAL A CA  1 
ATOM   417  C C   . VAL A 1 56  ? 9.838   -16.446 4.510   1.00 29.20 ? 56  VAL A C   1 
ATOM   418  O O   . VAL A 1 56  ? 9.809   -16.464 3.278   1.00 28.82 ? 56  VAL A O   1 
ATOM   419  C CB  . VAL A 1 56  ? 11.032  -14.583 5.746   1.00 29.27 ? 56  VAL A CB  1 
ATOM   420  C CG1 . VAL A 1 56  ? 12.049  -14.554 4.615   1.00 30.24 ? 56  VAL A CG1 1 
ATOM   421  C CG2 . VAL A 1 56  ? 10.848  -13.198 6.354   1.00 30.04 ? 56  VAL A CG2 1 
ATOM   422  N N   . LYS A 1 57  ? 10.019  -17.541 5.251   1.00 28.94 ? 57  LYS A N   1 
ATOM   423  C CA  . LYS A 1 57  ? 9.950   -18.897 4.696   1.00 29.12 ? 57  LYS A CA  1 
ATOM   424  C C   . LYS A 1 57  ? 9.113   -19.806 5.620   1.00 28.91 ? 57  LYS A C   1 
ATOM   425  O O   . LYS A 1 57  ? 9.534   -20.091 6.747   1.00 28.29 ? 57  LYS A O   1 
ATOM   426  C CB  . LYS A 1 57  ? 11.348  -19.499 4.502   1.00 29.62 ? 57  LYS A CB  1 
ATOM   427  C CG  . LYS A 1 57  ? 11.317  -20.878 3.823   1.00 30.11 ? 57  LYS A CG  1 
ATOM   428  C CD  . LYS A 1 57  ? 12.710  -21.427 3.556   1.00 31.71 ? 57  LYS A CD  1 
ATOM   429  C CE  . LYS A 1 57  ? 12.629  -22.735 2.775   1.00 32.95 ? 57  LYS A CE  1 
ATOM   430  N NZ  . LYS A 1 57  ? 13.960  -23.228 2.354   1.00 34.95 ? 57  LYS A NZ  1 
ATOM   431  N N   . PRO A 1 58  ? 7.922   -20.247 5.159   1.00 28.84 ? 58  PRO A N   1 
ATOM   432  C CA  . PRO A 1 58  ? 7.341   -19.896 3.866   1.00 28.96 ? 58  PRO A CA  1 
ATOM   433  C C   . PRO A 1 58  ? 6.963   -18.429 3.824   1.00 28.60 ? 58  PRO A C   1 
ATOM   434  O O   . PRO A 1 58  ? 6.775   -17.780 4.852   1.00 28.40 ? 58  PRO A O   1 
ATOM   435  C CB  . PRO A 1 58  ? 6.087   -20.767 3.791   1.00 29.22 ? 58  PRO A CB  1 
ATOM   436  C CG  . PRO A 1 58  ? 5.689   -20.931 5.206   1.00 29.48 ? 58  PRO A CG  1 
ATOM   437  C CD  . PRO A 1 58  ? 6.982   -21.051 5.961   1.00 28.99 ? 58  PRO A CD  1 
ATOM   438  N N   . ARG A 1 59  ? 6.865   -17.918 2.617   1.00 28.41 ? 59  ARG A N   1 
ATOM   439  C CA  . ARG A 1 59  ? 6.593   -16.531 2.397   1.00 28.60 ? 59  ARG A CA  1 
ATOM   440  C C   . ARG A 1 59  ? 5.135   -16.173 2.718   1.00 27.97 ? 59  ARG A C   1 
ATOM   441  O O   . ARG A 1 59  ? 4.222   -16.869 2.299   1.00 28.10 ? 59  ARG A O   1 
ATOM   442  C CB  . ARG A 1 59  ? 6.880   -16.277 0.939   1.00 29.02 ? 59  ARG A CB  1 
ATOM   443  C CG  . ARG A 1 59  ? 6.859   -14.905 0.570   1.00 29.95 ? 59  ARG A CG  1 
ATOM   444  C CD  . ARG A 1 59  ? 7.223   -14.808 -0.877  1.00 29.68 ? 59  ARG A CD  1 
ATOM   445  N NE  . ARG A 1 59  ? 7.242   -13.415 -1.198  1.00 30.86 ? 59  ARG A NE  1 
ATOM   446  C CZ  . ARG A 1 59  ? 7.624   -12.905 -2.350  1.00 29.66 ? 59  ARG A CZ  1 
ATOM   447  N NH1 . ARG A 1 59  ? 8.042   -13.687 -3.340  1.00 28.62 ? 59  ARG A NH1 1 
ATOM   448  N NH2 . ARG A 1 59  ? 7.584   -11.593 -2.475  1.00 30.71 ? 59  ARG A NH2 1 
ATOM   449  N N   . ALA A 1 60  ? 4.936   -15.079 3.445   1.00 27.43 ? 60  ALA A N   1 
ATOM   450  C CA  . ALA A 1 60  ? 3.604   -14.586 3.764   1.00 27.13 ? 60  ALA A CA  1 
ATOM   451  C C   . ALA A 1 60  ? 2.825   -14.273 2.488   1.00 27.16 ? 60  ALA A C   1 
ATOM   452  O O   . ALA A 1 60  ? 3.384   -13.727 1.520   1.00 25.65 ? 60  ALA A O   1 
ATOM   453  C CB  . ALA A 1 60  ? 3.702   -13.333 4.626   1.00 27.29 ? 60  ALA A CB  1 
ATOM   454  N N   . ASP A 1 61  ? 1.541   -14.638 2.478   1.00 26.87 ? 61  ASP A N   1 
ATOM   455  C CA  . ASP A 1 61  ? 0.646   -14.216 1.404   1.00 26.99 ? 61  ASP A CA  1 
ATOM   456  C C   . ASP A 1 61  ? 0.580   -12.691 1.370   1.00 26.51 ? 61  ASP A C   1 
ATOM   457  O O   . ASP A 1 61  ? 0.540   -12.041 2.409   1.00 25.76 ? 61  ASP A O   1 
ATOM   458  C CB  . ASP A 1 61  ? -0.771  -14.773 1.608   1.00 27.34 ? 61  ASP A CB  1 
ATOM   459  C CG  . ASP A 1 61  ? -0.896  -16.249 1.256   1.00 28.81 ? 61  ASP A CG  1 
ATOM   460  O OD1 . ASP A 1 61  ? 0.086   -16.870 0.784   1.00 30.03 ? 61  ASP A OD1 1 
ATOM   461  O OD2 . ASP A 1 61  ? -2.012  -16.789 1.458   1.00 30.70 ? 61  ASP A OD2 1 
ATOM   462  N N   . VAL A 1 62  ? 0.584   -12.127 0.164   1.00 26.28 ? 62  VAL A N   1 
ATOM   463  C CA  . VAL A 1 62  ? 0.383   -10.697 -0.019  1.00 25.91 ? 62  VAL A CA  1 
ATOM   464  C C   . VAL A 1 62  ? -0.982  -10.484 -0.682  1.00 25.86 ? 62  VAL A C   1 
ATOM   465  O O   . VAL A 1 62  ? -1.151  -10.777 -1.868  1.00 25.49 ? 62  VAL A O   1 
ATOM   466  C CB  . VAL A 1 62  ? 1.515   -10.078 -0.887  1.00 25.94 ? 62  VAL A CB  1 
ATOM   467  C CG1 . VAL A 1 62  ? 1.317   -8.578  -1.034  1.00 25.15 ? 62  VAL A CG1 1 
ATOM   468  C CG2 . VAL A 1 62  ? 2.880   -10.393 -0.278  1.00 26.64 ? 62  VAL A CG2 1 
ATOM   469  N N   . ALA A 1 63  ? -1.954  -9.999  0.094   1.00 25.75 ? 63  ALA A N   1 
ATOM   470  C CA  . ALA A 1 63  ? -3.298  -9.698  -0.426  1.00 26.18 ? 63  ALA A CA  1 
ATOM   471  C C   . ALA A 1 63  ? -3.252  -8.606  -1.492  1.00 26.18 ? 63  ALA A C   1 
ATOM   472  O O   . ALA A 1 63  ? -3.921  -8.697  -2.523  1.00 26.79 ? 63  ALA A O   1 
ATOM   473  C CB  . ALA A 1 63  ? -4.233  -9.263  0.715   1.00 25.91 ? 63  ALA A CB  1 
ATOM   474  N N   . PHE A 1 64  ? -2.465  -7.569  -1.214  1.00 26.14 ? 64  PHE A N   1 
ATOM   475  C CA  . PHE A 1 64  ? -2.397  -6.393  -2.066  1.00 25.57 ? 64  PHE A CA  1 
ATOM   476  C C   . PHE A 1 64  ? -0.959  -5.865  -2.123  1.00 25.34 ? 64  PHE A C   1 
ATOM   477  O O   . PHE A 1 64  ? -0.418  -5.413  -1.118  1.00 25.38 ? 64  PHE A O   1 
ATOM   478  C CB  . PHE A 1 64  ? -3.346  -5.324  -1.529  1.00 25.75 ? 64  PHE A CB  1 
ATOM   479  C CG  . PHE A 1 64  ? -3.517  -4.130  -2.433  1.00 25.29 ? 64  PHE A CG  1 
ATOM   480  C CD1 . PHE A 1 64  ? -3.653  -4.278  -3.807  1.00 26.13 ? 64  PHE A CD1 1 
ATOM   481  C CD2 . PHE A 1 64  ? -3.576  -2.850  -1.894  1.00 27.01 ? 64  PHE A CD2 1 
ATOM   482  C CE1 . PHE A 1 64  ? -3.817  -3.167  -4.631  1.00 26.71 ? 64  PHE A CE1 1 
ATOM   483  C CE2 . PHE A 1 64  ? -3.747  -1.736  -2.710  1.00 27.15 ? 64  PHE A CE2 1 
ATOM   484  C CZ  . PHE A 1 64  ? -3.867  -1.898  -4.079  1.00 26.46 ? 64  PHE A CZ  1 
ATOM   485  N N   . HIS A 1 65  ? -0.372  -5.967  -3.310  1.00 25.10 ? 65  HIS A N   1 
ATOM   486  C CA  . HIS A 1 65  ? 0.957   -5.449  -3.639  1.00 24.92 ? 65  HIS A CA  1 
ATOM   487  C C   . HIS A 1 65  ? 0.698   -4.232  -4.520  1.00 24.91 ? 65  HIS A C   1 
ATOM   488  O O   . HIS A 1 65  ? 0.069   -4.354  -5.570  1.00 24.79 ? 65  HIS A O   1 
ATOM   489  C CB  . HIS A 1 65  ? 1.743   -6.549  -4.364  1.00 24.84 ? 65  HIS A CB  1 
ATOM   490  C CG  . HIS A 1 65  ? 3.026   -6.106  -5.002  1.00 25.64 ? 65  HIS A CG  1 
ATOM   491  N ND1 . HIS A 1 65  ? 4.174   -5.857  -4.282  1.00 24.72 ? 65  HIS A ND1 1 
ATOM   492  C CD2 . HIS A 1 65  ? 3.351   -5.928  -6.305  1.00 26.15 ? 65  HIS A CD2 1 
ATOM   493  C CE1 . HIS A 1 65  ? 5.148   -5.529  -5.116  1.00 27.05 ? 65  HIS A CE1 1 
ATOM   494  N NE2 . HIS A 1 65  ? 4.675   -5.567  -6.349  1.00 26.34 ? 65  HIS A NE2 1 
ATOM   495  N N   . PHE A 1 66  ? 1.146   -3.062  -4.057  1.00 24.52 ? 66  PHE A N   1 
ATOM   496  C CA  . PHE A 1 66  ? 0.906   -1.771  -4.709  1.00 24.55 ? 66  PHE A CA  1 
ATOM   497  C C   . PHE A 1 66  ? 2.277   -1.177  -5.027  1.00 24.31 ? 66  PHE A C   1 
ATOM   498  O O   . PHE A 1 66  ? 3.012   -0.803  -4.109  1.00 23.92 ? 66  PHE A O   1 
ATOM   499  C CB  . PHE A 1 66  ? 0.120   -0.863  -3.753  1.00 24.38 ? 66  PHE A CB  1 
ATOM   500  C CG  . PHE A 1 66  ? -0.119  0.532   -4.273  1.00 25.85 ? 66  PHE A CG  1 
ATOM   501  C CD1 . PHE A 1 66  ? -1.218  0.811   -5.082  1.00 25.30 ? 66  PHE A CD1 1 
ATOM   502  C CD2 . PHE A 1 66  ? 0.746   1.569   -3.943  1.00 26.35 ? 66  PHE A CD2 1 
ATOM   503  C CE1 . PHE A 1 66  ? -1.444  2.110   -5.555  1.00 26.60 ? 66  PHE A CE1 1 
ATOM   504  C CE2 . PHE A 1 66  ? 0.531   2.858   -4.414  1.00 26.96 ? 66  PHE A CE2 1 
ATOM   505  C CZ  . PHE A 1 66  ? -0.574  3.128   -5.221  1.00 26.75 ? 66  PHE A CZ  1 
ATOM   506  N N   . ASN A 1 67  ? 2.618   -1.098  -6.315  1.00 24.16 ? 67  ASN A N   1 
ATOM   507  C CA  . ASN A 1 67  ? 4.009   -0.898  -6.726  1.00 24.39 ? 67  ASN A CA  1 
ATOM   508  C C   . ASN A 1 67  ? 4.176   0.191   -7.794  1.00 24.14 ? 67  ASN A C   1 
ATOM   509  O O   . ASN A 1 67  ? 4.143   -0.103  -8.996  1.00 24.50 ? 67  ASN A O   1 
ATOM   510  C CB  . ASN A 1 67  ? 4.572   -2.248  -7.180  1.00 24.48 ? 67  ASN A CB  1 
ATOM   511  C CG  . ASN A 1 67  ? 5.910   -2.147  -7.888  1.00 25.73 ? 67  ASN A CG  1 
ATOM   512  O OD1 . ASN A 1 67  ? 6.137   -2.853  -8.869  1.00 28.79 ? 67  ASN A OD1 1 
ATOM   513  N ND2 . ASN A 1 67  ? 6.811   -1.302  -7.384  1.00 27.64 ? 67  ASN A ND2 1 
ATOM   514  N N   . PRO A 1 68  ? 4.366   1.452   -7.352  1.00 24.02 ? 68  PRO A N   1 
ATOM   515  C CA  . PRO A 1 68  ? 4.676   2.517   -8.294  1.00 24.03 ? 68  PRO A CA  1 
ATOM   516  C C   . PRO A 1 68  ? 6.049   2.329   -8.907  1.00 23.90 ? 68  PRO A C   1 
ATOM   517  O O   . PRO A 1 68  ? 7.013   1.985   -8.205  1.00 23.60 ? 68  PRO A O   1 
ATOM   518  C CB  . PRO A 1 68  ? 4.626   3.781   -7.427  1.00 23.80 ? 68  PRO A CB  1 
ATOM   519  C CG  . PRO A 1 68  ? 3.722   3.422   -6.307  1.00 23.99 ? 68  PRO A CG  1 
ATOM   520  C CD  . PRO A 1 68  ? 4.086   1.998   -6.014  1.00 23.88 ? 68  PRO A CD  1 
ATOM   521  N N   . ARG A 1 69  ? 6.121   2.522   -10.216 1.00 24.06 ? 69  ARG A N   1 
ATOM   522  C CA  . ARG A 1 69  ? 7.383   2.434   -10.956 1.00 24.43 ? 69  ARG A CA  1 
ATOM   523  C C   . ARG A 1 69  ? 7.572   3.735   -11.711 1.00 24.84 ? 69  ARG A C   1 
ATOM   524  O O   . ARG A 1 69  ? 6.622   4.263   -12.276 1.00 24.28 ? 69  ARG A O   1 
ATOM   525  C CB  . ARG A 1 69  ? 7.343   1.262   -11.924 1.00 24.60 ? 69  ARG A CB  1 
ATOM   526  C CG  . ARG A 1 69  ? 7.172   -0.062  -11.225 1.00 25.31 ? 69  ARG A CG  1 
ATOM   527  C CD  . ARG A 1 69  ? 7.190   -1.211  -12.198 1.00 27.84 ? 69  ARG A CD  1 
ATOM   528  N NE  . ARG A 1 69  ? 6.882   -2.465  -11.515 1.00 29.93 ? 69  ARG A NE  1 
ATOM   529  C CZ  . ARG A 1 69  ? 6.795   -3.652  -12.108 1.00 30.64 ? 69  ARG A CZ  1 
ATOM   530  N NH1 . ARG A 1 69  ? 6.990   -3.770  -13.417 1.00 32.52 ? 69  ARG A NH1 1 
ATOM   531  N NH2 . ARG A 1 69  ? 6.502   -4.728  -11.381 1.00 30.66 ? 69  ARG A NH2 1 
ATOM   532  N N   . PHE A 1 70  ? 8.799   4.242   -11.729 1.00 25.86 ? 70  PHE A N   1 
ATOM   533  C CA  . PHE A 1 70  ? 9.041   5.612   -12.178 1.00 26.78 ? 70  PHE A CA  1 
ATOM   534  C C   . PHE A 1 70  ? 9.729   5.738   -13.542 1.00 27.51 ? 70  PHE A C   1 
ATOM   535  O O   . PHE A 1 70  ? 9.849   6.846   -14.075 1.00 27.03 ? 70  PHE A O   1 
ATOM   536  C CB  . PHE A 1 70  ? 9.832   6.354   -11.097 1.00 26.93 ? 70  PHE A CB  1 
ATOM   537  C CG  . PHE A 1 70  ? 9.072   6.520   -9.802  1.00 28.35 ? 70  PHE A CG  1 
ATOM   538  C CD1 . PHE A 1 70  ? 9.040   5.504   -8.863  1.00 29.30 ? 70  PHE A CD1 1 
ATOM   539  C CD2 . PHE A 1 70  ? 8.393   7.699   -9.526  1.00 31.09 ? 70  PHE A CD2 1 
ATOM   540  C CE1 . PHE A 1 70  ? 8.317   5.639   -7.667  1.00 29.05 ? 70  PHE A CE1 1 
ATOM   541  C CE2 . PHE A 1 70  ? 7.685   7.856   -8.326  1.00 31.04 ? 70  PHE A CE2 1 
ATOM   542  C CZ  . PHE A 1 70  ? 7.641   6.811   -7.403  1.00 30.34 ? 70  PHE A CZ  1 
ATOM   543  N N   . LYS A 1 71  ? 10.175  4.619   -14.112 1.00 28.64 ? 71  LYS A N   1 
ATOM   544  C CA  . LYS A 1 71  ? 10.848  4.643   -15.417 1.00 29.72 ? 71  LYS A CA  1 
ATOM   545  C C   . LYS A 1 71  ? 9.978   5.346   -16.471 1.00 30.28 ? 71  LYS A C   1 
ATOM   546  O O   . LYS A 1 71  ? 8.785   5.049   -16.610 1.00 30.13 ? 71  LYS A O   1 
ATOM   547  C CB  . LYS A 1 71  ? 11.220  3.219   -15.863 1.00 30.08 ? 71  LYS A CB  1 
ATOM   548  C CG  . LYS A 1 71  ? 11.843  3.128   -17.263 1.00 31.59 ? 71  LYS A CG  1 
ATOM   549  C CD  . LYS A 1 71  ? 12.729  1.891   -17.418 1.00 33.60 ? 71  LYS A CD  1 
ATOM   550  C CE  . LYS A 1 71  ? 11.941  0.596   -17.314 1.00 35.72 ? 71  LYS A CE  1 
ATOM   551  N NZ  . LYS A 1 71  ? 12.840  -0.602  -17.427 1.00 37.67 ? 71  LYS A NZ  1 
ATOM   552  N N   . ARG A 1 72  ? 10.584  6.291   -17.190 1.00 30.87 ? 72  ARG A N   1 
ATOM   553  C CA  . ARG A 1 72  ? 9.893   7.061   -18.226 1.00 31.67 ? 72  ARG A CA  1 
ATOM   554  C C   . ARG A 1 72  ? 8.623   7.727   -17.697 1.00 30.94 ? 72  ARG A C   1 
ATOM   555  O O   . ARG A 1 72  ? 8.686   8.439   -16.695 1.00 30.87 ? 72  ARG A O   1 
ATOM   556  C CB  . ARG A 1 72  ? 9.584   6.170   -19.432 1.00 32.41 ? 72  ARG A CB  1 
ATOM   557  C CG  . ARG A 1 72  ? 10.780  5.490   -20.009 1.00 35.73 ? 72  ARG A CG  1 
ATOM   558  C CD  . ARG A 1 72  ? 10.555  5.078   -21.460 1.00 38.99 ? 72  ARG A CD  1 
ATOM   559  N NE  . ARG A 1 72  ? 11.813  5.228   -22.165 1.00 42.88 ? 72  ARG A NE  1 
ATOM   560  C CZ  . ARG A 1 72  ? 12.813  4.350   -22.136 1.00 45.45 ? 72  ARG A CZ  1 
ATOM   561  N NH1 . ARG A 1 72  ? 12.705  3.194   -21.473 1.00 46.69 ? 72  ARG A NH1 1 
ATOM   562  N NH2 . ARG A 1 72  ? 13.928  4.627   -22.803 1.00 46.12 ? 72  ARG A NH2 1 
ATOM   563  N N   . ALA A 1 73  ? 7.478   7.491   -18.348 1.00 30.14 ? 73  ALA A N   1 
ATOM   564  C CA  . ALA A 1 73  ? 6.206   8.115   -17.955 1.00 29.64 ? 73  ALA A CA  1 
ATOM   565  C C   . ALA A 1 73  ? 5.560   7.447   -16.736 1.00 29.05 ? 73  ALA A C   1 
ATOM   566  O O   . ALA A 1 73  ? 4.621   7.986   -16.163 1.00 29.06 ? 73  ALA A O   1 
ATOM   567  C CB  . ALA A 1 73  ? 5.228   8.126   -19.134 1.00 30.01 ? 73  ALA A CB  1 
ATOM   568  N N   . GLY A 1 74  ? 6.062   6.272   -16.353 1.00 28.35 ? 74  GLY A N   1 
ATOM   569  C CA  . GLY A 1 74  ? 5.698   5.639   -15.087 1.00 27.92 ? 74  GLY A CA  1 
ATOM   570  C C   . GLY A 1 74  ? 4.442   4.791   -15.164 1.00 27.34 ? 74  GLY A C   1 
ATOM   571  O O   . GLY A 1 74  ? 3.676   4.876   -16.124 1.00 26.99 ? 74  GLY A O   1 
ATOM   572  N N   . CYS A 1 75  ? 4.244   3.970   -14.137 1.00 26.59 ? 75  CYS A N   1 
ATOM   573  C CA  . CYS A 1 75  ? 3.027   3.182   -13.984 1.00 26.14 ? 75  CYS A CA  1 
ATOM   574  C C   . CYS A 1 75  ? 2.863   2.729   -12.532 1.00 25.67 ? 75  CYS A C   1 
ATOM   575  O O   . CYS A 1 75  ? 3.726   2.990   -11.696 1.00 25.02 ? 75  CYS A O   1 
ATOM   576  C CB  . CYS A 1 75  ? 3.060   1.965   -14.909 1.00 25.92 ? 75  CYS A CB  1 
ATOM   577  S SG  . CYS A 1 75  ? 4.380   0.791   -14.569 1.00 28.00 ? 75  CYS A SG  1 
ATOM   578  N N   . ILE A 1 76  ? 1.738   2.081   -12.233 1.00 25.32 ? 76  ILE A N   1 
ATOM   579  C CA  . ILE A 1 76  ? 1.547   1.426   -10.936 1.00 25.53 ? 76  ILE A CA  1 
ATOM   580  C C   . ILE A 1 76  ? 1.182   -0.020  -11.238 1.00 25.51 ? 76  ILE A C   1 
ATOM   581  O O   . ILE A 1 76  ? 0.284   -0.280  -12.041 1.00 25.73 ? 76  ILE A O   1 
ATOM   582  C CB  . ILE A 1 76  ? 0.443   2.089   -10.084 1.00 25.39 ? 76  ILE A CB  1 
ATOM   583  C CG1 . ILE A 1 76  ? 0.689   3.594   -9.925  1.00 26.52 ? 76  ILE A CG1 1 
ATOM   584  C CG2 . ILE A 1 76  ? 0.343   1.433   -8.704  1.00 26.15 ? 76  ILE A CG2 1 
ATOM   585  C CD1 . ILE A 1 76  ? -0.538  4.356   -9.424  1.00 25.97 ? 76  ILE A CD1 1 
ATOM   586  N N   . VAL A 1 77  ? 1.903   -0.950  -10.621 1.00 25.41 ? 77  VAL A N   1 
ATOM   587  C CA  . VAL A 1 77  ? 1.638   -2.373  -10.781 1.00 25.74 ? 77  VAL A CA  1 
ATOM   588  C C   . VAL A 1 77  ? 0.992   -2.899  -9.499  1.00 26.02 ? 77  VAL A C   1 
ATOM   589  O O   . VAL A 1 77  ? 1.491   -2.654  -8.397  1.00 25.97 ? 77  VAL A O   1 
ATOM   590  C CB  . VAL A 1 77  ? 2.939   -3.132  -11.105 1.00 25.51 ? 77  VAL A CB  1 
ATOM   591  C CG1 . VAL A 1 77  ? 2.704   -4.648  -11.116 1.00 25.83 ? 77  VAL A CG1 1 
ATOM   592  C CG2 . VAL A 1 77  ? 3.502   -2.645  -12.448 1.00 25.46 ? 77  VAL A CG2 1 
ATOM   593  N N   . CYS A 1 78  ? -0.139  -3.593  -9.642  1.00 26.34 ? 78  CYS A N   1 
ATOM   594  C CA  . CYS A 1 78  ? -0.812  -4.208  -8.500  1.00 26.40 ? 78  CYS A CA  1 
ATOM   595  C C   . CYS A 1 78  ? -0.923  -5.721  -8.713  1.00 26.42 ? 78  CYS A C   1 
ATOM   596  O O   . CYS A 1 78  ? -1.087  -6.194  -9.836  1.00 25.85 ? 78  CYS A O   1 
ATOM   597  C CB  . CYS A 1 78  ? -2.194  -3.589  -8.269  1.00 26.62 ? 78  CYS A CB  1 
ATOM   598  S SG  . CYS A 1 78  ? -2.190  -1.860  -7.735  1.00 28.37 ? 78  CYS A SG  1 
ATOM   599  N N   . ASN A 1 79  ? -0.802  -6.481  -7.628  1.00 26.40 ? 79  ASN A N   1 
ATOM   600  C CA  . ASN A 1 79  ? -0.829  -7.933  -7.714  1.00 26.39 ? 79  ASN A CA  1 
ATOM   601  C C   . ASN A 1 79  ? -1.105  -8.538  -6.340  1.00 26.34 ? 79  ASN A C   1 
ATOM   602  O O   . ASN A 1 79  ? -1.260  -7.815  -5.355  1.00 26.51 ? 79  ASN A O   1 
ATOM   603  C CB  . ASN A 1 79  ? 0.501   -8.462  -8.297  1.00 26.26 ? 79  ASN A CB  1 
ATOM   604  C CG  . ASN A 1 79  ? 0.345   -9.785  -9.054  1.00 27.49 ? 79  ASN A CG  1 
ATOM   605  O OD1 . ASN A 1 79  ? -0.727  -10.408 -9.045  1.00 28.92 ? 79  ASN A OD1 1 
ATOM   606  N ND2 . ASN A 1 79  ? 1.421   -10.223 -9.703  1.00 25.95 ? 79  ASN A ND2 1 
ATOM   607  N N   . THR A 1 80  ? -1.197  -9.864  -6.309  1.00 26.79 ? 80  THR A N   1 
ATOM   608  C CA  . THR A 1 80  ? -1.433  -10.638 -5.096  1.00 26.59 ? 80  THR A CA  1 
ATOM   609  C C   . THR A 1 80  ? -0.509  -11.849 -5.133  1.00 26.65 ? 80  THR A C   1 
ATOM   610  O O   . THR A 1 80  ? -0.285  -12.430 -6.187  1.00 26.32 ? 80  THR A O   1 
ATOM   611  C CB  . THR A 1 80  ? -2.906  -11.110 -5.031  1.00 27.10 ? 80  THR A CB  1 
ATOM   612  O OG1 . THR A 1 80  ? -3.761  -9.974  -4.853  1.00 27.65 ? 80  THR A OG1 1 
ATOM   613  C CG2 . THR A 1 80  ? -3.144  -12.112 -3.888  1.00 26.52 ? 80  THR A CG2 1 
ATOM   614  N N   . LEU A 1 81  ? 0.024   -12.227 -3.979  1.00 26.94 ? 81  LEU A N   1 
ATOM   615  C CA  . LEU A 1 81  ? 0.839   -13.425 -3.870  1.00 27.54 ? 81  LEU A CA  1 
ATOM   616  C C   . LEU A 1 81  ? 0.126   -14.416 -2.954  1.00 27.86 ? 81  LEU A C   1 
ATOM   617  O O   . LEU A 1 81  ? -0.212  -14.092 -1.825  1.00 27.26 ? 81  LEU A O   1 
ATOM   618  C CB  . LEU A 1 81  ? 2.236   -13.096 -3.333  1.00 27.77 ? 81  LEU A CB  1 
ATOM   619  C CG  . LEU A 1 81  ? 3.187   -14.295 -3.213  1.00 28.54 ? 81  LEU A CG  1 
ATOM   620  C CD1 . LEU A 1 81  ? 4.473   -14.096 -4.008  1.00 28.42 ? 81  LEU A CD1 1 
ATOM   621  C CD2 . LEU A 1 81  ? 3.487   -14.576 -1.749  1.00 29.09 ? 81  LEU A CD2 1 
ATOM   622  N N   . ILE A 1 82  ? -0.110  -15.615 -3.472  1.00 29.11 ? 82  ILE A N   1 
ATOM   623  C CA  . ILE A 1 82  ? -0.789  -16.678 -2.725  1.00 30.29 ? 82  ILE A CA  1 
ATOM   624  C C   . ILE A 1 82  ? 0.056   -17.934 -2.814  1.00 30.72 ? 82  ILE A C   1 
ATOM   625  O O   . ILE A 1 82  ? 0.473   -18.329 -3.906  1.00 30.59 ? 82  ILE A O   1 
ATOM   626  C CB  . ILE A 1 82  ? -2.170  -17.002 -3.330  1.00 30.59 ? 82  ILE A CB  1 
ATOM   627  C CG1 . ILE A 1 82  ? -3.120  -15.816 -3.179  1.00 31.20 ? 82  ILE A CG1 1 
ATOM   628  C CG2 . ILE A 1 82  ? -2.761  -18.258 -2.665  1.00 31.21 ? 82  ILE A CG2 1 
ATOM   629  C CD1 . ILE A 1 82  ? -4.339  -15.890 -4.085  1.00 32.78 ? 82  ILE A CD1 1 
ATOM   630  N N   . ASN A 1 83  ? 0.305   -18.560 -1.667  1.00 31.61 ? 83  ASN A N   1 
ATOM   631  C CA  . ASN A 1 83  ? 1.100   -19.785 -1.607  1.00 32.23 ? 83  ASN A CA  1 
ATOM   632  C C   . ASN A 1 83  ? 2.394   -19.661 -2.421  1.00 32.53 ? 83  ASN A C   1 
ATOM   633  O O   . ASN A 1 83  ? 2.730   -20.513 -3.249  1.00 31.96 ? 83  ASN A O   1 
ATOM   634  C CB  . ASN A 1 83  ? 0.239   -20.990 -2.026  1.00 32.64 ? 83  ASN A CB  1 
ATOM   635  C CG  . ASN A 1 83  ? -0.989  -21.155 -1.137  1.00 34.12 ? 83  ASN A CG  1 
ATOM   636  O OD1 . ASN A 1 83  ? -0.964  -20.787 0.046   1.00 37.44 ? 83  ASN A OD1 1 
ATOM   637  N ND2 . ASN A 1 83  ? -2.077  -21.683 -1.702  1.00 35.96 ? 83  ASN A ND2 1 
ATOM   638  N N   . GLU A 1 84  ? 3.095   -18.554 -2.167  1.00 32.92 ? 84  GLU A N   1 
ATOM   639  C CA  . GLU A 1 84  ? 4.420   -18.266 -2.727  1.00 33.49 ? 84  GLU A CA  1 
ATOM   640  C C   . GLU A 1 84  ? 4.454   -17.992 -4.228  1.00 33.16 ? 84  GLU A C   1 
ATOM   641  O O   . GLU A 1 84  ? 5.525   -17.996 -4.833  1.00 33.61 ? 84  GLU A O   1 
ATOM   642  C CB  . GLU A 1 84  ? 5.402   -19.387 -2.384  1.00 33.92 ? 84  GLU A CB  1 
ATOM   643  C CG  . GLU A 1 84  ? 5.375   -19.770 -0.923  1.00 36.01 ? 84  GLU A CG  1 
ATOM   644  C CD  . GLU A 1 84  ? 6.720   -20.235 -0.438  1.00 38.91 ? 84  GLU A CD  1 
ATOM   645  O OE1 . GLU A 1 84  ? 7.616   -19.377 -0.253  1.00 41.86 ? 84  GLU A OE1 1 
ATOM   646  O OE2 . GLU A 1 84  ? 6.877   -21.455 -0.246  1.00 40.89 ? 84  GLU A OE2 1 
ATOM   647  N N   . LYS A 1 85  ? 3.299   -17.727 -4.825  1.00 32.92 ? 85  LYS A N   1 
ATOM   648  C CA  . LYS A 1 85  ? 3.237   -17.495 -6.263  1.00 33.01 ? 85  LYS A CA  1 
ATOM   649  C C   . LYS A 1 85  ? 2.449   -16.218 -6.559  1.00 32.16 ? 85  LYS A C   1 
ATOM   650  O O   . LYS A 1 85  ? 1.331   -16.030 -6.073  1.00 31.13 ? 85  LYS A O   1 
ATOM   651  C CB  . LYS A 1 85  ? 2.610   -18.701 -6.973  1.00 33.41 ? 85  LYS A CB  1 
ATOM   652  C CG  . LYS A 1 85  ? 3.378   -20.011 -6.781  1.00 35.38 ? 85  LYS A CG  1 
ATOM   653  C CD  . LYS A 1 85  ? 2.586   -21.219 -7.279  1.00 38.47 ? 85  LYS A CD  1 
ATOM   654  C CE  . LYS A 1 85  ? 3.100   -22.531 -6.661  1.00 40.08 ? 85  LYS A CE  1 
ATOM   655  N NZ  . LYS A 1 85  ? 2.683   -22.674 -5.224  1.00 41.40 ? 85  LYS A NZ  1 
ATOM   656  N N   . TRP A 1 86  ? 3.062   -15.336 -7.346  1.00 31.56 ? 86  TRP A N   1 
ATOM   657  C CA  . TRP A 1 86  ? 2.404   -14.122 -7.814  1.00 31.35 ? 86  TRP A CA  1 
ATOM   658  C C   . TRP A 1 86  ? 1.337   -14.445 -8.839  1.00 31.71 ? 86  TRP A C   1 
ATOM   659  O O   . TRP A 1 86  ? 1.505   -15.361 -9.640  1.00 31.79 ? 86  TRP A O   1 
ATOM   660  C CB  . TRP A 1 86  ? 3.420   -13.170 -8.443  1.00 31.12 ? 86  TRP A CB  1 
ATOM   661  C CG  . TRP A 1 86  ? 4.260   -12.511 -7.435  1.00 29.64 ? 86  TRP A CG  1 
ATOM   662  C CD1 . TRP A 1 86  ? 5.579   -12.746 -7.179  1.00 29.66 ? 86  TRP A CD1 1 
ATOM   663  C CD2 . TRP A 1 86  ? 3.835   -11.519 -6.503  1.00 28.37 ? 86  TRP A CD2 1 
ATOM   664  N NE1 . TRP A 1 86  ? 6.006   -11.940 -6.154  1.00 29.26 ? 86  TRP A NE1 1 
ATOM   665  C CE2 . TRP A 1 86  ? 4.954   -11.178 -5.718  1.00 28.06 ? 86  TRP A CE2 1 
ATOM   666  C CE3 . TRP A 1 86  ? 2.615   -10.873 -6.260  1.00 27.33 ? 86  TRP A CE3 1 
ATOM   667  C CZ2 . TRP A 1 86  ? 4.891   -10.227 -4.707  1.00 26.81 ? 86  TRP A CZ2 1 
ATOM   668  C CZ3 . TRP A 1 86  ? 2.557   -9.927  -5.255  1.00 27.04 ? 86  TRP A CZ3 1 
ATOM   669  C CH2 . TRP A 1 86  ? 3.692   -9.611  -4.492  1.00 25.64 ? 86  TRP A CH2 1 
ATOM   670  N N   . GLY A 1 87  ? 0.243   -13.693 -8.794  1.00 32.18 ? 87  GLY A N   1 
ATOM   671  C CA  . GLY A 1 87  ? -0.812  -13.786 -9.792  1.00 32.63 ? 87  GLY A CA  1 
ATOM   672  C C   . GLY A 1 87  ? -0.462  -12.935 -10.996 1.00 33.26 ? 87  GLY A C   1 
ATOM   673  O O   . GLY A 1 87  ? 0.698   -12.536 -11.174 1.00 32.88 ? 87  GLY A O   1 
ATOM   674  N N   . ARG A 1 88  ? -1.456  -12.679 -11.841 1.00 33.73 ? 88  ARG A N   1 
ATOM   675  C CA  . ARG A 1 88  ? -1.268  -11.808 -12.994 1.00 34.18 ? 88  ARG A CA  1 
ATOM   676  C C   . ARG A 1 88  ? -1.477  -10.361 -12.562 1.00 33.65 ? 88  ARG A C   1 
ATOM   677  O O   . ARG A 1 88  ? -2.508  -10.009 -11.988 1.00 32.95 ? 88  ARG A O   1 
ATOM   678  C CB  . ARG A 1 88  ? -2.227  -12.183 -14.126 1.00 34.98 ? 88  ARG A CB  1 
ATOM   679  C CG  . ARG A 1 88  ? -1.769  -11.714 -15.492 1.00 36.94 ? 88  ARG A CG  1 
ATOM   680  C CD  . ARG A 1 88  ? -0.614  -12.554 -16.021 1.00 40.13 ? 88  ARG A CD  1 
ATOM   681  N NE  . ARG A 1 88  ? 0.151   -11.838 -17.040 1.00 42.54 ? 88  ARG A NE  1 
ATOM   682  C CZ  . ARG A 1 88  ? 1.269   -12.292 -17.613 1.00 43.97 ? 88  ARG A CZ  1 
ATOM   683  N NH1 . ARG A 1 88  ? 1.779   -13.477 -17.281 1.00 44.32 ? 88  ARG A NH1 1 
ATOM   684  N NH2 . ARG A 1 88  ? 1.883   -11.549 -18.534 1.00 44.68 ? 88  ARG A NH2 1 
ATOM   685  N N   . GLU A 1 89  ? -0.474  -9.530  -12.838 1.00 33.32 ? 89  GLU A N   1 
ATOM   686  C CA  . GLU A 1 89  ? -0.468  -8.134  -12.408 1.00 33.36 ? 89  GLU A CA  1 
ATOM   687  C C   . GLU A 1 89  ? -1.548  -7.293  -13.101 1.00 32.60 ? 89  GLU A C   1 
ATOM   688  O O   . GLU A 1 89  ? -1.905  -7.561  -14.247 1.00 32.43 ? 89  GLU A O   1 
ATOM   689  C CB  . GLU A 1 89  ? 0.916   -7.526  -12.688 1.00 33.73 ? 89  GLU A CB  1 
ATOM   690  C CG  . GLU A 1 89  ? 1.236   -7.427  -14.178 1.00 36.52 ? 89  GLU A CG  1 
ATOM   691  C CD  . GLU A 1 89  ? 2.670   -7.765  -14.525 1.00 40.53 ? 89  GLU A CD  1 
ATOM   692  O OE1 . GLU A 1 89  ? 3.598   -7.265  -13.832 1.00 42.60 ? 89  GLU A OE1 1 
ATOM   693  O OE2 . GLU A 1 89  ? 2.865   -8.522  -15.508 1.00 42.00 ? 89  GLU A OE2 1 
ATOM   694  N N   . GLU A 1 90  ? -2.057  -6.285  -12.395 1.00 31.79 ? 90  GLU A N   1 
ATOM   695  C CA  . GLU A 1 90  ? -2.923  -5.258  -12.981 1.00 31.80 ? 90  GLU A CA  1 
ATOM   696  C C   . GLU A 1 90  ? -2.135  -3.950  -13.059 1.00 31.47 ? 90  GLU A C   1 
ATOM   697  O O   . GLU A 1 90  ? -1.759  -3.394  -12.027 1.00 31.51 ? 90  GLU A O   1 
ATOM   698  C CB  . GLU A 1 90  ? -4.181  -5.051  -12.136 1.00 31.60 ? 90  GLU A CB  1 
ATOM   699  C CG  . GLU A 1 90  ? -5.142  -6.239  -12.149 1.00 32.71 ? 90  GLU A CG  1 
ATOM   700  C CD  . GLU A 1 90  ? -6.290  -6.094  -11.166 1.00 32.76 ? 90  GLU A CD  1 
ATOM   701  O OE1 . GLU A 1 90  ? -6.709  -4.955  -10.865 1.00 34.58 ? 90  GLU A OE1 1 
ATOM   702  O OE2 . GLU A 1 90  ? -6.777  -7.133  -10.681 1.00 34.26 ? 90  GLU A OE2 1 
ATOM   703  N N   . ILE A 1 91  ? -1.895  -3.461  -14.273 1.00 31.17 ? 91  ILE A N   1 
ATOM   704  C CA  . ILE A 1 91  ? -1.072  -2.264  -14.468 1.00 31.02 ? 91  ILE A CA  1 
ATOM   705  C C   . ILE A 1 91  ? -1.944  -1.029  -14.741 1.00 31.16 ? 91  ILE A C   1 
ATOM   706  O O   . ILE A 1 91  ? -2.852  -1.061  -15.576 1.00 30.66 ? 91  ILE A O   1 
ATOM   707  C CB  . ILE A 1 91  ? -0.041  -2.464  -15.598 1.00 31.10 ? 91  ILE A CB  1 
ATOM   708  C CG1 . ILE A 1 91  ? 0.779   -3.736  -15.360 1.00 31.59 ? 91  ILE A CG1 1 
ATOM   709  C CG2 . ILE A 1 91  ? 0.907   -1.265  -15.685 1.00 30.43 ? 91  ILE A CG2 1 
ATOM   710  C CD1 . ILE A 1 91  ? 1.814   -4.010  -16.449 1.00 32.53 ? 91  ILE A CD1 1 
ATOM   711  N N   . THR A 1 92  ? -1.676  0.041   -13.997 1.00 30.85 ? 92  THR A N   1 
ATOM   712  C CA  . THR A 1 92  ? -2.353  1.322   -14.169 1.00 31.14 ? 92  THR A CA  1 
ATOM   713  C C   . THR A 1 92  ? -1.331  2.294   -14.760 1.00 31.30 ? 92  THR A C   1 
ATOM   714  O O   . THR A 1 92  ? -0.255  2.480   -14.188 1.00 30.35 ? 92  THR A O   1 
ATOM   715  C CB  . THR A 1 92  ? -2.880  1.860   -12.825 1.00 30.82 ? 92  THR A CB  1 
ATOM   716  O OG1 . THR A 1 92  ? -3.953  1.029   -12.361 1.00 31.40 ? 92  THR A OG1 1 
ATOM   717  C CG2 . THR A 1 92  ? -3.387  3.293   -12.961 1.00 32.10 ? 92  THR A CG2 1 
ATOM   718  N N   . TYR A 1 93  ? -1.657  2.897   -15.904 1.00 31.55 ? 93  TYR A N   1 
ATOM   719  C CA  . TYR A 1 93  ? -0.744  3.838   -16.558 1.00 31.90 ? 93  TYR A CA  1 
ATOM   720  C C   . TYR A 1 93  ? -0.968  5.289   -16.180 1.00 32.16 ? 93  TYR A C   1 
ATOM   721  O O   . TYR A 1 93  ? -0.037  6.095   -16.281 1.00 32.46 ? 93  TYR A O   1 
ATOM   722  C CB  . TYR A 1 93  ? -0.776  3.652   -18.078 1.00 32.29 ? 93  TYR A CB  1 
ATOM   723  C CG  . TYR A 1 93  ? -0.217  2.313   -18.445 1.00 32.75 ? 93  TYR A CG  1 
ATOM   724  C CD1 . TYR A 1 93  ? 1.143   2.062   -18.339 1.00 33.64 ? 93  TYR A CD1 1 
ATOM   725  C CD2 . TYR A 1 93  ? -1.052  1.273   -18.831 1.00 34.03 ? 93  TYR A CD2 1 
ATOM   726  C CE1 . TYR A 1 93  ? 1.666   0.819   -18.642 1.00 34.27 ? 93  TYR A CE1 1 
ATOM   727  C CE2 . TYR A 1 93  ? -0.539  0.027   -19.137 1.00 35.05 ? 93  TYR A CE2 1 
ATOM   728  C CZ  . TYR A 1 93  ? 0.818   -0.192  -19.039 1.00 34.72 ? 93  TYR A CZ  1 
ATOM   729  O OH  . TYR A 1 93  ? 1.328   -1.427  -19.331 1.00 36.11 ? 93  TYR A OH  1 
ATOM   730  N N   . ASP A 1 94  ? -2.175  5.629   -15.735 1.00 32.12 ? 94  ASP A N   1 
ATOM   731  C CA  . ASP A 1 94  ? -2.442  6.977   -15.245 1.00 32.57 ? 94  ASP A CA  1 
ATOM   732  C C   . ASP A 1 94  ? -1.972  7.071   -13.791 1.00 31.35 ? 94  ASP A C   1 
ATOM   733  O O   . ASP A 1 94  ? -2.709  6.734   -12.859 1.00 32.03 ? 94  ASP A O   1 
ATOM   734  C CB  . ASP A 1 94  ? -3.929  7.332   -15.369 1.00 33.32 ? 94  ASP A CB  1 
ATOM   735  C CG  . ASP A 1 94  ? -4.204  8.806   -15.118 1.00 36.21 ? 94  ASP A CG  1 
ATOM   736  O OD1 . ASP A 1 94  ? -3.239  9.582   -14.916 1.00 40.36 ? 94  ASP A OD1 1 
ATOM   737  O OD2 . ASP A 1 94  ? -5.392  9.195   -15.122 1.00 39.85 ? 94  ASP A OD2 1 
ATOM   738  N N   . THR A 1 95  ? -0.739  7.538   -13.612 1.00 30.17 ? 95  THR A N   1 
ATOM   739  C CA  . THR A 1 95  ? -0.086  7.560   -12.300 1.00 28.99 ? 95  THR A CA  1 
ATOM   740  C C   . THR A 1 95  ? 0.205   8.992   -11.850 1.00 28.95 ? 95  THR A C   1 
ATOM   741  O O   . THR A 1 95  ? 0.663   9.806   -12.641 1.00 28.42 ? 95  THR A O   1 
ATOM   742  C CB  . THR A 1 95  ? 1.234   6.739   -12.295 1.00 29.04 ? 95  THR A CB  1 
ATOM   743  O OG1 . THR A 1 95  ? 1.884   6.891   -11.031 1.00 26.48 ? 95  THR A OG1 1 
ATOM   744  C CG2 . THR A 1 95  ? 2.190   7.188   -13.416 1.00 27.55 ? 95  THR A CG2 1 
ATOM   745  N N   . PRO A 1 96  ? -0.083  9.309   -10.574 1.00 28.70 ? 96  PRO A N   1 
ATOM   746  C CA  . PRO A 1 96  ? 0.231   10.645  -10.056 1.00 28.70 ? 96  PRO A CA  1 
ATOM   747  C C   . PRO A 1 96  ? 1.642   10.747  -9.471  1.00 28.81 ? 96  PRO A C   1 
ATOM   748  O O   . PRO A 1 96  ? 2.077   11.842  -9.107  1.00 28.74 ? 96  PRO A O   1 
ATOM   749  C CB  . PRO A 1 96  ? -0.810  10.830  -8.954  1.00 28.93 ? 96  PRO A CB  1 
ATOM   750  C CG  . PRO A 1 96  ? -1.022  9.471   -8.428  1.00 28.47 ? 96  PRO A CG  1 
ATOM   751  C CD  . PRO A 1 96  ? -0.848  8.519   -9.594  1.00 28.47 ? 96  PRO A CD  1 
ATOM   752  N N   . PHE A 1 97  ? 2.352   9.622   -9.387  1.00 28.26 ? 97  PHE A N   1 
ATOM   753  C CA  . PHE A 1 97  ? 3.665   9.598   -8.747  1.00 28.04 ? 97  PHE A CA  1 
ATOM   754  C C   . PHE A 1 97  ? 4.744   10.205  -9.635  1.00 28.23 ? 97  PHE A C   1 
ATOM   755  O O   . PHE A 1 97  ? 4.781   9.955   -10.846 1.00 27.99 ? 97  PHE A O   1 
ATOM   756  C CB  . PHE A 1 97  ? 4.053   8.167   -8.378  1.00 27.97 ? 97  PHE A CB  1 
ATOM   757  C CG  . PHE A 1 97  ? 3.156   7.552   -7.345  1.00 27.31 ? 97  PHE A CG  1 
ATOM   758  C CD1 . PHE A 1 97  ? 3.347   7.826   -5.994  1.00 27.86 ? 97  PHE A CD1 1 
ATOM   759  C CD2 . PHE A 1 97  ? 2.112   6.710   -7.717  1.00 26.91 ? 97  PHE A CD2 1 
ATOM   760  C CE1 . PHE A 1 97  ? 2.514   7.271   -5.036  1.00 27.63 ? 97  PHE A CE1 1 
ATOM   761  C CE2 . PHE A 1 97  ? 1.276   6.150   -6.762  1.00 25.63 ? 97  PHE A CE2 1 
ATOM   762  C CZ  . PHE A 1 97  ? 1.476   6.425   -5.425  1.00 26.65 ? 97  PHE A CZ  1 
ATOM   763  N N   . LYS A 1 98  ? 5.607   11.005  -9.016  1.00 28.28 ? 98  LYS A N   1 
ATOM   764  C CA  . LYS A 1 98  ? 6.812   11.532  -9.659  1.00 28.95 ? 98  LYS A CA  1 
ATOM   765  C C   . LYS A 1 98  ? 7.945   11.533  -8.646  1.00 28.83 ? 98  LYS A C   1 
ATOM   766  O O   . LYS A 1 98  ? 7.702   11.704  -7.446  1.00 28.13 ? 98  LYS A O   1 
ATOM   767  C CB  . LYS A 1 98  ? 6.593   12.964  -10.142 1.00 29.34 ? 98  LYS A CB  1 
ATOM   768  C CG  . LYS A 1 98  ? 5.588   13.116  -11.258 1.00 31.88 ? 98  LYS A CG  1 
ATOM   769  C CD  . LYS A 1 98  ? 5.582   14.539  -11.820 1.00 35.68 ? 98  LYS A CD  1 
ATOM   770  C CE  . LYS A 1 98  ? 6.915   14.919  -12.496 1.00 37.63 ? 98  LYS A CE  1 
ATOM   771  N NZ  . LYS A 1 98  ? 7.411   13.880  -13.460 1.00 38.64 ? 98  LYS A NZ  1 
ATOM   772  N N   . ARG A 1 99  ? 9.172   11.344  -9.126  1.00 28.98 ? 99  ARG A N   1 
ATOM   773  C CA  . ARG A 1 99  ? 10.354  11.445  -8.280  1.00 29.92 ? 99  ARG A CA  1 
ATOM   774  C C   . ARG A 1 99  ? 10.383  12.829  -7.619  1.00 30.50 ? 99  ARG A C   1 
ATOM   775  O O   . ARG A 1 99  ? 10.110  13.830  -8.271  1.00 30.05 ? 99  ARG A O   1 
ATOM   776  C CB  . ARG A 1 99  ? 11.637  11.224  -9.102  1.00 29.96 ? 99  ARG A CB  1 
ATOM   777  C CG  . ARG A 1 99  ? 11.788  9.828   -9.687  1.00 30.18 ? 99  ARG A CG  1 
ATOM   778  C CD  . ARG A 1 99  ? 13.156  9.640   -10.340 1.00 30.01 ? 99  ARG A CD  1 
ATOM   779  N NE  . ARG A 1 99  ? 13.299  8.345   -11.005 1.00 29.86 ? 99  ARG A NE  1 
ATOM   780  C CZ  . ARG A 1 99  ? 12.970  8.087   -12.272 1.00 29.85 ? 99  ARG A CZ  1 
ATOM   781  N NH1 . ARG A 1 99  ? 12.466  9.033   -13.068 1.00 29.72 ? 99  ARG A NH1 1 
ATOM   782  N NH2 . ARG A 1 99  ? 13.147  6.866   -12.758 1.00 29.60 ? 99  ARG A NH2 1 
ATOM   783  N N   . GLU A 1 100 ? 10.675  12.865  -6.317  1.00 31.39 ? 100 GLU A N   1 
ATOM   784  C CA  . GLU A 1 100 ? 10.763  14.114  -5.535  1.00 32.13 ? 100 GLU A CA  1 
ATOM   785  C C   . GLU A 1 100 ? 9.419   14.829  -5.299  1.00 31.91 ? 100 GLU A C   1 
ATOM   786  O O   . GLU A 1 100 ? 9.397   15.924  -4.736  1.00 32.24 ? 100 GLU A O   1 
ATOM   787  C CB  . GLU A 1 100 ? 11.799  15.093  -6.141  1.00 32.70 ? 100 GLU A CB  1 
ATOM   788  C CG  . GLU A 1 100 ? 13.184  14.479  -6.360  1.00 35.49 ? 100 GLU A CG  1 
ATOM   789  C CD  . GLU A 1 100 ? 14.181  15.444  -7.007  1.00 38.42 ? 100 GLU A CD  1 
ATOM   790  O OE1 . GLU A 1 100 ? 14.305  16.589  -6.533  1.00 40.75 ? 100 GLU A OE1 1 
ATOM   791  O OE2 . GLU A 1 100 ? 14.845  15.051  -7.991  1.00 41.64 ? 100 GLU A OE2 1 
ATOM   792  N N   . LYS A 1 101 ? 8.309   14.209  -5.707  1.00 31.31 ? 101 LYS A N   1 
ATOM   793  C CA  . LYS A 1 101 ? 6.971   14.755  -5.497  1.00 31.02 ? 101 LYS A CA  1 
ATOM   794  C C   . LYS A 1 101 ? 6.318   13.939  -4.382  1.00 30.50 ? 101 LYS A C   1 
ATOM   795  O O   . LYS A 1 101 ? 6.356   12.710  -4.406  1.00 29.86 ? 101 LYS A O   1 
ATOM   796  C CB  . LYS A 1 101 ? 6.161   14.658  -6.795  1.00 31.34 ? 101 LYS A CB  1 
ATOM   797  C CG  . LYS A 1 101 ? 4.733   15.179  -6.750  1.00 32.69 ? 101 LYS A CG  1 
ATOM   798  C CD  . LYS A 1 101 ? 3.999   14.830  -8.067  1.00 34.50 ? 101 LYS A CD  1 
ATOM   799  C CE  . LYS A 1 101 ? 2.526   15.218  -8.051  1.00 35.62 ? 101 LYS A CE  1 
ATOM   800  N NZ  . LYS A 1 101 ? 1.777   14.633  -9.215  1.00 36.12 ? 101 LYS A NZ  1 
ATOM   801  N N   . SER A 1 102 ? 5.733   14.614  -3.401  1.00 30.02 ? 102 SER A N   1 
ATOM   802  C CA  . SER A 1 102 ? 5.172   13.909  -2.254  1.00 29.91 ? 102 SER A CA  1 
ATOM   803  C C   . SER A 1 102 ? 3.802   13.325  -2.565  1.00 29.50 ? 102 SER A C   1 
ATOM   804  O O   . SER A 1 102 ? 3.095   13.789  -3.470  1.00 29.84 ? 102 SER A O   1 
ATOM   805  C CB  . SER A 1 102 ? 5.129   14.824  -1.036  1.00 30.31 ? 102 SER A CB  1 
ATOM   806  O OG  . SER A 1 102 ? 6.455   15.037  -0.571  1.00 31.02 ? 102 SER A OG  1 
ATOM   807  N N   . PHE A 1 103 ? 3.443   12.286  -1.822  1.00 28.63 ? 103 PHE A N   1 
ATOM   808  C CA  . PHE A 1 103 ? 2.173   11.604  -2.008  1.00 28.39 ? 103 PHE A CA  1 
ATOM   809  C C   . PHE A 1 103 ? 1.521   11.322  -0.664  1.00 28.30 ? 103 PHE A C   1 
ATOM   810  O O   . PHE A 1 103 ? 2.198   11.062  0.332   1.00 27.92 ? 103 PHE A O   1 
ATOM   811  C CB  . PHE A 1 103 ? 2.353   10.286  -2.789  1.00 28.21 ? 103 PHE A CB  1 
ATOM   812  C CG  . PHE A 1 103 ? 3.454   9.403   -2.254  1.00 27.84 ? 103 PHE A CG  1 
ATOM   813  C CD1 . PHE A 1 103 ? 3.263   8.645   -1.105  1.00 27.61 ? 103 PHE A CD1 1 
ATOM   814  C CD2 . PHE A 1 103 ? 4.686   9.333   -2.898  1.00 27.68 ? 103 PHE A CD2 1 
ATOM   815  C CE1 . PHE A 1 103 ? 4.282   7.840   -0.599  1.00 27.81 ? 103 PHE A CE1 1 
ATOM   816  C CE2 . PHE A 1 103 ? 5.711   8.525   -2.396  1.00 28.06 ? 103 PHE A CE2 1 
ATOM   817  C CZ  . PHE A 1 103 ? 5.504   7.779   -1.249  1.00 27.24 ? 103 PHE A CZ  1 
ATOM   818  N N   . GLU A 1 104 ? 0.200   11.402  -0.651  1.00 28.28 ? 104 GLU A N   1 
ATOM   819  C CA  . GLU A 1 104 ? -0.602  10.867  0.431   1.00 28.49 ? 104 GLU A CA  1 
ATOM   820  C C   . GLU A 1 104 ? -1.433  9.743   -0.165  1.00 28.12 ? 104 GLU A C   1 
ATOM   821  O O   . GLU A 1 104 ? -2.444  9.997   -0.841  1.00 28.20 ? 104 GLU A O   1 
ATOM   822  C CB  . GLU A 1 104 ? -1.501  11.948  1.012   1.00 28.67 ? 104 GLU A CB  1 
ATOM   823  C CG  . GLU A 1 104 ? -2.489  11.451  2.050   1.00 30.70 ? 104 GLU A CG  1 
ATOM   824  C CD  . GLU A 1 104 ? -3.490  12.519  2.405   1.00 33.27 ? 104 GLU A CD  1 
ATOM   825  O OE1 . GLU A 1 104 ? -4.467  12.686  1.642   1.00 36.25 ? 104 GLU A OE1 1 
ATOM   826  O OE2 . GLU A 1 104 ? -3.288  13.196  3.430   1.00 34.61 ? 104 GLU A OE2 1 
ATOM   827  N N   . ILE A 1 105 ? -0.994  8.511   0.073   1.00 27.36 ? 105 ILE A N   1 
ATOM   828  C CA  . ILE A 1 105 ? -1.684  7.323   -0.409  1.00 27.38 ? 105 ILE A CA  1 
ATOM   829  C C   . ILE A 1 105 ? -2.757  6.942   0.602   1.00 27.86 ? 105 ILE A C   1 
ATOM   830  O O   . ILE A 1 105 ? -2.456  6.690   1.770   1.00 27.58 ? 105 ILE A O   1 
ATOM   831  C CB  . ILE A 1 105 ? -0.724  6.115   -0.574  1.00 26.86 ? 105 ILE A CB  1 
ATOM   832  C CG1 . ILE A 1 105 ? 0.367   6.408   -1.620  1.00 25.87 ? 105 ILE A CG1 1 
ATOM   833  C CG2 . ILE A 1 105 ? -1.503  4.867   -0.961  1.00 27.02 ? 105 ILE A CG2 1 
ATOM   834  C CD1 . ILE A 1 105 ? 1.553   5.441   -1.565  1.00 23.78 ? 105 ILE A CD1 1 
ATOM   835  N N   . VAL A 1 106 ? -4.006  6.913   0.152   1.00 28.28 ? 106 VAL A N   1 
ATOM   836  C CA  . VAL A 1 106 ? -5.110  6.471   0.990   1.00 28.80 ? 106 VAL A CA  1 
ATOM   837  C C   . VAL A 1 106 ? -5.672  5.179   0.410   1.00 29.10 ? 106 VAL A C   1 
ATOM   838  O O   . VAL A 1 106 ? -6.239  5.176   -0.686  1.00 28.96 ? 106 VAL A O   1 
ATOM   839  C CB  . VAL A 1 106 ? -6.231  7.528   1.089   1.00 28.81 ? 106 VAL A CB  1 
ATOM   840  C CG1 . VAL A 1 106 ? -7.350  7.013   1.983   1.00 29.57 ? 106 VAL A CG1 1 
ATOM   841  C CG2 . VAL A 1 106 ? -5.695  8.857   1.617   1.00 28.66 ? 106 VAL A CG2 1 
ATOM   842  N N   . ILE A 1 107 ? -5.498  4.084   1.145   1.00 29.86 ? 107 ILE A N   1 
ATOM   843  C CA  . ILE A 1 107 ? -6.028  2.786   0.759   1.00 30.53 ? 107 ILE A CA  1 
ATOM   844  C C   . ILE A 1 107 ? -7.299  2.567   1.572   1.00 31.70 ? 107 ILE A C   1 
ATOM   845  O O   . ILE A 1 107 ? -7.234  2.431   2.797   1.00 31.33 ? 107 ILE A O   1 
ATOM   846  C CB  . ILE A 1 107 ? -5.023  1.646   1.066   1.00 30.37 ? 107 ILE A CB  1 
ATOM   847  C CG1 . ILE A 1 107 ? -3.688  1.888   0.341   1.00 30.63 ? 107 ILE A CG1 1 
ATOM   848  C CG2 . ILE A 1 107 ? -5.607  0.293   0.672   1.00 30.19 ? 107 ILE A CG2 1 
ATOM   849  C CD1 . ILE A 1 107 ? -2.549  1.045   0.869   1.00 30.07 ? 107 ILE A CD1 1 
ATOM   850  N N   . MET A 1 108 ? -8.450  2.562   0.901   1.00 33.07 ? 108 MET A N   1 
ATOM   851  C CA  . MET A 1 108 ? -9.714  2.267   1.578   1.00 34.48 ? 108 MET A CA  1 
ATOM   852  C C   . MET A 1 108 ? -10.141 0.842   1.267   1.00 35.01 ? 108 MET A C   1 
ATOM   853  O O   . MET A 1 108 ? -10.215 0.446   0.112   1.00 35.18 ? 108 MET A O   1 
ATOM   854  C CB  . MET A 1 108 ? -10.818 3.252   1.184   1.00 34.67 ? 108 MET A CB  1 
ATOM   855  C CG  . MET A 1 108 ? -12.121 3.017   1.961   1.00 36.31 ? 108 MET A CG  1 
ATOM   856  S SD  . MET A 1 108 ? -13.358 4.317   1.767   1.00 40.03 ? 108 MET A SD  1 
ATOM   857  C CE  . MET A 1 108 ? -13.554 4.324   -0.012  1.00 38.65 ? 108 MET A CE  1 
ATOM   858  N N   . VAL A 1 109 ? -10.410 0.073   2.315   1.00 36.28 ? 109 VAL A N   1 
ATOM   859  C CA  . VAL A 1 109 ? -10.834 -1.312  2.164   1.00 37.25 ? 109 VAL A CA  1 
ATOM   860  C C   . VAL A 1 109 ? -12.354 -1.339  2.104   1.00 38.03 ? 109 VAL A C   1 
ATOM   861  O O   . VAL A 1 109 ? -13.022 -0.835  3.004   1.00 38.30 ? 109 VAL A O   1 
ATOM   862  C CB  . VAL A 1 109 ? -10.349 -2.193  3.333   1.00 37.27 ? 109 VAL A CB  1 
ATOM   863  C CG1 . VAL A 1 109 ? -10.693 -3.650  3.078   1.00 37.38 ? 109 VAL A CG1 1 
ATOM   864  C CG2 . VAL A 1 109 ? -8.851  -2.031  3.537   1.00 37.52 ? 109 VAL A CG2 1 
ATOM   865  N N   . LEU A 1 110 ? -12.884 -1.883  1.016   1.00 38.88 ? 110 LEU A N   1 
ATOM   866  C CA  . LEU A 1 110 ? -14.315 -2.098  0.864   1.00 39.76 ? 110 LEU A CA  1 
ATOM   867  C C   . LEU A 1 110 ? -14.562 -3.602  0.886   1.00 40.16 ? 110 LEU A C   1 
ATOM   868  O O   . LEU A 1 110 ? -13.612 -4.394  0.937   1.00 40.21 ? 110 LEU A O   1 
ATOM   869  C CB  . LEU A 1 110 ? -14.821 -1.480  -0.444  1.00 39.77 ? 110 LEU A CB  1 
ATOM   870  C CG  . LEU A 1 110 ? -14.506 0.002   -0.664  1.00 40.21 ? 110 LEU A CG  1 
ATOM   871  C CD1 . LEU A 1 110 ? -14.951 0.438   -2.047  1.00 40.56 ? 110 LEU A CD1 1 
ATOM   872  C CD2 . LEU A 1 110 ? -15.147 0.867   0.416   1.00 40.93 ? 110 LEU A CD2 1 
ATOM   873  N N   . LYS A 1 111 ? -15.832 -3.995  0.850   1.00 40.74 ? 111 LYS A N   1 
ATOM   874  C CA  . LYS A 1 111 ? -16.198 -5.413  0.933   1.00 41.00 ? 111 LYS A CA  1 
ATOM   875  C C   . LYS A 1 111 ? -15.612 -6.247  -0.210  1.00 40.63 ? 111 LYS A C   1 
ATOM   876  O O   . LYS A 1 111 ? -15.206 -7.390  0.005   1.00 40.77 ? 111 LYS A O   1 
ATOM   877  C CB  . LYS A 1 111 ? -17.729 -5.593  0.997   1.00 41.35 ? 111 LYS A CB  1 
ATOM   878  C CG  . LYS A 1 111 ? -18.515 -5.000  -0.183  1.00 42.83 ? 111 LYS A CG  1 
ATOM   879  C CD  . LYS A 1 111 ? -20.028 -5.264  -0.068  1.00 44.73 ? 111 LYS A CD  1 
ATOM   880  C CE  . LYS A 1 111 ? -20.470 -6.471  -0.898  1.00 45.70 ? 111 LYS A CE  1 
ATOM   881  N NZ  . LYS A 1 111 ? -19.831 -7.745  -0.470  1.00 46.87 ? 111 LYS A NZ  1 
ATOM   882  N N   . ASP A 1 112 ? -15.549 -5.662  -1.406  1.00 40.12 ? 112 ASP A N   1 
ATOM   883  C CA  . ASP A 1 112 ? -15.155 -6.389  -2.616  1.00 39.85 ? 112 ASP A CA  1 
ATOM   884  C C   . ASP A 1 112 ? -13.833 -5.937  -3.254  1.00 38.95 ? 112 ASP A C   1 
ATOM   885  O O   . ASP A 1 112 ? -13.348 -6.582  -4.180  1.00 38.68 ? 112 ASP A O   1 
ATOM   886  C CB  . ASP A 1 112 ? -16.260 -6.282  -3.665  1.00 40.20 ? 112 ASP A CB  1 
ATOM   887  C CG  . ASP A 1 112 ? -16.563 -4.843  -4.062  1.00 41.52 ? 112 ASP A CG  1 
ATOM   888  O OD1 . ASP A 1 112 ? -16.394 -3.927  -3.223  1.00 42.49 ? 112 ASP A OD1 1 
ATOM   889  O OD2 . ASP A 1 112 ? -16.991 -4.634  -5.215  1.00 44.34 ? 112 ASP A OD2 1 
ATOM   890  N N   . LYS A 1 113 ? -13.261 -4.839  -2.777  1.00 37.97 ? 113 LYS A N   1 
ATOM   891  C CA  . LYS A 1 113 ? -12.090 -4.261  -3.432  1.00 37.37 ? 113 LYS A CA  1 
ATOM   892  C C   . LYS A 1 113 ? -11.377 -3.273  -2.531  1.00 36.24 ? 113 LYS A C   1 
ATOM   893  O O   . LYS A 1 113 ? -11.920 -2.844  -1.505  1.00 35.96 ? 113 LYS A O   1 
ATOM   894  C CB  . LYS A 1 113 ? -12.517 -3.543  -4.723  1.00 37.43 ? 113 LYS A CB  1 
ATOM   895  C CG  . LYS A 1 113 ? -13.463 -2.359  -4.489  1.00 38.67 ? 113 LYS A CG  1 
ATOM   896  C CD  . LYS A 1 113 ? -14.133 -1.890  -5.779  1.00 40.78 ? 113 LYS A CD  1 
ATOM   897  C CE  . LYS A 1 113 ? -15.127 -0.775  -5.500  1.00 42.25 ? 113 LYS A CE  1 
ATOM   898  N NZ  . LYS A 1 113 ? -15.884 -0.332  -6.717  1.00 44.18 ? 113 LYS A NZ  1 
ATOM   899  N N   . PHE A 1 114 ? -10.152 -2.930  -2.925  1.00 35.07 ? 114 PHE A N   1 
ATOM   900  C CA  . PHE A 1 114 ? -9.454  -1.763  -2.397  1.00 34.23 ? 114 PHE A CA  1 
ATOM   901  C C   . PHE A 1 114 ? -9.717  -0.590  -3.337  1.00 33.56 ? 114 PHE A C   1 
ATOM   902  O O   . PHE A 1 114 ? -9.715  -0.750  -4.552  1.00 33.71 ? 114 PHE A O   1 
ATOM   903  C CB  . PHE A 1 114 ? -7.936  -1.996  -2.320  1.00 33.86 ? 114 PHE A CB  1 
ATOM   904  C CG  . PHE A 1 114 ? -7.536  -3.133  -1.428  1.00 32.37 ? 114 PHE A CG  1 
ATOM   905  C CD1 . PHE A 1 114 ? -7.432  -2.956  -0.056  1.00 32.00 ? 114 PHE A CD1 1 
ATOM   906  C CD2 . PHE A 1 114 ? -7.255  -4.380  -1.961  1.00 32.15 ? 114 PHE A CD2 1 
ATOM   907  C CE1 . PHE A 1 114 ? -7.056  -4.016  0.773   1.00 31.39 ? 114 PHE A CE1 1 
ATOM   908  C CE2 . PHE A 1 114 ? -6.880  -5.441  -1.137  1.00 32.80 ? 114 PHE A CE2 1 
ATOM   909  C CZ  . PHE A 1 114 ? -6.786  -5.252  0.229   1.00 30.89 ? 114 PHE A CZ  1 
ATOM   910  N N   . GLN A 1 115 ? -9.958  0.577   -2.757  1.00 33.21 ? 115 GLN A N   1 
ATOM   911  C CA  . GLN A 1 115 ? -10.016 1.831   -3.496  1.00 33.03 ? 115 GLN A CA  1 
ATOM   912  C C   . GLN A 1 115 ? -8.824  2.663   -3.044  1.00 31.92 ? 115 GLN A C   1 
ATOM   913  O O   . GLN A 1 115 ? -8.673  2.933   -1.851  1.00 32.12 ? 115 GLN A O   1 
ATOM   914  C CB  . GLN A 1 115 ? -11.325 2.552   -3.190  1.00 33.34 ? 115 GLN A CB  1 
ATOM   915  C CG  . GLN A 1 115 ? -11.448 3.959   -3.772  1.00 35.57 ? 115 GLN A CG  1 
ATOM   916  C CD  . GLN A 1 115 ? -12.881 4.457   -3.760  1.00 38.10 ? 115 GLN A CD  1 
ATOM   917  O OE1 . GLN A 1 115 ? -13.825 3.669   -3.868  1.00 39.21 ? 115 GLN A OE1 1 
ATOM   918  N NE2 . GLN A 1 115 ? -13.056 5.767   -3.621  1.00 40.32 ? 115 GLN A NE2 1 
ATOM   919  N N   . VAL A 1 116 ? -7.979  3.059   -3.991  1.00 30.81 ? 116 VAL A N   1 
ATOM   920  C CA  . VAL A 1 116 ? -6.776  3.830   -3.684  1.00 30.05 ? 116 VAL A CA  1 
ATOM   921  C C   . VAL A 1 116 ? -6.853  5.241   -4.266  1.00 29.92 ? 116 VAL A C   1 
ATOM   922  O O   . VAL A 1 116 ? -7.118  5.412   -5.457  1.00 29.83 ? 116 VAL A O   1 
ATOM   923  C CB  . VAL A 1 116 ? -5.515  3.129   -4.226  1.00 29.96 ? 116 VAL A CB  1 
ATOM   924  C CG1 . VAL A 1 116 ? -4.263  3.910   -3.820  1.00 29.06 ? 116 VAL A CG1 1 
ATOM   925  C CG2 . VAL A 1 116 ? -5.449  1.697   -3.713  1.00 28.78 ? 116 VAL A CG2 1 
ATOM   926  N N   . ALA A 1 117 ? -6.623  6.236   -3.416  1.00 29.74 ? 117 ALA A N   1 
ATOM   927  C CA  . ALA A 1 117 ? -6.523  7.630   -3.834  1.00 29.86 ? 117 ALA A CA  1 
ATOM   928  C C   . ALA A 1 117 ? -5.153  8.175   -3.453  1.00 29.88 ? 117 ALA A C   1 
ATOM   929  O O   . ALA A 1 117 ? -4.546  7.722   -2.475  1.00 30.13 ? 117 ALA A O   1 
ATOM   930  C CB  . ALA A 1 117 ? -7.631  8.457   -3.184  1.00 29.74 ? 117 ALA A CB  1 
ATOM   931  N N   . VAL A 1 118 ? -4.657  9.127   -4.235  1.00 29.70 ? 118 VAL A N   1 
ATOM   932  C CA  . VAL A 1 118 ? -3.391  9.797   -3.940  1.00 29.76 ? 118 VAL A CA  1 
ATOM   933  C C   . VAL A 1 118 ? -3.595  11.301  -3.981  1.00 29.88 ? 118 VAL A C   1 
ATOM   934  O O   . VAL A 1 118 ? -4.074  11.838  -4.986  1.00 30.17 ? 118 VAL A O   1 
ATOM   935  C CB  . VAL A 1 118 ? -2.289  9.394   -4.933  1.00 30.02 ? 118 VAL A CB  1 
ATOM   936  C CG1 . VAL A 1 118 ? -0.999  10.171  -4.648  1.00 29.96 ? 118 VAL A CG1 1 
ATOM   937  C CG2 . VAL A 1 118 ? -2.057  7.888   -4.854  1.00 28.86 ? 118 VAL A CG2 1 
ATOM   938  N N   . ASN A 1 119 ? -3.241  11.976  -2.891  1.00 29.94 ? 119 ASN A N   1 
ATOM   939  C CA  . ASN A 1 119 ? -3.423  13.421  -2.775  1.00 30.58 ? 119 ASN A CA  1 
ATOM   940  C C   . ASN A 1 119 ? -4.863  13.837  -3.123  1.00 31.02 ? 119 ASN A C   1 
ATOM   941  O O   . ASN A 1 119 ? -5.081  14.761  -3.903  1.00 30.74 ? 119 ASN A O   1 
ATOM   942  C CB  . ASN A 1 119 ? -2.401  14.162  -3.656  1.00 30.61 ? 119 ASN A CB  1 
ATOM   943  C CG  . ASN A 1 119 ? -0.972  14.107  -3.093  1.00 30.93 ? 119 ASN A CG  1 
ATOM   944  O OD1 . ASN A 1 119 ? -0.726  13.516  -2.043  1.00 29.56 ? 119 ASN A OD1 1 
ATOM   945  N ND2 . ASN A 1 119 ? -0.035  14.739  -3.793  1.00 31.66 ? 119 ASN A ND2 1 
ATOM   946  N N   . GLY A 1 120 ? -5.829  13.117  -2.555  1.00 31.90 ? 120 GLY A N   1 
ATOM   947  C CA  . GLY A 1 120 ? -7.259  13.449  -2.678  1.00 32.33 ? 120 GLY A CA  1 
ATOM   948  C C   . GLY A 1 120 ? -7.932  13.159  -4.009  1.00 32.94 ? 120 GLY A C   1 
ATOM   949  O O   . GLY A 1 120 ? -9.086  13.548  -4.223  1.00 33.42 ? 120 GLY A O   1 
ATOM   950  N N   . LYS A 1 121 ? -7.225  12.477  -4.905  1.00 33.20 ? 121 LYS A N   1 
ATOM   951  C CA  . LYS A 1 121 ? -7.732  12.173  -6.237  1.00 33.65 ? 121 LYS A CA  1 
ATOM   952  C C   . LYS A 1 121 ? -7.699  10.658  -6.420  1.00 33.48 ? 121 LYS A C   1 
ATOM   953  O O   . LYS A 1 121 ? -6.709  10.014  -6.071  1.00 32.82 ? 121 LYS A O   1 
ATOM   954  C CB  . LYS A 1 121 ? -6.874  12.884  -7.288  1.00 34.05 ? 121 LYS A CB  1 
ATOM   955  C CG  . LYS A 1 121 ? -6.885  14.427  -7.150  1.00 35.69 ? 121 LYS A CG  1 
ATOM   956  C CD  . LYS A 1 121 ? -5.670  15.123  -7.808  1.00 38.02 ? 121 LYS A CD  1 
ATOM   957  C CE  . LYS A 1 121 ? -4.382  15.045  -6.969  1.00 37.72 ? 121 LYS A CE  1 
ATOM   958  N NZ  . LYS A 1 121 ? -4.186  16.226  -6.056  1.00 37.75 ? 121 LYS A NZ  1 
ATOM   959  N N   . HIS A 1 122 ? -8.785  10.086  -6.943  1.00 33.07 ? 122 HIS A N   1 
ATOM   960  C CA  . HIS A 1 122 ? -8.853  8.642   -7.168  1.00 32.76 ? 122 HIS A CA  1 
ATOM   961  C C   . HIS A 1 122 ? -7.717  8.187   -8.087  1.00 32.13 ? 122 HIS A C   1 
ATOM   962  O O   . HIS A 1 122 ? -7.388  8.871   -9.061  1.00 32.08 ? 122 HIS A O   1 
ATOM   963  C CB  . HIS A 1 122 ? -10.201 8.242   -7.771  1.00 33.20 ? 122 HIS A CB  1 
ATOM   964  C CG  . HIS A 1 122 ? -10.279 6.798   -8.158  1.00 33.40 ? 122 HIS A CG  1 
ATOM   965  N ND1 . HIS A 1 122 ? -10.440 5.790   -7.231  1.00 34.39 ? 122 HIS A ND1 1 
ATOM   966  C CD2 . HIS A 1 122 ? -10.212 6.193   -9.364  1.00 34.10 ? 122 HIS A CD2 1 
ATOM   967  C CE1 . HIS A 1 122 ? -10.468 4.626   -7.852  1.00 34.29 ? 122 HIS A CE1 1 
ATOM   968  N NE2 . HIS A 1 122 ? -10.325 4.842   -9.147  1.00 35.69 ? 122 HIS A NE2 1 
ATOM   969  N N   . THR A 1 123 ? -7.113  7.044   -7.758  1.00 30.99 ? 123 THR A N   1 
ATOM   970  C CA  . THR A 1 123 ? -6.010  6.494   -8.543  1.00 30.34 ? 123 THR A CA  1 
ATOM   971  C C   . THR A 1 123 ? -6.375  5.175   -9.200  1.00 29.88 ? 123 THR A C   1 
ATOM   972  O O   . THR A 1 123 ? -6.206  5.022   -10.405 1.00 29.86 ? 123 THR A O   1 
ATOM   973  C CB  . THR A 1 123 ? -4.752  6.282   -7.674  1.00 30.22 ? 123 THR A CB  1 
ATOM   974  O OG1 . THR A 1 123 ? -4.403  7.521   -7.060  1.00 29.96 ? 123 THR A OG1 1 
ATOM   975  C CG2 . THR A 1 123 ? -3.580  5.780   -8.524  1.00 28.93 ? 123 THR A CG2 1 
ATOM   976  N N   . LEU A 1 124 ? -6.861  4.225   -8.402  1.00 29.91 ? 124 LEU A N   1 
ATOM   977  C CA  . LEU A 1 124 ? -7.199  2.895   -8.900  1.00 30.06 ? 124 LEU A CA  1 
ATOM   978  C C   . LEU A 1 124 ? -8.070  2.074   -7.943  1.00 30.10 ? 124 LEU A C   1 
ATOM   979  O O   . LEU A 1 124 ? -8.225  2.396   -6.762  1.00 30.01 ? 124 LEU A O   1 
ATOM   980  C CB  . LEU A 1 124 ? -5.926  2.102   -9.265  1.00 29.59 ? 124 LEU A CB  1 
ATOM   981  C CG  . LEU A 1 124 ? -4.900  1.753   -8.176  1.00 29.96 ? 124 LEU A CG  1 
ATOM   982  C CD1 . LEU A 1 124 ? -5.390  0.638   -7.255  1.00 29.42 ? 124 LEU A CD1 1 
ATOM   983  C CD2 . LEU A 1 124 ? -3.569  1.352   -8.808  1.00 30.33 ? 124 LEU A CD2 1 
ATOM   984  N N   . LEU A 1 125 ? -8.653  1.022   -8.501  1.00 30.68 ? 125 LEU A N   1 
ATOM   985  C CA  . LEU A 1 125 ? -9.386  0.013   -7.751  1.00 30.89 ? 125 LEU A CA  1 
ATOM   986  C C   . LEU A 1 125 ? -8.683  -1.317  -7.957  1.00 30.64 ? 125 LEU A C   1 
ATOM   987  O O   . LEU A 1 125 ? -8.063  -1.547  -8.999  1.00 30.83 ? 125 LEU A O   1 
ATOM   988  C CB  . LEU A 1 125 ? -10.829 -0.104  -8.251  1.00 31.24 ? 125 LEU A CB  1 
ATOM   989  C CG  . LEU A 1 125 ? -11.722 1.134   -8.133  1.00 31.89 ? 125 LEU A CG  1 
ATOM   990  C CD1 . LEU A 1 125 ? -12.975 0.966   -8.993  1.00 34.12 ? 125 LEU A CD1 1 
ATOM   991  C CD2 . LEU A 1 125 ? -12.089 1.418   -6.681  1.00 32.67 ? 125 LEU A CD2 1 
ATOM   992  N N   . TYR A 1 126 ? -8.796  -2.195  -6.964  1.00 30.79 ? 126 TYR A N   1 
ATOM   993  C CA  . TYR A 1 126 ? -8.223  -3.536  -7.041  1.00 30.49 ? 126 TYR A CA  1 
ATOM   994  C C   . TYR A 1 126 ? -9.121  -4.503  -6.282  1.00 30.60 ? 126 TYR A C   1 
ATOM   995  O O   . TYR A 1 126 ? -9.296  -4.374  -5.074  1.00 30.08 ? 126 TYR A O   1 
ATOM   996  C CB  . TYR A 1 126 ? -6.825  -3.545  -6.430  1.00 30.60 ? 126 TYR A CB  1 
ATOM   997  C CG  . TYR A 1 126 ? -6.079  -4.837  -6.616  1.00 29.02 ? 126 TYR A CG  1 
ATOM   998  C CD1 . TYR A 1 126 ? -5.328  -5.064  -7.760  1.00 28.72 ? 126 TYR A CD1 1 
ATOM   999  C CD2 . TYR A 1 126 ? -6.101  -5.827  -5.637  1.00 29.99 ? 126 TYR A CD2 1 
ATOM   1000 C CE1 . TYR A 1 126 ? -4.637  -6.234  -7.940  1.00 28.69 ? 126 TYR A CE1 1 
ATOM   1001 C CE2 . TYR A 1 126 ? -5.403  -7.010  -5.804  1.00 29.60 ? 126 TYR A CE2 1 
ATOM   1002 C CZ  . TYR A 1 126 ? -4.667  -7.205  -6.957  1.00 29.46 ? 126 TYR A CZ  1 
ATOM   1003 O OH  . TYR A 1 126 ? -3.964  -8.365  -7.137  1.00 29.23 ? 126 TYR A OH  1 
ATOM   1004 N N   . GLY A 1 127 ? -9.688  -5.463  -7.002  1.00 31.61 ? 127 GLY A N   1 
ATOM   1005 C CA  . GLY A 1 127 ? -10.637 -6.405  -6.419  1.00 32.35 ? 127 GLY A CA  1 
ATOM   1006 C C   . GLY A 1 127 ? -9.912  -7.417  -5.561  1.00 32.78 ? 127 GLY A C   1 
ATOM   1007 O O   . GLY A 1 127 ? -8.802  -7.840  -5.897  1.00 32.98 ? 127 GLY A O   1 
ATOM   1008 N N   . HIS A 1 128 ? -10.535 -7.803  -4.452  1.00 33.46 ? 128 HIS A N   1 
ATOM   1009 C CA  . HIS A 1 128 ? -9.912  -8.740  -3.528  1.00 34.04 ? 128 HIS A CA  1 
ATOM   1010 C C   . HIS A 1 128 ? -9.696  -10.097 -4.184  1.00 34.34 ? 128 HIS A C   1 
ATOM   1011 O O   . HIS A 1 128 ? -10.554 -10.600 -4.922  1.00 34.59 ? 128 HIS A O   1 
ATOM   1012 C CB  . HIS A 1 128 ? -10.738 -8.893  -2.250  1.00 34.13 ? 128 HIS A CB  1 
ATOM   1013 C CG  . HIS A 1 128 ? -10.823 -7.645  -1.434  1.00 34.51 ? 128 HIS A CG  1 
ATOM   1014 N ND1 . HIS A 1 128 ? -9.717  -6.890  -1.107  1.00 35.03 ? 128 HIS A ND1 1 
ATOM   1015 C CD2 . HIS A 1 128 ? -11.883 -7.026  -0.864  1.00 34.22 ? 128 HIS A CD2 1 
ATOM   1016 C CE1 . HIS A 1 128 ? -10.095 -5.854  -0.381  1.00 35.10 ? 128 HIS A CE1 1 
ATOM   1017 N NE2 . HIS A 1 128 ? -11.404 -5.914  -0.216  1.00 35.57 ? 128 HIS A NE2 1 
ATOM   1018 N N   . ARG A 1 129 ? -8.509  -10.652 -3.964  1.00 34.55 ? 129 ARG A N   1 
ATOM   1019 C CA  . ARG A 1 129 ? -8.208  -12.026 -4.342  1.00 34.60 ? 129 ARG A CA  1 
ATOM   1020 C C   . ARG A 1 129 ? -8.017  -12.889 -3.093  1.00 34.97 ? 129 ARG A C   1 
ATOM   1021 O O   . ARG A 1 129 ? -8.114  -14.107 -3.162  1.00 35.19 ? 129 ARG A O   1 
ATOM   1022 C CB  . ARG A 1 129 ? -6.970  -12.072 -5.237  1.00 34.59 ? 129 ARG A CB  1 
ATOM   1023 C CG  . ARG A 1 129 ? -7.093  -11.216 -6.485  1.00 34.03 ? 129 ARG A CG  1 
ATOM   1024 C CD  . ARG A 1 129 ? -5.924  -11.424 -7.413  1.00 33.71 ? 129 ARG A CD  1 
ATOM   1025 N NE  . ARG A 1 129 ? -5.815  -10.367 -8.415  1.00 31.98 ? 129 ARG A NE  1 
ATOM   1026 C CZ  . ARG A 1 129 ? -4.800  -10.234 -9.271  1.00 31.89 ? 129 ARG A CZ  1 
ATOM   1027 N NH1 . ARG A 1 129 ? -3.770  -11.086 -9.260  1.00 31.62 ? 129 ARG A NH1 1 
ATOM   1028 N NH2 . ARG A 1 129 ? -4.805  -9.226  -10.135 1.00 30.95 ? 129 ARG A NH2 1 
ATOM   1029 N N   . ILE A 1 130 ? -7.741  -12.237 -1.964  1.00 35.49 ? 130 ILE A N   1 
ATOM   1030 C CA  . ILE A 1 130 ? -7.733  -12.856 -0.644  1.00 35.94 ? 130 ILE A CA  1 
ATOM   1031 C C   . ILE A 1 130 ? -8.695  -12.060 0.224   1.00 36.28 ? 130 ILE A C   1 
ATOM   1032 O O   . ILE A 1 130 ? -8.838  -10.848 0.038   1.00 36.45 ? 130 ILE A O   1 
ATOM   1033 C CB  . ILE A 1 130 ? -6.341  -12.762 0.031   1.00 35.92 ? 130 ILE A CB  1 
ATOM   1034 C CG1 . ILE A 1 130 ? -5.266  -13.427 -0.822  1.00 35.85 ? 130 ILE A CG1 1 
ATOM   1035 C CG2 . ILE A 1 130 ? -6.368  -13.392 1.425   1.00 36.67 ? 130 ILE A CG2 1 
ATOM   1036 C CD1 . ILE A 1 130 ? -3.877  -13.371 -0.189  1.00 36.05 ? 130 ILE A CD1 1 
ATOM   1037 N N   . GLY A 1 131 ? -9.341  -12.727 1.176   1.00 36.38 ? 131 GLY A N   1 
ATOM   1038 C CA  . GLY A 1 131 ? -10.189 -12.042 2.138   1.00 36.47 ? 131 GLY A CA  1 
ATOM   1039 C C   . GLY A 1 131 ? -9.390  -10.988 2.884   1.00 36.51 ? 131 GLY A C   1 
ATOM   1040 O O   . GLY A 1 131 ? -8.318  -11.290 3.407   1.00 36.63 ? 131 GLY A O   1 
ATOM   1041 N N   . PRO A 1 132 ? -9.891  -9.738  2.925   1.00 36.60 ? 132 PRO A N   1 
ATOM   1042 C CA  . PRO A 1 132 ? -9.148  -8.683  3.617   1.00 36.79 ? 132 PRO A CA  1 
ATOM   1043 C C   . PRO A 1 132 ? -9.088  -8.891  5.133   1.00 36.73 ? 132 PRO A C   1 
ATOM   1044 O O   . PRO A 1 132 ? -8.242  -8.299  5.802   1.00 36.44 ? 132 PRO A O   1 
ATOM   1045 C CB  . PRO A 1 132 ? -9.946  -7.418  3.282   1.00 36.89 ? 132 PRO A CB  1 
ATOM   1046 C CG  . PRO A 1 132 ? -11.322 -7.903  3.008   1.00 36.62 ? 132 PRO A CG  1 
ATOM   1047 C CD  . PRO A 1 132 ? -11.162 -9.236  2.366   1.00 36.51 ? 132 PRO A CD  1 
ATOM   1048 N N   . GLU A 1 133 ? -9.988  -9.723  5.665   1.00 36.95 ? 133 GLU A N   1 
ATOM   1049 C CA  . GLU A 1 133 ? -9.960  -10.087 7.081   1.00 37.01 ? 133 GLU A CA  1 
ATOM   1050 C C   . GLU A 1 133 ? -8.685  -10.850 7.465   1.00 36.59 ? 133 GLU A C   1 
ATOM   1051 O O   . GLU A 1 133 ? -8.338  -10.910 8.639   1.00 37.01 ? 133 GLU A O   1 
ATOM   1052 C CB  . GLU A 1 133 ? -11.216 -10.895 7.471   1.00 37.32 ? 133 GLU A CB  1 
ATOM   1053 C CG  . GLU A 1 133 ? -11.231 -12.379 7.053   1.00 38.38 ? 133 GLU A CG  1 
ATOM   1054 C CD  . GLU A 1 133 ? -11.602 -12.620 5.598   1.00 40.01 ? 133 GLU A CD  1 
ATOM   1055 O OE1 . GLU A 1 133 ? -11.981 -11.666 4.889   1.00 42.09 ? 133 GLU A OE1 1 
ATOM   1056 O OE2 . GLU A 1 133 ? -11.518 -13.787 5.160   1.00 41.70 ? 133 GLU A OE2 1 
ATOM   1057 N N   . LYS A 1 134 ? -7.991  -11.422 6.481   1.00 36.07 ? 134 LYS A N   1 
ATOM   1058 C CA  . LYS A 1 134 ? -6.744  -12.150 6.737   1.00 35.78 ? 134 LYS A CA  1 
ATOM   1059 C C   . LYS A 1 134 ? -5.518  -11.226 6.869   1.00 35.09 ? 134 LYS A C   1 
ATOM   1060 O O   . LYS A 1 134 ? -4.481  -11.636 7.399   1.00 34.97 ? 134 LYS A O   1 
ATOM   1061 C CB  . LYS A 1 134 ? -6.524  -13.209 5.656   1.00 35.95 ? 134 LYS A CB  1 
ATOM   1062 C CG  . LYS A 1 134 ? -7.605  -14.295 5.672   1.00 36.98 ? 134 LYS A CG  1 
ATOM   1063 C CD  . LYS A 1 134 ? -7.373  -15.364 4.621   1.00 38.32 ? 134 LYS A CD  1 
ATOM   1064 C CE  . LYS A 1 134 ? -8.564  -16.322 4.536   1.00 39.26 ? 134 LYS A CE  1 
ATOM   1065 N NZ  . LYS A 1 134 ? -8.438  -17.319 3.424   1.00 39.74 ? 134 LYS A NZ  1 
ATOM   1066 N N   . ILE A 1 135 ? -5.661  -9.975  6.428   1.00 34.07 ? 135 ILE A N   1 
ATOM   1067 C CA  . ILE A 1 135 ? -4.558  -9.011  6.428   1.00 33.16 ? 135 ILE A CA  1 
ATOM   1068 C C   . ILE A 1 135 ? -4.263  -8.470  7.826   1.00 32.53 ? 135 ILE A C   1 
ATOM   1069 O O   . ILE A 1 135 ? -5.137  -7.893  8.472   1.00 32.60 ? 135 ILE A O   1 
ATOM   1070 C CB  . ILE A 1 135 ? -4.875  -7.809  5.509   1.00 32.97 ? 135 ILE A CB  1 
ATOM   1071 C CG1 . ILE A 1 135 ? -5.004  -8.266  4.054   1.00 32.79 ? 135 ILE A CG1 1 
ATOM   1072 C CG2 . ILE A 1 135 ? -3.797  -6.731  5.652   1.00 32.25 ? 135 ILE A CG2 1 
ATOM   1073 C CD1 . ILE A 1 135 ? -5.681  -7.233  3.139   1.00 32.28 ? 135 ILE A CD1 1 
ATOM   1074 N N   . ASP A 1 136 ? -3.029  -8.644  8.291   1.00 31.51 ? 136 ASP A N   1 
ATOM   1075 C CA  . ASP A 1 136 ? -2.629  -8.092  9.588   1.00 31.04 ? 136 ASP A CA  1 
ATOM   1076 C C   . ASP A 1 136 ? -1.248  -7.435  9.605   1.00 29.97 ? 136 ASP A C   1 
ATOM   1077 O O   . ASP A 1 136 ? -0.781  -7.030  10.668  1.00 30.20 ? 136 ASP A O   1 
ATOM   1078 C CB  . ASP A 1 136 ? -2.693  -9.192  10.661  1.00 31.15 ? 136 ASP A CB  1 
ATOM   1079 C CG  . ASP A 1 136 ? -1.678  -10.303 10.425  1.00 32.13 ? 136 ASP A CG  1 
ATOM   1080 O OD1 . ASP A 1 136 ? -0.837  -10.171 9.504   1.00 31.28 ? 136 ASP A OD1 1 
ATOM   1081 O OD2 . ASP A 1 136 ? -1.730  -11.317 11.154  1.00 33.14 ? 136 ASP A OD2 1 
ATOM   1082 N N   . THR A 1 137 ? -0.599  -7.329  8.442   1.00 29.23 ? 137 THR A N   1 
ATOM   1083 C CA  . THR A 1 137 ? 0.776   -6.833  8.363   1.00 28.44 ? 137 THR A CA  1 
ATOM   1084 C C   . THR A 1 137 ? 0.964   -5.896  7.162   1.00 27.71 ? 137 THR A C   1 
ATOM   1085 O O   . THR A 1 137 ? 0.460   -6.157  6.071   1.00 27.43 ? 137 THR A O   1 
ATOM   1086 C CB  . THR A 1 137 ? 1.789   -8.004  8.268   1.00 28.54 ? 137 THR A CB  1 
ATOM   1087 O OG1 . THR A 1 137 ? 1.653   -8.855  9.417   1.00 28.56 ? 137 THR A OG1 1 
ATOM   1088 C CG2 . THR A 1 137 ? 3.218   -7.484  8.193   1.00 28.23 ? 137 THR A CG2 1 
ATOM   1089 N N   . LEU A 1 138 ? 1.697   -4.813  7.386   1.00 27.34 ? 138 LEU A N   1 
ATOM   1090 C CA  . LEU A 1 138 ? 2.006   -3.834  6.347   1.00 27.14 ? 138 LEU A CA  1 
ATOM   1091 C C   . LEU A 1 138 ? 3.505   -3.839  6.118   1.00 27.01 ? 138 LEU A C   1 
ATOM   1092 O O   . LEU A 1 138 ? 4.272   -3.651  7.066   1.00 26.79 ? 138 LEU A O   1 
ATOM   1093 C CB  . LEU A 1 138 ? 1.546   -2.439  6.780   1.00 27.27 ? 138 LEU A CB  1 
ATOM   1094 C CG  . LEU A 1 138 ? 2.002   -1.215  5.970   1.00 27.65 ? 138 LEU A CG  1 
ATOM   1095 C CD1 . LEU A 1 138 ? 1.386   -1.249  4.593   1.00 27.86 ? 138 LEU A CD1 1 
ATOM   1096 C CD2 . LEU A 1 138 ? 1.631   0.074   6.703   1.00 27.85 ? 138 LEU A CD2 1 
ATOM   1097 N N   . GLY A 1 139 ? 3.908   -4.054  4.868   1.00 26.49 ? 139 GLY A N   1 
ATOM   1098 C CA  . GLY A 1 139 ? 5.299   -3.970  4.470   1.00 26.55 ? 139 GLY A CA  1 
ATOM   1099 C C   . GLY A 1 139 ? 5.511   -2.826  3.497   1.00 26.72 ? 139 GLY A C   1 
ATOM   1100 O O   . GLY A 1 139 ? 4.677   -2.597  2.615   1.00 26.23 ? 139 GLY A O   1 
ATOM   1101 N N   . ILE A 1 140 ? 6.620   -2.106  3.663   1.00 26.58 ? 140 ILE A N   1 
ATOM   1102 C CA  . ILE A 1 140 ? 7.012   -1.041  2.735   1.00 26.75 ? 140 ILE A CA  1 
ATOM   1103 C C   . ILE A 1 140 ? 8.496   -1.196  2.440   1.00 26.98 ? 140 ILE A C   1 
ATOM   1104 O O   . ILE A 1 140 ? 9.322   -1.156  3.356   1.00 26.81 ? 140 ILE A O   1 
ATOM   1105 C CB  . ILE A 1 140 ? 6.757   0.375   3.289   1.00 26.39 ? 140 ILE A CB  1 
ATOM   1106 C CG1 . ILE A 1 140 ? 5.299   0.535   3.731   1.00 26.39 ? 140 ILE A CG1 1 
ATOM   1107 C CG2 . ILE A 1 140 ? 7.127   1.433   2.228   1.00 26.57 ? 140 ILE A CG2 1 
ATOM   1108 C CD1 . ILE A 1 140 ? 4.945   1.919   4.227   1.00 26.37 ? 140 ILE A CD1 1 
ATOM   1109 N N   . TYR A 1 141 ? 8.815   -1.387  1.164   1.00 27.52 ? 141 TYR A N   1 
ATOM   1110 C CA  . TYR A 1 141 ? 10.159  -1.741  0.733   1.00 28.73 ? 141 TYR A CA  1 
ATOM   1111 C C   . TYR A 1 141 ? 10.526  -0.926  -0.515  1.00 28.30 ? 141 TYR A C   1 
ATOM   1112 O O   . TYR A 1 141 ? 9.650   -0.568  -1.321  1.00 27.82 ? 141 TYR A O   1 
ATOM   1113 C CB  . TYR A 1 141 ? 10.238  -3.257  0.433   1.00 29.58 ? 141 TYR A CB  1 
ATOM   1114 C CG  . TYR A 1 141 ? 9.474   -4.150  1.418   1.00 33.69 ? 141 TYR A CG  1 
ATOM   1115 C CD1 . TYR A 1 141 ? 10.035  -4.506  2.651   1.00 37.37 ? 141 TYR A CD1 1 
ATOM   1116 C CD2 . TYR A 1 141 ? 8.196   -4.634  1.115   1.00 36.72 ? 141 TYR A CD2 1 
ATOM   1117 C CE1 . TYR A 1 141 ? 9.348   -5.312  3.560   1.00 38.12 ? 141 TYR A CE1 1 
ATOM   1118 C CE2 . TYR A 1 141 ? 7.494   -5.454  2.018   1.00 38.85 ? 141 TYR A CE2 1 
ATOM   1119 C CZ  . TYR A 1 141 ? 8.082   -5.791  3.239   1.00 39.89 ? 141 TYR A CZ  1 
ATOM   1120 O OH  . TYR A 1 141 ? 7.402   -6.601  4.139   1.00 42.58 ? 141 TYR A OH  1 
ATOM   1121 N N   . GLY A 1 142 ? 11.818  -0.640  -0.666  1.00 28.02 ? 142 GLY A N   1 
ATOM   1122 C CA  . GLY A 1 142 ? 12.344  0.054   -1.842  1.00 28.16 ? 142 GLY A CA  1 
ATOM   1123 C C   . GLY A 1 142 ? 12.907  1.423   -1.502  1.00 28.06 ? 142 GLY A C   1 
ATOM   1124 O O   . GLY A 1 142 ? 12.962  1.811   -0.332  1.00 27.91 ? 142 GLY A O   1 
ATOM   1125 N N   . LYS A 1 143 ? 13.341  2.150   -2.530  1.00 28.31 ? 143 LYS A N   1 
ATOM   1126 C CA  . LYS A 1 143 ? 13.868  3.505   -2.347  1.00 28.36 ? 143 LYS A CA  1 
ATOM   1127 C C   . LYS A 1 143 ? 12.693  4.469   -2.186  1.00 27.54 ? 143 LYS A C   1 
ATOM   1128 O O   . LYS A 1 143 ? 12.178  5.038   -3.156  1.00 28.06 ? 143 LYS A O   1 
ATOM   1129 C CB  . LYS A 1 143 ? 14.801  3.916   -3.509  1.00 28.74 ? 143 LYS A CB  1 
ATOM   1130 C CG  . LYS A 1 143 ? 16.149  3.165   -3.501  1.00 30.61 ? 143 LYS A CG  1 
ATOM   1131 C CD  . LYS A 1 143 ? 17.194  3.795   -4.419  1.00 31.83 ? 143 LYS A CD  1 
ATOM   1132 C CE  . LYS A 1 143 ? 18.560  3.149   -4.232  1.00 33.74 ? 143 LYS A CE  1 
ATOM   1133 N NZ  . LYS A 1 143 ? 19.529  3.535   -5.310  1.00 34.10 ? 143 LYS A NZ  1 
ATOM   1134 N N   . VAL A 1 144 ? 12.250  4.618   -0.947  1.00 26.60 ? 144 VAL A N   1 
ATOM   1135 C CA  . VAL A 1 144 ? 11.140  5.503   -0.625  1.00 25.71 ? 144 VAL A CA  1 
ATOM   1136 C C   . VAL A 1 144 ? 11.375  6.096   0.760   1.00 25.63 ? 144 VAL A C   1 
ATOM   1137 O O   . VAL A 1 144 ? 11.908  5.425   1.654   1.00 25.19 ? 144 VAL A O   1 
ATOM   1138 C CB  . VAL A 1 144 ? 9.777   4.762   -0.691  1.00 25.45 ? 144 VAL A CB  1 
ATOM   1139 C CG1 . VAL A 1 144 ? 9.766   3.558   0.257   1.00 24.79 ? 144 VAL A CG1 1 
ATOM   1140 C CG2 . VAL A 1 144 ? 8.613   5.726   -0.404  1.00 24.60 ? 144 VAL A CG2 1 
ATOM   1141 N N   . ASN A 1 145 ? 11.024  7.371   0.899   1.00 25.50 ? 145 ASN A N   1 
ATOM   1142 C CA  . ASN A 1 145 ? 11.081  8.079   2.167   1.00 25.45 ? 145 ASN A CA  1 
ATOM   1143 C C   . ASN A 1 145 ? 9.652   8.213   2.678   1.00 25.66 ? 145 ASN A C   1 
ATOM   1144 O O   . ASN A 1 145 ? 8.862   8.990   2.132   1.00 25.20 ? 145 ASN A O   1 
ATOM   1145 C CB  . ASN A 1 145 ? 11.739  9.455   1.977   1.00 25.49 ? 145 ASN A CB  1 
ATOM   1146 C CG  . ASN A 1 145 ? 11.931  10.218  3.297   1.00 26.60 ? 145 ASN A CG  1 
ATOM   1147 O OD1 . ASN A 1 145 ? 11.088  10.158  4.191   1.00 26.90 ? 145 ASN A OD1 1 
ATOM   1148 N ND2 . ASN A 1 145 ? 13.043  10.954  3.404   1.00 27.83 ? 145 ASN A ND2 1 
ATOM   1149 N N   . ILE A 1 146 ? 9.315   7.434   3.704   1.00 25.62 ? 146 ILE A N   1 
ATOM   1150 C CA  . ILE A 1 146 ? 7.979   7.463   4.284   1.00 25.84 ? 146 ILE A CA  1 
ATOM   1151 C C   . ILE A 1 146 ? 7.938   8.468   5.439   1.00 25.87 ? 146 ILE A C   1 
ATOM   1152 O O   . ILE A 1 146 ? 8.718   8.362   6.397   1.00 25.66 ? 146 ILE A O   1 
ATOM   1153 C CB  . ILE A 1 146 ? 7.531   6.057   4.777   1.00 25.92 ? 146 ILE A CB  1 
ATOM   1154 C CG1 . ILE A 1 146 ? 7.475   5.063   3.606   1.00 25.92 ? 146 ILE A CG1 1 
ATOM   1155 C CG2 . ILE A 1 146 ? 6.178   6.140   5.493   1.00 26.92 ? 146 ILE A CG2 1 
ATOM   1156 C CD1 . ILE A 1 146 ? 6.470   5.400   2.509   1.00 25.81 ? 146 ILE A CD1 1 
ATOM   1157 N N   . HIS A 1 147 ? 7.042   9.448   5.322   1.00 26.04 ? 147 HIS A N   1 
ATOM   1158 C CA  . HIS A 1 147 ? 6.843   10.472  6.351   1.00 27.00 ? 147 HIS A CA  1 
ATOM   1159 C C   . HIS A 1 147 ? 6.023   9.901   7.495   1.00 27.01 ? 147 HIS A C   1 
ATOM   1160 O O   . HIS A 1 147 ? 6.388   10.067  8.655   1.00 27.17 ? 147 HIS A O   1 
ATOM   1161 C CB  . HIS A 1 147 ? 6.137   11.715  5.777   1.00 27.20 ? 147 HIS A CB  1 
ATOM   1162 C CG  . HIS A 1 147 ? 5.640   12.680  6.821   1.00 30.49 ? 147 HIS A CG  1 
ATOM   1163 N ND1 . HIS A 1 147 ? 6.278   12.874  8.032   1.00 34.45 ? 147 HIS A ND1 1 
ATOM   1164 C CD2 . HIS A 1 147 ? 4.581   13.528  6.819   1.00 33.44 ? 147 HIS A CD2 1 
ATOM   1165 C CE1 . HIS A 1 147 ? 5.627   13.786  8.734   1.00 32.55 ? 147 HIS A CE1 1 
ATOM   1166 N NE2 . HIS A 1 147 ? 4.587   14.192  8.024   1.00 35.78 ? 147 HIS A NE2 1 
ATOM   1167 N N   . SER A 1 148 ? 4.909   9.254   7.164   1.00 27.11 ? 148 SER A N   1 
ATOM   1168 C CA  . SER A 1 148 ? 4.027   8.707   8.181   1.00 27.56 ? 148 SER A CA  1 
ATOM   1169 C C   . SER A 1 148 ? 3.152   7.576   7.676   1.00 27.75 ? 148 SER A C   1 
ATOM   1170 O O   . SER A 1 148 ? 2.854   7.466   6.478   1.00 27.47 ? 148 SER A O   1 
ATOM   1171 C CB  . SER A 1 148 ? 3.146   9.811   8.782   1.00 27.73 ? 148 SER A CB  1 
ATOM   1172 O OG  . SER A 1 148 ? 2.310   10.399  7.798   1.00 27.71 ? 148 SER A OG  1 
ATOM   1173 N N   . ILE A 1 149 ? 2.757   6.728   8.618   1.00 28.00 ? 149 ILE A N   1 
ATOM   1174 C CA  . ILE A 1 149 ? 1.784   5.680   8.387   1.00 28.57 ? 149 ILE A CA  1 
ATOM   1175 C C   . ILE A 1 149 ? 0.714   5.840   9.461   1.00 29.24 ? 149 ILE A C   1 
ATOM   1176 O O   . ILE A 1 149 ? 1.044   6.023   10.637  1.00 29.34 ? 149 ILE A O   1 
ATOM   1177 C CB  . ILE A 1 149 ? 2.412   4.274   8.504   1.00 28.72 ? 149 ILE A CB  1 
ATOM   1178 C CG1 . ILE A 1 149 ? 3.569   4.103   7.515   1.00 28.53 ? 149 ILE A CG1 1 
ATOM   1179 C CG2 . ILE A 1 149 ? 1.360   3.203   8.271   1.00 28.25 ? 149 ILE A CG2 1 
ATOM   1180 C CD1 . ILE A 1 149 ? 4.445   2.895   7.808   1.00 28.92 ? 149 ILE A CD1 1 
ATOM   1181 N N   . GLY A 1 150 ? -0.553  5.784   9.052   1.00 29.48 ? 150 GLY A N   1 
ATOM   1182 C CA  . GLY A 1 150 ? -1.679  5.891   9.980   1.00 30.22 ? 150 GLY A CA  1 
ATOM   1183 C C   . GLY A 1 150 ? -2.844  5.022   9.559   1.00 30.59 ? 150 GLY A C   1 
ATOM   1184 O O   . GLY A 1 150 ? -2.956  4.623   8.389   1.00 30.63 ? 150 GLY A O   1 
ATOM   1185 N N   . PHE A 1 151 ? -3.714  4.722   10.518  1.00 31.29 ? 151 PHE A N   1 
ATOM   1186 C CA  . PHE A 1 151 ? -4.874  3.871   10.270  1.00 31.87 ? 151 PHE A CA  1 
ATOM   1187 C C   . PHE A 1 151 ? -6.130  4.555   10.795  1.00 32.15 ? 151 PHE A C   1 
ATOM   1188 O O   . PHE A 1 151 ? -6.086  5.232   11.819  1.00 32.34 ? 151 PHE A O   1 
ATOM   1189 C CB  . PHE A 1 151 ? -4.708  2.510   10.956  1.00 31.92 ? 151 PHE A CB  1 
ATOM   1190 C CG  . PHE A 1 151 ? -3.435  1.794   10.584  1.00 32.53 ? 151 PHE A CG  1 
ATOM   1191 C CD1 . PHE A 1 151 ? -3.395  0.943   9.497   1.00 32.96 ? 151 PHE A CD1 1 
ATOM   1192 C CD2 . PHE A 1 151 ? -2.273  1.990   11.323  1.00 33.62 ? 151 PHE A CD2 1 
ATOM   1193 C CE1 . PHE A 1 151 ? -2.212  0.295   9.151   1.00 33.45 ? 151 PHE A CE1 1 
ATOM   1194 C CE2 . PHE A 1 151 ? -1.097  1.346   10.980  1.00 34.03 ? 151 PHE A CE2 1 
ATOM   1195 C CZ  . PHE A 1 151 ? -1.072  0.499   9.894   1.00 33.84 ? 151 PHE A CZ  1 
ATOM   1196 N N   . SER A 1 152 ? -7.239  4.380   10.086  1.00 32.64 ? 152 SER A N   1 
ATOM   1197 C CA  . SER A 1 152 ? -8.531  4.877   10.549  1.00 33.36 ? 152 SER A CA  1 
ATOM   1198 C C   . SER A 1 152 ? -9.466  3.702   10.787  1.00 33.64 ? 152 SER A C   1 
ATOM   1199 O O   . SER A 1 152 ? -9.979  3.115   9.841   1.00 33.18 ? 152 SER A O   1 
ATOM   1200 C CB  . SER A 1 152 ? -9.144  5.848   9.541   1.00 33.45 ? 152 SER A CB  1 
ATOM   1201 O OG  . SER A 1 152 ? -10.379 6.351   10.025  1.00 34.78 ? 152 SER A OG  1 
ATOM   1202 N N   . PHE A 1 153 ? -9.656  3.363   12.064  1.00 34.25 ? 153 PHE A N   1 
ATOM   1203 C CA  . PHE A 1 153 ? -10.541 2.277   12.476  1.00 34.79 ? 153 PHE A CA  1 
ATOM   1204 C C   . PHE A 1 153 ? -11.823 2.777   13.146  1.00 35.27 ? 153 PHE A C   1 
ATOM   1205 O O   . PHE A 1 153 ? -12.727 1.983   13.372  1.00 35.09 ? 153 PHE A O   1 
ATOM   1206 C CB  . PHE A 1 153 ? -9.830  1.355   13.473  1.00 34.88 ? 153 PHE A CB  1 
ATOM   1207 C CG  . PHE A 1 153 ? -8.628  0.661   12.915  1.00 34.89 ? 153 PHE A CG  1 
ATOM   1208 C CD1 . PHE A 1 153 ? -8.763  -0.274  11.895  1.00 35.49 ? 153 PHE A CD1 1 
ATOM   1209 C CD2 . PHE A 1 153 ? -7.363  0.930   13.417  1.00 36.01 ? 153 PHE A CD2 1 
ATOM   1210 C CE1 . PHE A 1 153 ? -7.653  -0.918  11.378  1.00 35.56 ? 153 PHE A CE1 1 
ATOM   1211 C CE2 . PHE A 1 153 ? -6.252  0.282   12.912  1.00 35.88 ? 153 PHE A CE2 1 
ATOM   1212 C CZ  . PHE A 1 153 ? -6.399  -0.639  11.889  1.00 35.51 ? 153 PHE A CZ  1 
ATOM   1213 N N   . SER A 1 154 ? -11.882 4.071   13.471  1.00 35.90 ? 154 SER A N   1 
ATOM   1214 C CA  . SER A 1 154 ? -12.985 4.667   14.242  1.00 36.60 ? 154 SER A CA  1 
ATOM   1215 C C   . SER A 1 154 ? -13.778 5.661   13.391  1.00 36.69 ? 154 SER A C   1 
ATOM   1216 O O   . SER A 1 154 ? -13.358 6.018   12.288  1.00 37.11 ? 154 SER A O   1 
ATOM   1217 C CB  . SER A 1 154 ? -12.435 5.394   15.475  1.00 36.64 ? 154 SER A CB  1 
ATOM   1218 O OG  . SER A 1 154 ? -11.609 4.546   16.257  1.00 38.65 ? 154 SER A OG  1 
HETATM 1219 O O   . HOH B 2 .   ? 9.324   10.911  -11.990 1.00 23.86 ? 155 HOH A O   1 
HETATM 1220 O O   . HOH B 2 .   ? 11.087  6.775   6.067   1.00 25.59 ? 156 HOH A O   1 
HETATM 1221 O O   . HOH B 2 .   ? 10.847  1.948   -12.898 1.00 26.47 ? 157 HOH A O   1 
HETATM 1222 O O   . HOH B 2 .   ? 5.752   7.826   -12.294 1.00 26.74 ? 158 HOH A O   1 
HETATM 1223 O O   . HOH B 2 .   ? 3.153   11.081  -12.792 1.00 26.94 ? 159 HOH A O   1 
HETATM 1224 O O   . HOH B 2 .   ? -6.499  -9.380  -2.408  1.00 27.18 ? 160 HOH A O   1 
HETATM 1225 O O   . HOH B 2 .   ? 4.258   5.768   -10.940 1.00 27.22 ? 161 HOH A O   1 
HETATM 1226 O O   . HOH B 2 .   ? 0.325   -15.995 4.687   1.00 27.83 ? 162 HOH A O   1 
HETATM 1227 O O   . HOH B 2 .   ? 7.470   2.698   -15.693 1.00 28.79 ? 163 HOH A O   1 
HETATM 1228 O O   . HOH B 2 .   ? 11.447  11.141  6.566   1.00 29.45 ? 164 HOH A O   1 
HETATM 1229 O O   . HOH B 2 .   ? -11.144 2.306   19.149  1.00 29.59 ? 165 HOH A O   1 
HETATM 1230 O O   . HOH B 2 .   ? 14.701  2.150   -6.999  1.00 29.62 ? 166 HOH A O   1 
HETATM 1231 O O   . HOH B 2 .   ? 8.052   8.808   -13.472 1.00 29.98 ? 167 HOH A O   1 
HETATM 1232 O O   . HOH B 2 .   ? -9.339  -5.344  -9.972  1.00 31.02 ? 168 HOH A O   1 
HETATM 1233 O O   . HOH B 2 .   ? 13.695  0.618   -4.885  1.00 31.30 ? 169 HOH A O   1 
HETATM 1234 O O   . HOH B 2 .   ? 16.320  11.498  -11.277 1.00 31.68 ? 170 HOH A O   1 
HETATM 1235 O O   . HOH B 2 .   ? 0.086   8.847   7.444   1.00 32.29 ? 171 HOH A O   1 
HETATM 1236 O O   . HOH B 2 .   ? 10.984  9.340   -15.669 1.00 32.31 ? 172 HOH A O   1 
HETATM 1237 O O   . HOH B 2 .   ? -10.469 3.022   -11.409 1.00 32.68 ? 173 HOH A O   1 
HETATM 1238 O O   . HOH B 2 .   ? -3.378  -1.329  -11.191 1.00 32.83 ? 174 HOH A O   1 
HETATM 1239 O O   . HOH B 2 .   ? -9.180  5.350   14.241  1.00 32.86 ? 175 HOH A O   1 
HETATM 1240 O O   . HOH B 2 .   ? 16.022  9.150   -12.940 1.00 33.26 ? 176 HOH A O   1 
HETATM 1241 O O   . HOH B 2 .   ? -7.819  -7.471  8.474   1.00 33.51 ? 177 HOH A O   1 
HETATM 1242 O O   . HOH B 2 .   ? 4.746   11.413  -6.124  1.00 33.66 ? 178 HOH A O   1 
HETATM 1243 O O   . HOH B 2 .   ? 15.175  -0.648  -16.680 1.00 33.87 ? 179 HOH A O   1 
HETATM 1244 O O   . HOH B 2 .   ? -1.781  -15.096 -6.576  1.00 34.07 ? 180 HOH A O   1 
HETATM 1245 O O   . HOH B 2 .   ? -5.284  6.841   -12.140 1.00 34.25 ? 181 HOH A O   1 
HETATM 1246 O O   . HOH B 2 .   ? 13.663  -1.538  1.297   1.00 35.32 ? 182 HOH A O   1 
HETATM 1247 O O   . HOH B 2 .   ? -7.821  -8.191  -8.406  1.00 35.85 ? 183 HOH A O   1 
HETATM 1248 O O   . HOH B 2 .   ? -6.608  1.465   -12.905 1.00 35.85 ? 184 HOH A O   1 
HETATM 1249 O O   . HOH B 2 .   ? 6.408   -5.914  -8.568  1.00 35.96 ? 185 HOH A O   1 
HETATM 1250 O O   . HOH B 2 .   ? -1.089  9.178   9.888   1.00 36.33 ? 186 HOH A O   1 
HETATM 1251 O O   . HOH B 2 .   ? 7.168   10.517  -15.256 1.00 36.51 ? 187 HOH A O   1 
HETATM 1252 O O   . HOH B 2 .   ? 13.599  7.456   5.423   1.00 36.89 ? 188 HOH A O   1 
HETATM 1253 O O   . HOH B 2 .   ? 14.137  -1.255  10.936  1.00 36.91 ? 189 HOH A O   1 
HETATM 1254 O O   . HOH B 2 .   ? 14.662  -2.014  8.315   1.00 37.01 ? 190 HOH A O   1 
HETATM 1255 O O   . HOH B 2 .   ? 2.711   -17.287 0.222   1.00 37.09 ? 191 HOH A O   1 
HETATM 1256 O O   . HOH B 2 .   ? 2.925   -15.111 7.355   1.00 37.64 ? 192 HOH A O   1 
HETATM 1257 O O   . HOH B 2 .   ? 2.488   -8.864  11.973  1.00 37.66 ? 193 HOH A O   1 
HETATM 1258 O O   . HOH B 2 .   ? 9.958   -2.283  10.602  1.00 38.17 ? 194 HOH A O   1 
HETATM 1259 O O   . HOH B 2 .   ? -5.950  -2.509  -10.322 1.00 38.27 ? 195 HOH A O   1 
HETATM 1260 O O   . HOH B 2 .   ? -5.185  11.188  -0.834  1.00 38.56 ? 196 HOH A O   1 
HETATM 1261 O O   . HOH B 2 .   ? 14.744  12.821  -0.949  1.00 38.81 ? 197 HOH A O   1 
HETATM 1262 O O   . HOH B 2 .   ? 4.745   -3.848  14.421  1.00 39.23 ? 198 HOH A O   1 
HETATM 1263 O O   . HOH B 2 .   ? 0.227   12.500  15.696  1.00 39.58 ? 199 HOH A O   1 
HETATM 1264 O O   . HOH B 2 .   ? -0.555  13.891  -7.013  1.00 39.68 ? 200 HOH A O   1 
HETATM 1265 O O   . HOH B 2 .   ? -9.044  -0.072  16.586  1.00 39.73 ? 201 HOH A O   1 
HETATM 1266 O O   . HOH B 2 .   ? 10.934  1.992   11.878  1.00 39.78 ? 202 HOH A O   1 
HETATM 1267 O O   . HOH B 2 .   ? -4.542  9.642   -8.653  1.00 39.80 ? 203 HOH A O   1 
HETATM 1268 O O   . HOH B 2 .   ? -3.930  -14.105 -11.274 1.00 39.99 ? 204 HOH A O   1 
HETATM 1269 O O   . HOH B 2 .   ? 13.894  6.901   9.764   1.00 40.69 ? 205 HOH A O   1 
HETATM 1270 O O   . HOH B 2 .   ? -13.041 -0.631  12.194  1.00 40.69 ? 206 HOH A O   1 
HETATM 1271 O O   . HOH B 2 .   ? 5.620   -12.050 1.373   1.00 40.71 ? 207 HOH A O   1 
HETATM 1272 O O   . HOH B 2 .   ? 6.873   7.718   15.180  1.00 40.75 ? 208 HOH A O   1 
HETATM 1273 O O   . HOH B 2 .   ? 15.437  0.242   12.722  1.00 40.88 ? 209 HOH A O   1 
HETATM 1274 O O   . HOH B 2 .   ? -8.748  0.893   -11.157 1.00 40.92 ? 210 HOH A O   1 
HETATM 1275 O O   . HOH B 2 .   ? 8.756   -9.919  7.550   1.00 41.29 ? 211 HOH A O   1 
HETATM 1276 O O   . HOH B 2 .   ? 5.859   -15.117 11.101  1.00 41.34 ? 212 HOH A O   1 
HETATM 1277 O O   . HOH B 2 .   ? 7.476   -20.000 -5.735  1.00 41.35 ? 213 HOH A O   1 
HETATM 1278 O O   . HOH B 2 .   ? -10.166 -9.448  -8.904  1.00 41.57 ? 214 HOH A O   1 
HETATM 1279 O O   . HOH B 2 .   ? 16.418  0.451   -11.546 1.00 41.60 ? 215 HOH A O   1 
HETATM 1280 O O   . HOH B 2 .   ? 7.805   10.730  -4.960  1.00 41.74 ? 216 HOH A O   1 
HETATM 1281 O O   . HOH B 2 .   ? 12.368  -4.475  8.538   1.00 41.87 ? 217 HOH A O   1 
HETATM 1282 O O   . HOH B 2 .   ? 9.488   -9.193  -0.880  1.00 41.98 ? 218 HOH A O   1 
HETATM 1283 O O   . HOH B 2 .   ? -2.760  -19.157 1.142   1.00 41.99 ? 219 HOH A O   1 
HETATM 1284 O O   . HOH B 2 .   ? 7.362   18.529  -5.502  1.00 42.16 ? 220 HOH A O   1 
HETATM 1285 O O   . HOH B 2 .   ? 14.823  4.196   6.074   1.00 42.47 ? 221 HOH A O   1 
HETATM 1286 O O   . HOH B 2 .   ? 2.108   12.384  -5.601  1.00 42.63 ? 222 HOH A O   1 
HETATM 1287 O O   . HOH B 2 .   ? -1.115  -19.603 -5.667  1.00 42.63 ? 223 HOH A O   1 
HETATM 1288 O O   . HOH B 2 .   ? -9.192  5.694   -0.773  1.00 42.63 ? 224 HOH A O   1 
HETATM 1289 O O   . HOH B 2 .   ? 14.002  5.794   3.200   1.00 42.69 ? 225 HOH A O   1 
HETATM 1290 O O   . HOH B 2 .   ? -2.735  10.526  -12.272 1.00 42.87 ? 226 HOH A O   1 
HETATM 1291 O O   . HOH B 2 .   ? 6.688   -9.552  -0.746  1.00 43.17 ? 227 HOH A O   1 
HETATM 1292 O O   . HOH B 2 .   ? -7.072  12.418  11.897  1.00 43.27 ? 228 HOH A O   1 
HETATM 1293 O O   . HOH B 2 .   ? -3.036  6.070   18.507  1.00 43.50 ? 229 HOH A O   1 
HETATM 1294 O O   . HOH B 2 .   ? -17.689 -1.951  1.541   1.00 43.59 ? 230 HOH A O   1 
HETATM 1295 O O   . HOH B 2 .   ? 7.088   -12.072 3.793   1.00 43.64 ? 231 HOH A O   1 
HETATM 1296 O O   . HOH B 2 .   ? 0.108   9.661   -15.639 1.00 43.88 ? 232 HOH A O   1 
HETATM 1297 O O   . HOH B 2 .   ? 2.278   -0.845  12.502  1.00 44.56 ? 233 HOH A O   1 
HETATM 1298 O O   . HOH B 2 .   ? 2.152   -16.330 9.612   1.00 44.64 ? 234 HOH A O   1 
HETATM 1299 O O   . HOH B 2 .   ? 7.497   -9.297  5.322   1.00 45.16 ? 235 HOH A O   1 
HETATM 1300 O O   . HOH B 2 .   ? -11.130 -15.956 6.778   1.00 45.18 ? 236 HOH A O   1 
HETATM 1301 O O   . HOH B 2 .   ? -8.367  10.547  -10.938 1.00 45.20 ? 237 HOH A O   1 
HETATM 1302 O O   . HOH B 2 .   ? -3.659  -13.667 -7.726  1.00 45.48 ? 238 HOH A O   1 
HETATM 1303 O O   . HOH B 2 .   ? -9.433  -15.516 1.433   1.00 45.48 ? 239 HOH A O   1 
HETATM 1304 O O   . HOH B 2 .   ? -10.842 -3.203  -10.566 1.00 45.67 ? 240 HOH A O   1 
HETATM 1305 O O   . HOH B 2 .   ? 10.071  14.535  -10.805 1.00 45.95 ? 241 HOH A O   1 
HETATM 1306 O O   . HOH B 2 .   ? -3.892  -15.797 3.149   1.00 46.27 ? 242 HOH A O   1 
HETATM 1307 O O   . HOH B 2 .   ? -3.591  -11.544 13.105  1.00 46.39 ? 243 HOH A O   1 
HETATM 1308 O O   . HOH B 2 .   ? -13.964 -7.764  -6.470  1.00 46.46 ? 244 HOH A O   1 
HETATM 1309 O O   . HOH B 2 .   ? 7.928   -12.809 11.547  1.00 46.60 ? 245 HOH A O   1 
HETATM 1310 O O   . HOH B 2 .   ? 18.570  7.774   -2.340  1.00 46.78 ? 246 HOH A O   1 
HETATM 1311 O O   . HOH B 2 .   ? 1.085   1.593   13.955  1.00 46.97 ? 247 HOH A O   1 
HETATM 1312 O O   . HOH B 2 .   ? 10.024  -7.493  -2.784  1.00 47.14 ? 248 HOH A O   1 
HETATM 1313 O O   . HOH B 2 .   ? -13.936 -11.553 2.927   1.00 47.51 ? 249 HOH A O   1 
HETATM 1314 O O   . HOH B 2 .   ? -8.437  -15.282 -5.449  1.00 47.62 ? 250 HOH A O   1 
HETATM 1315 O O   . HOH B 2 .   ? 5.677   -5.914  -15.463 1.00 47.65 ? 251 HOH A O   1 
HETATM 1316 O O   . HOH B 2 .   ? -12.116 -9.692  -7.034  1.00 47.85 ? 252 HOH A O   1 
HETATM 1317 O O   . HOH B 2 .   ? -3.648  9.817   16.494  1.00 47.92 ? 253 HOH A O   1 
HETATM 1318 O O   . HOH B 2 .   ? 4.745   -1.075  13.763  1.00 47.94 ? 254 HOH A O   1 
HETATM 1319 O O   . HOH B 2 .   ? 15.118  7.746   0.720   1.00 48.06 ? 255 HOH A O   1 
HETATM 1320 O O   . HOH B 2 .   ? -1.191  8.275   16.583  1.00 48.21 ? 256 HOH A O   1 
HETATM 1321 O O   . HOH B 2 .   ? 2.907   -7.867  16.465  1.00 48.64 ? 257 HOH A O   1 
HETATM 1322 O O   . HOH B 2 .   ? -0.716  -13.612 10.914  1.00 48.68 ? 258 HOH A O   1 
HETATM 1323 O O   . HOH B 2 .   ? 3.941   -10.870 12.475  1.00 48.74 ? 259 HOH A O   1 
HETATM 1324 O O   . HOH B 2 .   ? -13.130 11.716  -2.037  1.00 48.74 ? 260 HOH A O   1 
HETATM 1325 O O   . HOH B 2 .   ? 4.594   -11.363 -17.406 1.00 48.76 ? 261 HOH A O   1 
HETATM 1326 O O   . HOH B 2 .   ? 3.510   -17.085 -9.982  1.00 48.82 ? 262 HOH A O   1 
HETATM 1327 O O   . HOH B 2 .   ? 0.416   -19.178 2.264   1.00 48.83 ? 263 HOH A O   1 
HETATM 1328 O O   . HOH B 2 .   ? -7.573  1.577   19.343  1.00 48.91 ? 264 HOH A O   1 
HETATM 1329 O O   . HOH B 2 .   ? 8.768   -22.691 1.738   1.00 49.00 ? 265 HOH A O   1 
HETATM 1330 O O   . HOH B 2 .   ? -11.387 -2.619  12.832  1.00 49.15 ? 266 HOH A O   1 
HETATM 1331 O O   . HOH B 2 .   ? -4.439  -6.981  13.245  1.00 49.36 ? 267 HOH A O   1 
HETATM 1332 O O   . HOH B 2 .   ? 11.857  6.571   13.234  1.00 49.93 ? 268 HOH A O   1 
HETATM 1333 O O   . HOH B 2 .   ? -9.883  2.254   17.038  0.70 44.88 ? 269 HOH A O   1 
HETATM 1334 O O   . HOH B 2 .   ? -5.115  13.832  7.854   0.50 25.30 ? 270 HOH A O   1 
# 
loop_
_pdbx_poly_seq_scheme.asym_id 
_pdbx_poly_seq_scheme.entity_id 
_pdbx_poly_seq_scheme.seq_id 
_pdbx_poly_seq_scheme.mon_id 
_pdbx_poly_seq_scheme.ndb_seq_num 
_pdbx_poly_seq_scheme.pdb_seq_num 
_pdbx_poly_seq_scheme.auth_seq_num 
_pdbx_poly_seq_scheme.pdb_mon_id 
_pdbx_poly_seq_scheme.auth_mon_id 
_pdbx_poly_seq_scheme.pdb_strand_id 
_pdbx_poly_seq_scheme.pdb_ins_code 
_pdbx_poly_seq_scheme.hetero 
A 1 1   MET 1   1   ?   ?   ?   A . n 
A 1 2   MET 2   2   ?   ?   ?   A . n 
A 1 3   LEU 3   3   3   LEU LEU A . n 
A 1 4   SER 4   4   4   SER SER A . n 
A 1 5   LEU 5   5   5   LEU LEU A . n 
A 1 6   ASN 6   6   6   ASN ASN A . n 
A 1 7   ASN 7   7   7   ASN ASN A . n 
A 1 8   LEU 8   8   8   LEU LEU A . n 
A 1 9   GLN 9   9   9   GLN GLN A . n 
A 1 10  ASN 10  10  10  ASN ASN A . n 
A 1 11  ILE 11  11  11  ILE ILE A . n 
A 1 12  ILE 12  12  12  ILE ILE A . n 
A 1 13  TYR 13  13  13  TYR TYR A . n 
A 1 14  ASN 14  14  14  ASN ASN A . n 
A 1 15  PRO 15  15  15  PRO PRO A . n 
A 1 16  VAL 16  16  16  VAL VAL A . n 
A 1 17  ILE 17  17  17  ILE ILE A . n 
A 1 18  PRO 18  18  18  PRO PRO A . n 
A 1 19  PHE 19  19  19  PHE PHE A . n 
A 1 20  VAL 20  20  20  VAL VAL A . n 
A 1 21  GLY 21  21  21  GLY GLY A . n 
A 1 22  THR 22  22  22  THR THR A . n 
A 1 23  ILE 23  23  23  ILE ILE A . n 
A 1 24  PRO 24  24  24  PRO PRO A . n 
A 1 25  ASP 25  25  25  ASP ASP A . n 
A 1 26  GLN 26  26  26  GLN GLN A . n 
A 1 27  LEU 27  27  27  LEU LEU A . n 
A 1 28  ASP 28  28  28  ASP ASP A . n 
A 1 29  PRO 29  29  29  PRO PRO A . n 
A 1 30  GLY 30  30  30  GLY GLY A . n 
A 1 31  THR 31  31  31  THR THR A . n 
A 1 32  LEU 32  32  32  LEU LEU A . n 
A 1 33  ILE 33  33  33  ILE ILE A . n 
A 1 34  VAL 34  34  34  VAL VAL A . n 
A 1 35  ILE 35  35  35  ILE ILE A . n 
A 1 36  ARG 36  36  36  ARG ARG A . n 
A 1 37  GLY 37  37  37  GLY GLY A . n 
A 1 38  HIS 38  38  38  HIS HIS A . n 
A 1 39  VAL 39  39  39  VAL VAL A . n 
A 1 40  PRO 40  40  40  PRO PRO A . n 
A 1 41  SER 41  41  41  SER SER A . n 
A 1 42  ASP 42  42  42  ASP ASP A . n 
A 1 43  ALA 43  43  43  ALA ALA A . n 
A 1 44  ASP 44  44  44  ASP ASP A . n 
A 1 45  ARG 45  45  45  ARG ARG A . n 
A 1 46  PHE 46  46  46  PHE PHE A . n 
A 1 47  GLN 47  47  47  GLN GLN A . n 
A 1 48  VAL 48  48  48  VAL VAL A . n 
A 1 49  ASP 49  49  49  ASP ASP A . n 
A 1 50  LEU 50  50  50  LEU LEU A . n 
A 1 51  GLN 51  51  51  GLN GLN A . n 
A 1 52  ASN 52  52  52  ASN ASN A . n 
A 1 53  GLY 53  53  53  GLY GLY A . n 
A 1 54  SER 54  54  54  SER SER A . n 
A 1 55  SER 55  55  55  SER SER A . n 
A 1 56  VAL 56  56  56  VAL VAL A . n 
A 1 57  LYS 57  57  57  LYS LYS A . n 
A 1 58  PRO 58  58  58  PRO PRO A . n 
A 1 59  ARG 59  59  59  ARG ARG A . n 
A 1 60  ALA 60  60  60  ALA ALA A . n 
A 1 61  ASP 61  61  61  ASP ASP A . n 
A 1 62  VAL 62  62  62  VAL VAL A . n 
A 1 63  ALA 63  63  63  ALA ALA A . n 
A 1 64  PHE 64  64  64  PHE PHE A . n 
A 1 65  HIS 65  65  65  HIS HIS A . n 
A 1 66  PHE 66  66  66  PHE PHE A . n 
A 1 67  ASN 67  67  67  ASN ASN A . n 
A 1 68  PRO 68  68  68  PRO PRO A . n 
A 1 69  ARG 69  69  69  ARG ARG A . n 
A 1 70  PHE 70  70  70  PHE PHE A . n 
A 1 71  LYS 71  71  71  LYS LYS A . n 
A 1 72  ARG 72  72  72  ARG ARG A . n 
A 1 73  ALA 73  73  73  ALA ALA A . n 
A 1 74  GLY 74  74  74  GLY GLY A . n 
A 1 75  CYS 75  75  75  CYS CYS A . n 
A 1 76  ILE 76  76  76  ILE ILE A . n 
A 1 77  VAL 77  77  77  VAL VAL A . n 
A 1 78  CYS 78  78  78  CYS CYS A . n 
A 1 79  ASN 79  79  79  ASN ASN A . n 
A 1 80  THR 80  80  80  THR THR A . n 
A 1 81  LEU 81  81  81  LEU LEU A . n 
A 1 82  ILE 82  82  82  ILE ILE A . n 
A 1 83  ASN 83  83  83  ASN ASN A . n 
A 1 84  GLU 84  84  84  GLU GLU A . n 
A 1 85  LYS 85  85  85  LYS LYS A . n 
A 1 86  TRP 86  86  86  TRP TRP A . n 
A 1 87  GLY 87  87  87  GLY GLY A . n 
A 1 88  ARG 88  88  88  ARG ARG A . n 
A 1 89  GLU 89  89  89  GLU GLU A . n 
A 1 90  GLU 90  90  90  GLU GLU A . n 
A 1 91  ILE 91  91  91  ILE ILE A . n 
A 1 92  THR 92  92  92  THR THR A . n 
A 1 93  TYR 93  93  93  TYR TYR A . n 
A 1 94  ASP 94  94  94  ASP ASP A . n 
A 1 95  THR 95  95  95  THR THR A . n 
A 1 96  PRO 96  96  96  PRO PRO A . n 
A 1 97  PHE 97  97  97  PHE PHE A . n 
A 1 98  LYS 98  98  98  LYS LYS A . n 
A 1 99  ARG 99  99  99  ARG ARG A . n 
A 1 100 GLU 100 100 100 GLU GLU A . n 
A 1 101 LYS 101 101 101 LYS LYS A . n 
A 1 102 SER 102 102 102 SER SER A . n 
A 1 103 PHE 103 103 103 PHE PHE A . n 
A 1 104 GLU 104 104 104 GLU GLU A . n 
A 1 105 ILE 105 105 105 ILE ILE A . n 
A 1 106 VAL 106 106 106 VAL VAL A . n 
A 1 107 ILE 107 107 107 ILE ILE A . n 
A 1 108 MET 108 108 108 MET MET A . n 
A 1 109 VAL 109 109 109 VAL VAL A . n 
A 1 110 LEU 110 110 110 LEU LEU A . n 
A 1 111 LYS 111 111 111 LYS LYS A . n 
A 1 112 ASP 112 112 112 ASP ASP A . n 
A 1 113 LYS 113 113 113 LYS LYS A . n 
A 1 114 PHE 114 114 114 PHE PHE A . n 
A 1 115 GLN 115 115 115 GLN GLN A . n 
A 1 116 VAL 116 116 116 VAL VAL A . n 
A 1 117 ALA 117 117 117 ALA ALA A . n 
A 1 118 VAL 118 118 118 VAL VAL A . n 
A 1 119 ASN 119 119 119 ASN ASN A . n 
A 1 120 GLY 120 120 120 GLY GLY A . n 
A 1 121 LYS 121 121 121 LYS LYS A . n 
A 1 122 HIS 122 122 122 HIS HIS A . n 
A 1 123 THR 123 123 123 THR THR A . n 
A 1 124 LEU 124 124 124 LEU LEU A . n 
A 1 125 LEU 125 125 125 LEU LEU A . n 
A 1 126 TYR 126 126 126 TYR TYR A . n 
A 1 127 GLY 127 127 127 GLY GLY A . n 
A 1 128 HIS 128 128 128 HIS HIS A . n 
A 1 129 ARG 129 129 129 ARG ARG A . n 
A 1 130 ILE 130 130 130 ILE ILE A . n 
A 1 131 GLY 131 131 131 GLY GLY A . n 
A 1 132 PRO 132 132 132 PRO PRO A . n 
A 1 133 GLU 133 133 133 GLU GLU A . n 
A 1 134 LYS 134 134 134 LYS LYS A . n 
A 1 135 ILE 135 135 135 ILE ILE A . n 
A 1 136 ASP 136 136 136 ASP ASP A . n 
A 1 137 THR 137 137 137 THR THR A . n 
A 1 138 LEU 138 138 138 LEU LEU A . n 
A 1 139 GLY 139 139 139 GLY GLY A . n 
A 1 140 ILE 140 140 140 ILE ILE A . n 
A 1 141 TYR 141 141 141 TYR TYR A . n 
A 1 142 GLY 142 142 142 GLY GLY A . n 
A 1 143 LYS 143 143 143 LYS LYS A . n 
A 1 144 VAL 144 144 144 VAL VAL A . n 
A 1 145 ASN 145 145 145 ASN ASN A . n 
A 1 146 ILE 146 146 146 ILE ILE A . n 
A 1 147 HIS 147 147 147 HIS HIS A . n 
A 1 148 SER 148 148 148 SER SER A . n 
A 1 149 ILE 149 149 149 ILE ILE A . n 
A 1 150 GLY 150 150 150 GLY GLY A . n 
A 1 151 PHE 151 151 151 PHE PHE A . n 
A 1 152 SER 152 152 152 SER SER A . n 
A 1 153 PHE 153 153 153 PHE PHE A . n 
A 1 154 SER 154 154 154 SER SER A . n 
# 
loop_
_pdbx_nonpoly_scheme.asym_id 
_pdbx_nonpoly_scheme.entity_id 
_pdbx_nonpoly_scheme.mon_id 
_pdbx_nonpoly_scheme.ndb_seq_num 
_pdbx_nonpoly_scheme.pdb_seq_num 
_pdbx_nonpoly_scheme.auth_seq_num 
_pdbx_nonpoly_scheme.pdb_mon_id 
_pdbx_nonpoly_scheme.auth_mon_id 
_pdbx_nonpoly_scheme.pdb_strand_id 
_pdbx_nonpoly_scheme.pdb_ins_code 
B 2 HOH 1   155 1   HOH HOH A . 
B 2 HOH 2   156 2   HOH HOH A . 
B 2 HOH 3   157 3   HOH HOH A . 
B 2 HOH 4   158 4   HOH HOH A . 
B 2 HOH 5   159 5   HOH HOH A . 
B 2 HOH 6   160 6   HOH HOH A . 
B 2 HOH 7   161 7   HOH HOH A . 
B 2 HOH 8   162 8   HOH HOH A . 
B 2 HOH 9   163 9   HOH HOH A . 
B 2 HOH 10  164 10  HOH HOH A . 
B 2 HOH 11  165 11  HOH HOH A . 
B 2 HOH 12  166 12  HOH HOH A . 
B 2 HOH 13  167 13  HOH HOH A . 
B 2 HOH 14  168 14  HOH HOH A . 
B 2 HOH 15  169 15  HOH HOH A . 
B 2 HOH 16  170 16  HOH HOH A . 
B 2 HOH 17  171 17  HOH HOH A . 
B 2 HOH 18  172 18  HOH HOH A . 
B 2 HOH 19  173 19  HOH HOH A . 
B 2 HOH 20  174 20  HOH HOH A . 
B 2 HOH 21  175 21  HOH HOH A . 
B 2 HOH 22  176 22  HOH HOH A . 
B 2 HOH 23  177 23  HOH HOH A . 
B 2 HOH 24  178 24  HOH HOH A . 
B 2 HOH 25  179 25  HOH HOH A . 
B 2 HOH 26  180 26  HOH HOH A . 
B 2 HOH 27  181 27  HOH HOH A . 
B 2 HOH 28  182 28  HOH HOH A . 
B 2 HOH 29  183 29  HOH HOH A . 
B 2 HOH 30  184 30  HOH HOH A . 
B 2 HOH 31  185 31  HOH HOH A . 
B 2 HOH 32  186 32  HOH HOH A . 
B 2 HOH 33  187 33  HOH HOH A . 
B 2 HOH 34  188 34  HOH HOH A . 
B 2 HOH 35  189 35  HOH HOH A . 
B 2 HOH 36  190 36  HOH HOH A . 
B 2 HOH 37  191 37  HOH HOH A . 
B 2 HOH 38  192 38  HOH HOH A . 
B 2 HOH 39  193 39  HOH HOH A . 
B 2 HOH 40  194 40  HOH HOH A . 
B 2 HOH 41  195 41  HOH HOH A . 
B 2 HOH 42  196 42  HOH HOH A . 
B 2 HOH 43  197 43  HOH HOH A . 
B 2 HOH 44  198 44  HOH HOH A . 
B 2 HOH 45  199 45  HOH HOH A . 
B 2 HOH 46  200 46  HOH HOH A . 
B 2 HOH 47  201 47  HOH HOH A . 
B 2 HOH 48  202 48  HOH HOH A . 
B 2 HOH 49  203 49  HOH HOH A . 
B 2 HOH 50  204 50  HOH HOH A . 
B 2 HOH 51  205 51  HOH HOH A . 
B 2 HOH 52  206 52  HOH HOH A . 
B 2 HOH 53  207 53  HOH HOH A . 
B 2 HOH 54  208 54  HOH HOH A . 
B 2 HOH 55  209 55  HOH HOH A . 
B 2 HOH 56  210 56  HOH HOH A . 
B 2 HOH 57  211 57  HOH HOH A . 
B 2 HOH 58  212 58  HOH HOH A . 
B 2 HOH 59  213 59  HOH HOH A . 
B 2 HOH 60  214 60  HOH HOH A . 
B 2 HOH 61  215 61  HOH HOH A . 
B 2 HOH 62  216 62  HOH HOH A . 
B 2 HOH 63  217 63  HOH HOH A . 
B 2 HOH 64  218 64  HOH HOH A . 
B 2 HOH 65  219 65  HOH HOH A . 
B 2 HOH 66  220 66  HOH HOH A . 
B 2 HOH 67  221 67  HOH HOH A . 
B 2 HOH 68  222 68  HOH HOH A . 
B 2 HOH 69  223 69  HOH HOH A . 
B 2 HOH 70  224 70  HOH HOH A . 
B 2 HOH 71  225 71  HOH HOH A . 
B 2 HOH 72  226 72  HOH HOH A . 
B 2 HOH 73  227 73  HOH HOH A . 
B 2 HOH 74  228 74  HOH HOH A . 
B 2 HOH 75  229 75  HOH HOH A . 
B 2 HOH 76  230 76  HOH HOH A . 
B 2 HOH 77  231 77  HOH HOH A . 
B 2 HOH 78  232 78  HOH HOH A . 
B 2 HOH 79  233 79  HOH HOH A . 
B 2 HOH 80  234 80  HOH HOH A . 
B 2 HOH 81  235 81  HOH HOH A . 
B 2 HOH 82  236 82  HOH HOH A . 
B 2 HOH 83  237 83  HOH HOH A . 
B 2 HOH 84  238 84  HOH HOH A . 
B 2 HOH 85  239 85  HOH HOH A . 
B 2 HOH 86  240 86  HOH HOH A . 
B 2 HOH 87  241 87  HOH HOH A . 
B 2 HOH 88  242 88  HOH HOH A . 
B 2 HOH 89  243 89  HOH HOH A . 
B 2 HOH 90  244 90  HOH HOH A . 
B 2 HOH 91  245 91  HOH HOH A . 
B 2 HOH 92  246 92  HOH HOH A . 
B 2 HOH 93  247 93  HOH HOH A . 
B 2 HOH 94  248 94  HOH HOH A . 
B 2 HOH 95  249 95  HOH HOH A . 
B 2 HOH 96  250 96  HOH HOH A . 
B 2 HOH 97  251 97  HOH HOH A . 
B 2 HOH 98  252 98  HOH HOH A . 
B 2 HOH 99  253 99  HOH HOH A . 
B 2 HOH 100 254 100 HOH HOH A . 
B 2 HOH 101 255 101 HOH HOH A . 
B 2 HOH 102 256 102 HOH HOH A . 
B 2 HOH 103 257 103 HOH HOH A . 
B 2 HOH 104 258 104 HOH HOH A . 
B 2 HOH 105 259 105 HOH HOH A . 
B 2 HOH 106 260 106 HOH HOH A . 
B 2 HOH 107 261 107 HOH HOH A . 
B 2 HOH 108 262 108 HOH HOH A . 
B 2 HOH 109 263 109 HOH HOH A . 
B 2 HOH 110 264 110 HOH HOH A . 
B 2 HOH 111 265 111 HOH HOH A . 
B 2 HOH 112 266 112 HOH HOH A . 
B 2 HOH 113 267 113 HOH HOH A . 
B 2 HOH 114 268 114 HOH HOH A . 
B 2 HOH 115 269 115 HOH HOH A . 
B 2 HOH 116 270 116 HOH HOH A . 
# 
_pdbx_struct_assembly.id                   1 
_pdbx_struct_assembly.details              author_and_software_defined_assembly 
_pdbx_struct_assembly.method_details       PISA 
_pdbx_struct_assembly.oligomeric_details   monomeric 
_pdbx_struct_assembly.oligomeric_count     1 
# 
_pdbx_struct_assembly_gen.assembly_id       1 
_pdbx_struct_assembly_gen.oper_expression   1 
_pdbx_struct_assembly_gen.asym_id_list      A,B 
# 
_pdbx_struct_oper_list.id                   1 
_pdbx_struct_oper_list.type                 'identity operation' 
_pdbx_struct_oper_list.name                 1_555 
_pdbx_struct_oper_list.symmetry_operation   x,y,z 
_pdbx_struct_oper_list.matrix[1][1]         1.0000000000 
_pdbx_struct_oper_list.matrix[1][2]         0.0000000000 
_pdbx_struct_oper_list.matrix[1][3]         0.0000000000 
_pdbx_struct_oper_list.vector[1]            0.0000000000 
_pdbx_struct_oper_list.matrix[2][1]         0.0000000000 
_pdbx_struct_oper_list.matrix[2][2]         1.0000000000 
_pdbx_struct_oper_list.matrix[2][3]         0.0000000000 
_pdbx_struct_oper_list.vector[2]            0.0000000000 
_pdbx_struct_oper_list.matrix[3][1]         0.0000000000 
_pdbx_struct_oper_list.matrix[3][2]         0.0000000000 
_pdbx_struct_oper_list.matrix[3][3]         1.0000000000 
_pdbx_struct_oper_list.vector[3]            0.0000000000 
# 
loop_
_pdbx_audit_revision_history.ordinal 
_pdbx_audit_revision_history.data_content_type 
_pdbx_audit_revision_history.major_revision 
_pdbx_audit_revision_history.minor_revision 
_pdbx_audit_revision_history.revision_date 
1 'Structure model' 1 0 2011-01-26 
2 'Structure model' 1 1 2011-07-13 
3 'Structure model' 1 2 2014-01-15 
4 'Structure model' 1 3 2023-11-01 
# 
_pdbx_audit_revision_details.ordinal             1 
_pdbx_audit_revision_details.revision_ordinal    1 
_pdbx_audit_revision_details.data_content_type   'Structure model' 
_pdbx_audit_revision_details.provider            repository 
_pdbx_audit_revision_details.type                'Initial release' 
_pdbx_audit_revision_details.description         ? 
_pdbx_audit_revision_details.details             ? 
# 
loop_
_pdbx_audit_revision_group.ordinal 
_pdbx_audit_revision_group.revision_ordinal 
_pdbx_audit_revision_group.data_content_type 
_pdbx_audit_revision_group.group 
1 2 'Structure model' 'Version format compliance' 
2 3 'Structure model' 'Database references'       
3 4 'Structure model' 'Data collection'           
4 4 'Structure model' 'Database references'       
5 4 'Structure model' 'Refinement description'    
# 
loop_
_pdbx_audit_revision_category.ordinal 
_pdbx_audit_revision_category.revision_ordinal 
_pdbx_audit_revision_category.data_content_type 
_pdbx_audit_revision_category.category 
1 4 'Structure model' chem_comp_atom                
2 4 'Structure model' chem_comp_bond                
3 4 'Structure model' database_2                    
4 4 'Structure model' pdbx_initial_refinement_model 
# 
loop_
_pdbx_audit_revision_item.ordinal 
_pdbx_audit_revision_item.revision_ordinal 
_pdbx_audit_revision_item.data_content_type 
_pdbx_audit_revision_item.item 
1 4 'Structure model' '_database_2.pdbx_DOI'                
2 4 'Structure model' '_database_2.pdbx_database_accession' 
# 
loop_
_software.name 
_software.classification 
_software.version 
_software.citation_id 
_software.pdbx_ordinal 
ADSC   'data collection' Quantum  ? 1 
MOLREP phasing           .        ? 2 
REFMAC refinement        5.5.0109 ? 3 
MOSFLM 'data reduction'  .        ? 4 
SCALA  'data scaling'    .        ? 5 
# 
_pdbx_entry_details.entry_id                 3AP5 
_pdbx_entry_details.nonpolymer_details       ? 
_pdbx_entry_details.sequence_details         'THIS RESIDUE IS CAUSED BY NATURAL VARIANT.' 
_pdbx_entry_details.compound_details         ? 
_pdbx_entry_details.source_details           ? 
_pdbx_entry_details.has_ligand_of_interest   ? 
# 
loop_
_pdbx_validate_torsion.id 
_pdbx_validate_torsion.PDB_model_num 
_pdbx_validate_torsion.auth_comp_id 
_pdbx_validate_torsion.auth_asym_id 
_pdbx_validate_torsion.auth_seq_id 
_pdbx_validate_torsion.PDB_ins_code 
_pdbx_validate_torsion.label_alt_id 
_pdbx_validate_torsion.phi 
_pdbx_validate_torsion.psi 
1 1 LEU A 5  ? ? -100.53 40.32   
2 1 ARG A 72 ? ? 54.03   -125.85 
# 
loop_
_pdbx_unobs_or_zero_occ_residues.id 
_pdbx_unobs_or_zero_occ_residues.PDB_model_num 
_pdbx_unobs_or_zero_occ_residues.polymer_flag 
_pdbx_unobs_or_zero_occ_residues.occupancy_flag 
_pdbx_unobs_or_zero_occ_residues.auth_asym_id 
_pdbx_unobs_or_zero_occ_residues.auth_comp_id 
_pdbx_unobs_or_zero_occ_residues.auth_seq_id 
_pdbx_unobs_or_zero_occ_residues.PDB_ins_code 
_pdbx_unobs_or_zero_occ_residues.label_asym_id 
_pdbx_unobs_or_zero_occ_residues.label_comp_id 
_pdbx_unobs_or_zero_occ_residues.label_seq_id 
1 1 Y 1 A MET 1 ? A MET 1 
2 1 Y 1 A MET 2 ? A MET 2 
# 
loop_
_chem_comp_atom.comp_id 
_chem_comp_atom.atom_id 
_chem_comp_atom.type_symbol 
_chem_comp_atom.pdbx_aromatic_flag 
_chem_comp_atom.pdbx_stereo_config 
_chem_comp_atom.pdbx_ordinal 
ALA N    N N N 1   
ALA CA   C N S 2   
ALA C    C N N 3   
ALA O    O N N 4   
ALA CB   C N N 5   
ALA OXT  O N N 6   
ALA H    H N N 7   
ALA H2   H N N 8   
ALA HA   H N N 9   
ALA HB1  H N N 10  
ALA HB2  H N N 11  
ALA HB3  H N N 12  
ALA HXT  H N N 13  
ARG N    N N N 14  
ARG CA   C N S 15  
ARG C    C N N 16  
ARG O    O N N 17  
ARG CB   C N N 18  
ARG CG   C N N 19  
ARG CD   C N N 20  
ARG NE   N N N 21  
ARG CZ   C N N 22  
ARG NH1  N N N 23  
ARG NH2  N N N 24  
ARG OXT  O N N 25  
ARG H    H N N 26  
ARG H2   H N N 27  
ARG HA   H N N 28  
ARG HB2  H N N 29  
ARG HB3  H N N 30  
ARG HG2  H N N 31  
ARG HG3  H N N 32  
ARG HD2  H N N 33  
ARG HD3  H N N 34  
ARG HE   H N N 35  
ARG HH11 H N N 36  
ARG HH12 H N N 37  
ARG HH21 H N N 38  
ARG HH22 H N N 39  
ARG HXT  H N N 40  
ASN N    N N N 41  
ASN CA   C N S 42  
ASN C    C N N 43  
ASN O    O N N 44  
ASN CB   C N N 45  
ASN CG   C N N 46  
ASN OD1  O N N 47  
ASN ND2  N N N 48  
ASN OXT  O N N 49  
ASN H    H N N 50  
ASN H2   H N N 51  
ASN HA   H N N 52  
ASN HB2  H N N 53  
ASN HB3  H N N 54  
ASN HD21 H N N 55  
ASN HD22 H N N 56  
ASN HXT  H N N 57  
ASP N    N N N 58  
ASP CA   C N S 59  
ASP C    C N N 60  
ASP O    O N N 61  
ASP CB   C N N 62  
ASP CG   C N N 63  
ASP OD1  O N N 64  
ASP OD2  O N N 65  
ASP OXT  O N N 66  
ASP H    H N N 67  
ASP H2   H N N 68  
ASP HA   H N N 69  
ASP HB2  H N N 70  
ASP HB3  H N N 71  
ASP HD2  H N N 72  
ASP HXT  H N N 73  
CYS N    N N N 74  
CYS CA   C N R 75  
CYS C    C N N 76  
CYS O    O N N 77  
CYS CB   C N N 78  
CYS SG   S N N 79  
CYS OXT  O N N 80  
CYS H    H N N 81  
CYS H2   H N N 82  
CYS HA   H N N 83  
CYS HB2  H N N 84  
CYS HB3  H N N 85  
CYS HG   H N N 86  
CYS HXT  H N N 87  
GLN N    N N N 88  
GLN CA   C N S 89  
GLN C    C N N 90  
GLN O    O N N 91  
GLN CB   C N N 92  
GLN CG   C N N 93  
GLN CD   C N N 94  
GLN OE1  O N N 95  
GLN NE2  N N N 96  
GLN OXT  O N N 97  
GLN H    H N N 98  
GLN H2   H N N 99  
GLN HA   H N N 100 
GLN HB2  H N N 101 
GLN HB3  H N N 102 
GLN HG2  H N N 103 
GLN HG3  H N N 104 
GLN HE21 H N N 105 
GLN HE22 H N N 106 
GLN HXT  H N N 107 
GLU N    N N N 108 
GLU CA   C N S 109 
GLU C    C N N 110 
GLU O    O N N 111 
GLU CB   C N N 112 
GLU CG   C N N 113 
GLU CD   C N N 114 
GLU OE1  O N N 115 
GLU OE2  O N N 116 
GLU OXT  O N N 117 
GLU H    H N N 118 
GLU H2   H N N 119 
GLU HA   H N N 120 
GLU HB2  H N N 121 
GLU HB3  H N N 122 
GLU HG2  H N N 123 
GLU HG3  H N N 124 
GLU HE2  H N N 125 
GLU HXT  H N N 126 
GLY N    N N N 127 
GLY CA   C N N 128 
GLY C    C N N 129 
GLY O    O N N 130 
GLY OXT  O N N 131 
GLY H    H N N 132 
GLY H2   H N N 133 
GLY HA2  H N N 134 
GLY HA3  H N N 135 
GLY HXT  H N N 136 
HIS N    N N N 137 
HIS CA   C N S 138 
HIS C    C N N 139 
HIS O    O N N 140 
HIS CB   C N N 141 
HIS CG   C Y N 142 
HIS ND1  N Y N 143 
HIS CD2  C Y N 144 
HIS CE1  C Y N 145 
HIS NE2  N Y N 146 
HIS OXT  O N N 147 
HIS H    H N N 148 
HIS H2   H N N 149 
HIS HA   H N N 150 
HIS HB2  H N N 151 
HIS HB3  H N N 152 
HIS HD1  H N N 153 
HIS HD2  H N N 154 
HIS HE1  H N N 155 
HIS HE2  H N N 156 
HIS HXT  H N N 157 
HOH O    O N N 158 
HOH H1   H N N 159 
HOH H2   H N N 160 
ILE N    N N N 161 
ILE CA   C N S 162 
ILE C    C N N 163 
ILE O    O N N 164 
ILE CB   C N S 165 
ILE CG1  C N N 166 
ILE CG2  C N N 167 
ILE CD1  C N N 168 
ILE OXT  O N N 169 
ILE H    H N N 170 
ILE H2   H N N 171 
ILE HA   H N N 172 
ILE HB   H N N 173 
ILE HG12 H N N 174 
ILE HG13 H N N 175 
ILE HG21 H N N 176 
ILE HG22 H N N 177 
ILE HG23 H N N 178 
ILE HD11 H N N 179 
ILE HD12 H N N 180 
ILE HD13 H N N 181 
ILE HXT  H N N 182 
LEU N    N N N 183 
LEU CA   C N S 184 
LEU C    C N N 185 
LEU O    O N N 186 
LEU CB   C N N 187 
LEU CG   C N N 188 
LEU CD1  C N N 189 
LEU CD2  C N N 190 
LEU OXT  O N N 191 
LEU H    H N N 192 
LEU H2   H N N 193 
LEU HA   H N N 194 
LEU HB2  H N N 195 
LEU HB3  H N N 196 
LEU HG   H N N 197 
LEU HD11 H N N 198 
LEU HD12 H N N 199 
LEU HD13 H N N 200 
LEU HD21 H N N 201 
LEU HD22 H N N 202 
LEU HD23 H N N 203 
LEU HXT  H N N 204 
LYS N    N N N 205 
LYS CA   C N S 206 
LYS C    C N N 207 
LYS O    O N N 208 
LYS CB   C N N 209 
LYS CG   C N N 210 
LYS CD   C N N 211 
LYS CE   C N N 212 
LYS NZ   N N N 213 
LYS OXT  O N N 214 
LYS H    H N N 215 
LYS H2   H N N 216 
LYS HA   H N N 217 
LYS HB2  H N N 218 
LYS HB3  H N N 219 
LYS HG2  H N N 220 
LYS HG3  H N N 221 
LYS HD2  H N N 222 
LYS HD3  H N N 223 
LYS HE2  H N N 224 
LYS HE3  H N N 225 
LYS HZ1  H N N 226 
LYS HZ2  H N N 227 
LYS HZ3  H N N 228 
LYS HXT  H N N 229 
MET N    N N N 230 
MET CA   C N S 231 
MET C    C N N 232 
MET O    O N N 233 
MET CB   C N N 234 
MET CG   C N N 235 
MET SD   S N N 236 
MET CE   C N N 237 
MET OXT  O N N 238 
MET H    H N N 239 
MET H2   H N N 240 
MET HA   H N N 241 
MET HB2  H N N 242 
MET HB3  H N N 243 
MET HG2  H N N 244 
MET HG3  H N N 245 
MET HE1  H N N 246 
MET HE2  H N N 247 
MET HE3  H N N 248 
MET HXT  H N N 249 
PHE N    N N N 250 
PHE CA   C N S 251 
PHE C    C N N 252 
PHE O    O N N 253 
PHE CB   C N N 254 
PHE CG   C Y N 255 
PHE CD1  C Y N 256 
PHE CD2  C Y N 257 
PHE CE1  C Y N 258 
PHE CE2  C Y N 259 
PHE CZ   C Y N 260 
PHE OXT  O N N 261 
PHE H    H N N 262 
PHE H2   H N N 263 
PHE HA   H N N 264 
PHE HB2  H N N 265 
PHE HB3  H N N 266 
PHE HD1  H N N 267 
PHE HD2  H N N 268 
PHE HE1  H N N 269 
PHE HE2  H N N 270 
PHE HZ   H N N 271 
PHE HXT  H N N 272 
PRO N    N N N 273 
PRO CA   C N S 274 
PRO C    C N N 275 
PRO O    O N N 276 
PRO CB   C N N 277 
PRO CG   C N N 278 
PRO CD   C N N 279 
PRO OXT  O N N 280 
PRO H    H N N 281 
PRO HA   H N N 282 
PRO HB2  H N N 283 
PRO HB3  H N N 284 
PRO HG2  H N N 285 
PRO HG3  H N N 286 
PRO HD2  H N N 287 
PRO HD3  H N N 288 
PRO HXT  H N N 289 
SER N    N N N 290 
SER CA   C N S 291 
SER C    C N N 292 
SER O    O N N 293 
SER CB   C N N 294 
SER OG   O N N 295 
SER OXT  O N N 296 
SER H    H N N 297 
SER H2   H N N 298 
SER HA   H N N 299 
SER HB2  H N N 300 
SER HB3  H N N 301 
SER HG   H N N 302 
SER HXT  H N N 303 
THR N    N N N 304 
THR CA   C N S 305 
THR C    C N N 306 
THR O    O N N 307 
THR CB   C N R 308 
THR OG1  O N N 309 
THR CG2  C N N 310 
THR OXT  O N N 311 
THR H    H N N 312 
THR H2   H N N 313 
THR HA   H N N 314 
THR HB   H N N 315 
THR HG1  H N N 316 
THR HG21 H N N 317 
THR HG22 H N N 318 
THR HG23 H N N 319 
THR HXT  H N N 320 
TRP N    N N N 321 
TRP CA   C N S 322 
TRP C    C N N 323 
TRP O    O N N 324 
TRP CB   C N N 325 
TRP CG   C Y N 326 
TRP CD1  C Y N 327 
TRP CD2  C Y N 328 
TRP NE1  N Y N 329 
TRP CE2  C Y N 330 
TRP CE3  C Y N 331 
TRP CZ2  C Y N 332 
TRP CZ3  C Y N 333 
TRP CH2  C Y N 334 
TRP OXT  O N N 335 
TRP H    H N N 336 
TRP H2   H N N 337 
TRP HA   H N N 338 
TRP HB2  H N N 339 
TRP HB3  H N N 340 
TRP HD1  H N N 341 
TRP HE1  H N N 342 
TRP HE3  H N N 343 
TRP HZ2  H N N 344 
TRP HZ3  H N N 345 
TRP HH2  H N N 346 
TRP HXT  H N N 347 
TYR N    N N N 348 
TYR CA   C N S 349 
TYR C    C N N 350 
TYR O    O N N 351 
TYR CB   C N N 352 
TYR CG   C Y N 353 
TYR CD1  C Y N 354 
TYR CD2  C Y N 355 
TYR CE1  C Y N 356 
TYR CE2  C Y N 357 
TYR CZ   C Y N 358 
TYR OH   O N N 359 
TYR OXT  O N N 360 
TYR H    H N N 361 
TYR H2   H N N 362 
TYR HA   H N N 363 
TYR HB2  H N N 364 
TYR HB3  H N N 365 
TYR HD1  H N N 366 
TYR HD2  H N N 367 
TYR HE1  H N N 368 
TYR HE2  H N N 369 
TYR HH   H N N 370 
TYR HXT  H N N 371 
VAL N    N N N 372 
VAL CA   C N S 373 
VAL C    C N N 374 
VAL O    O N N 375 
VAL CB   C N N 376 
VAL CG1  C N N 377 
VAL CG2  C N N 378 
VAL OXT  O N N 379 
VAL H    H N N 380 
VAL H2   H N N 381 
VAL HA   H N N 382 
VAL HB   H N N 383 
VAL HG11 H N N 384 
VAL HG12 H N N 385 
VAL HG13 H N N 386 
VAL HG21 H N N 387 
VAL HG22 H N N 388 
VAL HG23 H N N 389 
VAL HXT  H N N 390 
# 
loop_
_chem_comp_bond.comp_id 
_chem_comp_bond.atom_id_1 
_chem_comp_bond.atom_id_2 
_chem_comp_bond.value_order 
_chem_comp_bond.pdbx_aromatic_flag 
_chem_comp_bond.pdbx_stereo_config 
_chem_comp_bond.pdbx_ordinal 
ALA N   CA   sing N N 1   
ALA N   H    sing N N 2   
ALA N   H2   sing N N 3   
ALA CA  C    sing N N 4   
ALA CA  CB   sing N N 5   
ALA CA  HA   sing N N 6   
ALA C   O    doub N N 7   
ALA C   OXT  sing N N 8   
ALA CB  HB1  sing N N 9   
ALA CB  HB2  sing N N 10  
ALA CB  HB3  sing N N 11  
ALA OXT HXT  sing N N 12  
ARG N   CA   sing N N 13  
ARG N   H    sing N N 14  
ARG N   H2   sing N N 15  
ARG CA  C    sing N N 16  
ARG CA  CB   sing N N 17  
ARG CA  HA   sing N N 18  
ARG C   O    doub N N 19  
ARG C   OXT  sing N N 20  
ARG CB  CG   sing N N 21  
ARG CB  HB2  sing N N 22  
ARG CB  HB3  sing N N 23  
ARG CG  CD   sing N N 24  
ARG CG  HG2  sing N N 25  
ARG CG  HG3  sing N N 26  
ARG CD  NE   sing N N 27  
ARG CD  HD2  sing N N 28  
ARG CD  HD3  sing N N 29  
ARG NE  CZ   sing N N 30  
ARG NE  HE   sing N N 31  
ARG CZ  NH1  sing N N 32  
ARG CZ  NH2  doub N N 33  
ARG NH1 HH11 sing N N 34  
ARG NH1 HH12 sing N N 35  
ARG NH2 HH21 sing N N 36  
ARG NH2 HH22 sing N N 37  
ARG OXT HXT  sing N N 38  
ASN N   CA   sing N N 39  
ASN N   H    sing N N 40  
ASN N   H2   sing N N 41  
ASN CA  C    sing N N 42  
ASN CA  CB   sing N N 43  
ASN CA  HA   sing N N 44  
ASN C   O    doub N N 45  
ASN C   OXT  sing N N 46  
ASN CB  CG   sing N N 47  
ASN CB  HB2  sing N N 48  
ASN CB  HB3  sing N N 49  
ASN CG  OD1  doub N N 50  
ASN CG  ND2  sing N N 51  
ASN ND2 HD21 sing N N 52  
ASN ND2 HD22 sing N N 53  
ASN OXT HXT  sing N N 54  
ASP N   CA   sing N N 55  
ASP N   H    sing N N 56  
ASP N   H2   sing N N 57  
ASP CA  C    sing N N 58  
ASP CA  CB   sing N N 59  
ASP CA  HA   sing N N 60  
ASP C   O    doub N N 61  
ASP C   OXT  sing N N 62  
ASP CB  CG   sing N N 63  
ASP CB  HB2  sing N N 64  
ASP CB  HB3  sing N N 65  
ASP CG  OD1  doub N N 66  
ASP CG  OD2  sing N N 67  
ASP OD2 HD2  sing N N 68  
ASP OXT HXT  sing N N 69  
CYS N   CA   sing N N 70  
CYS N   H    sing N N 71  
CYS N   H2   sing N N 72  
CYS CA  C    sing N N 73  
CYS CA  CB   sing N N 74  
CYS CA  HA   sing N N 75  
CYS C   O    doub N N 76  
CYS C   OXT  sing N N 77  
CYS CB  SG   sing N N 78  
CYS CB  HB2  sing N N 79  
CYS CB  HB3  sing N N 80  
CYS SG  HG   sing N N 81  
CYS OXT HXT  sing N N 82  
GLN N   CA   sing N N 83  
GLN N   H    sing N N 84  
GLN N   H2   sing N N 85  
GLN CA  C    sing N N 86  
GLN CA  CB   sing N N 87  
GLN CA  HA   sing N N 88  
GLN C   O    doub N N 89  
GLN C   OXT  sing N N 90  
GLN CB  CG   sing N N 91  
GLN CB  HB2  sing N N 92  
GLN CB  HB3  sing N N 93  
GLN CG  CD   sing N N 94  
GLN CG  HG2  sing N N 95  
GLN CG  HG3  sing N N 96  
GLN CD  OE1  doub N N 97  
GLN CD  NE2  sing N N 98  
GLN NE2 HE21 sing N N 99  
GLN NE2 HE22 sing N N 100 
GLN OXT HXT  sing N N 101 
GLU N   CA   sing N N 102 
GLU N   H    sing N N 103 
GLU N   H2   sing N N 104 
GLU CA  C    sing N N 105 
GLU CA  CB   sing N N 106 
GLU CA  HA   sing N N 107 
GLU C   O    doub N N 108 
GLU C   OXT  sing N N 109 
GLU CB  CG   sing N N 110 
GLU CB  HB2  sing N N 111 
GLU CB  HB3  sing N N 112 
GLU CG  CD   sing N N 113 
GLU CG  HG2  sing N N 114 
GLU CG  HG3  sing N N 115 
GLU CD  OE1  doub N N 116 
GLU CD  OE2  sing N N 117 
GLU OE2 HE2  sing N N 118 
GLU OXT HXT  sing N N 119 
GLY N   CA   sing N N 120 
GLY N   H    sing N N 121 
GLY N   H2   sing N N 122 
GLY CA  C    sing N N 123 
GLY CA  HA2  sing N N 124 
GLY CA  HA3  sing N N 125 
GLY C   O    doub N N 126 
GLY C   OXT  sing N N 127 
GLY OXT HXT  sing N N 128 
HIS N   CA   sing N N 129 
HIS N   H    sing N N 130 
HIS N   H2   sing N N 131 
HIS CA  C    sing N N 132 
HIS CA  CB   sing N N 133 
HIS CA  HA   sing N N 134 
HIS C   O    doub N N 135 
HIS C   OXT  sing N N 136 
HIS CB  CG   sing N N 137 
HIS CB  HB2  sing N N 138 
HIS CB  HB3  sing N N 139 
HIS CG  ND1  sing Y N 140 
HIS CG  CD2  doub Y N 141 
HIS ND1 CE1  doub Y N 142 
HIS ND1 HD1  sing N N 143 
HIS CD2 NE2  sing Y N 144 
HIS CD2 HD2  sing N N 145 
HIS CE1 NE2  sing Y N 146 
HIS CE1 HE1  sing N N 147 
HIS NE2 HE2  sing N N 148 
HIS OXT HXT  sing N N 149 
HOH O   H1   sing N N 150 
HOH O   H2   sing N N 151 
ILE N   CA   sing N N 152 
ILE N   H    sing N N 153 
ILE N   H2   sing N N 154 
ILE CA  C    sing N N 155 
ILE CA  CB   sing N N 156 
ILE CA  HA   sing N N 157 
ILE C   O    doub N N 158 
ILE C   OXT  sing N N 159 
ILE CB  CG1  sing N N 160 
ILE CB  CG2  sing N N 161 
ILE CB  HB   sing N N 162 
ILE CG1 CD1  sing N N 163 
ILE CG1 HG12 sing N N 164 
ILE CG1 HG13 sing N N 165 
ILE CG2 HG21 sing N N 166 
ILE CG2 HG22 sing N N 167 
ILE CG2 HG23 sing N N 168 
ILE CD1 HD11 sing N N 169 
ILE CD1 HD12 sing N N 170 
ILE CD1 HD13 sing N N 171 
ILE OXT HXT  sing N N 172 
LEU N   CA   sing N N 173 
LEU N   H    sing N N 174 
LEU N   H2   sing N N 175 
LEU CA  C    sing N N 176 
LEU CA  CB   sing N N 177 
LEU CA  HA   sing N N 178 
LEU C   O    doub N N 179 
LEU C   OXT  sing N N 180 
LEU CB  CG   sing N N 181 
LEU CB  HB2  sing N N 182 
LEU CB  HB3  sing N N 183 
LEU CG  CD1  sing N N 184 
LEU CG  CD2  sing N N 185 
LEU CG  HG   sing N N 186 
LEU CD1 HD11 sing N N 187 
LEU CD1 HD12 sing N N 188 
LEU CD1 HD13 sing N N 189 
LEU CD2 HD21 sing N N 190 
LEU CD2 HD22 sing N N 191 
LEU CD2 HD23 sing N N 192 
LEU OXT HXT  sing N N 193 
LYS N   CA   sing N N 194 
LYS N   H    sing N N 195 
LYS N   H2   sing N N 196 
LYS CA  C    sing N N 197 
LYS CA  CB   sing N N 198 
LYS CA  HA   sing N N 199 
LYS C   O    doub N N 200 
LYS C   OXT  sing N N 201 
LYS CB  CG   sing N N 202 
LYS CB  HB2  sing N N 203 
LYS CB  HB3  sing N N 204 
LYS CG  CD   sing N N 205 
LYS CG  HG2  sing N N 206 
LYS CG  HG3  sing N N 207 
LYS CD  CE   sing N N 208 
LYS CD  HD2  sing N N 209 
LYS CD  HD3  sing N N 210 
LYS CE  NZ   sing N N 211 
LYS CE  HE2  sing N N 212 
LYS CE  HE3  sing N N 213 
LYS NZ  HZ1  sing N N 214 
LYS NZ  HZ2  sing N N 215 
LYS NZ  HZ3  sing N N 216 
LYS OXT HXT  sing N N 217 
MET N   CA   sing N N 218 
MET N   H    sing N N 219 
MET N   H2   sing N N 220 
MET CA  C    sing N N 221 
MET CA  CB   sing N N 222 
MET CA  HA   sing N N 223 
MET C   O    doub N N 224 
MET C   OXT  sing N N 225 
MET CB  CG   sing N N 226 
MET CB  HB2  sing N N 227 
MET CB  HB3  sing N N 228 
MET CG  SD   sing N N 229 
MET CG  HG2  sing N N 230 
MET CG  HG3  sing N N 231 
MET SD  CE   sing N N 232 
MET CE  HE1  sing N N 233 
MET CE  HE2  sing N N 234 
MET CE  HE3  sing N N 235 
MET OXT HXT  sing N N 236 
PHE N   CA   sing N N 237 
PHE N   H    sing N N 238 
PHE N   H2   sing N N 239 
PHE CA  C    sing N N 240 
PHE CA  CB   sing N N 241 
PHE CA  HA   sing N N 242 
PHE C   O    doub N N 243 
PHE C   OXT  sing N N 244 
PHE CB  CG   sing N N 245 
PHE CB  HB2  sing N N 246 
PHE CB  HB3  sing N N 247 
PHE CG  CD1  doub Y N 248 
PHE CG  CD2  sing Y N 249 
PHE CD1 CE1  sing Y N 250 
PHE CD1 HD1  sing N N 251 
PHE CD2 CE2  doub Y N 252 
PHE CD2 HD2  sing N N 253 
PHE CE1 CZ   doub Y N 254 
PHE CE1 HE1  sing N N 255 
PHE CE2 CZ   sing Y N 256 
PHE CE2 HE2  sing N N 257 
PHE CZ  HZ   sing N N 258 
PHE OXT HXT  sing N N 259 
PRO N   CA   sing N N 260 
PRO N   CD   sing N N 261 
PRO N   H    sing N N 262 
PRO CA  C    sing N N 263 
PRO CA  CB   sing N N 264 
PRO CA  HA   sing N N 265 
PRO C   O    doub N N 266 
PRO C   OXT  sing N N 267 
PRO CB  CG   sing N N 268 
PRO CB  HB2  sing N N 269 
PRO CB  HB3  sing N N 270 
PRO CG  CD   sing N N 271 
PRO CG  HG2  sing N N 272 
PRO CG  HG3  sing N N 273 
PRO CD  HD2  sing N N 274 
PRO CD  HD3  sing N N 275 
PRO OXT HXT  sing N N 276 
SER N   CA   sing N N 277 
SER N   H    sing N N 278 
SER N   H2   sing N N 279 
SER CA  C    sing N N 280 
SER CA  CB   sing N N 281 
SER CA  HA   sing N N 282 
SER C   O    doub N N 283 
SER C   OXT  sing N N 284 
SER CB  OG   sing N N 285 
SER CB  HB2  sing N N 286 
SER CB  HB3  sing N N 287 
SER OG  HG   sing N N 288 
SER OXT HXT  sing N N 289 
THR N   CA   sing N N 290 
THR N   H    sing N N 291 
THR N   H2   sing N N 292 
THR CA  C    sing N N 293 
THR CA  CB   sing N N 294 
THR CA  HA   sing N N 295 
THR C   O    doub N N 296 
THR C   OXT  sing N N 297 
THR CB  OG1  sing N N 298 
THR CB  CG2  sing N N 299 
THR CB  HB   sing N N 300 
THR OG1 HG1  sing N N 301 
THR CG2 HG21 sing N N 302 
THR CG2 HG22 sing N N 303 
THR CG2 HG23 sing N N 304 
THR OXT HXT  sing N N 305 
TRP N   CA   sing N N 306 
TRP N   H    sing N N 307 
TRP N   H2   sing N N 308 
TRP CA  C    sing N N 309 
TRP CA  CB   sing N N 310 
TRP CA  HA   sing N N 311 
TRP C   O    doub N N 312 
TRP C   OXT  sing N N 313 
TRP CB  CG   sing N N 314 
TRP CB  HB2  sing N N 315 
TRP CB  HB3  sing N N 316 
TRP CG  CD1  doub Y N 317 
TRP CG  CD2  sing Y N 318 
TRP CD1 NE1  sing Y N 319 
TRP CD1 HD1  sing N N 320 
TRP CD2 CE2  doub Y N 321 
TRP CD2 CE3  sing Y N 322 
TRP NE1 CE2  sing Y N 323 
TRP NE1 HE1  sing N N 324 
TRP CE2 CZ2  sing Y N 325 
TRP CE3 CZ3  doub Y N 326 
TRP CE3 HE3  sing N N 327 
TRP CZ2 CH2  doub Y N 328 
TRP CZ2 HZ2  sing N N 329 
TRP CZ3 CH2  sing Y N 330 
TRP CZ3 HZ3  sing N N 331 
TRP CH2 HH2  sing N N 332 
TRP OXT HXT  sing N N 333 
TYR N   CA   sing N N 334 
TYR N   H    sing N N 335 
TYR N   H2   sing N N 336 
TYR CA  C    sing N N 337 
TYR CA  CB   sing N N 338 
TYR CA  HA   sing N N 339 
TYR C   O    doub N N 340 
TYR C   OXT  sing N N 341 
TYR CB  CG   sing N N 342 
TYR CB  HB2  sing N N 343 
TYR CB  HB3  sing N N 344 
TYR CG  CD1  doub Y N 345 
TYR CG  CD2  sing Y N 346 
TYR CD1 CE1  sing Y N 347 
TYR CD1 HD1  sing N N 348 
TYR CD2 CE2  doub Y N 349 
TYR CD2 HD2  sing N N 350 
TYR CE1 CZ   doub Y N 351 
TYR CE1 HE1  sing N N 352 
TYR CE2 CZ   sing Y N 353 
TYR CE2 HE2  sing N N 354 
TYR CZ  OH   sing N N 355 
TYR OH  HH   sing N N 356 
TYR OXT HXT  sing N N 357 
VAL N   CA   sing N N 358 
VAL N   H    sing N N 359 
VAL N   H2   sing N N 360 
VAL CA  C    sing N N 361 
VAL CA  CB   sing N N 362 
VAL CA  HA   sing N N 363 
VAL C   O    doub N N 364 
VAL C   OXT  sing N N 365 
VAL CB  CG1  sing N N 366 
VAL CB  CG2  sing N N 367 
VAL CB  HB   sing N N 368 
VAL CG1 HG11 sing N N 369 
VAL CG1 HG12 sing N N 370 
VAL CG1 HG13 sing N N 371 
VAL CG2 HG21 sing N N 372 
VAL CG2 HG22 sing N N 373 
VAL CG2 HG23 sing N N 374 
VAL OXT HXT  sing N N 375 
# 
_pdbx_entity_nonpoly.entity_id   2 
_pdbx_entity_nonpoly.name        water 
_pdbx_entity_nonpoly.comp_id     HOH 
# 
_pdbx_initial_refinement_model.id               1 
_pdbx_initial_refinement_model.entity_id_list   ? 
_pdbx_initial_refinement_model.type             'experimental model' 
_pdbx_initial_refinement_model.source_name      PDB 
_pdbx_initial_refinement_model.accession_code   3APB 
_pdbx_initial_refinement_model.details          ? 
# 
